data_2JSN
#
_entry.id   2JSN
#
_entity_poly.entity_id   1
_entity_poly.type   'polypeptide(L)'
_entity_poly.pdbx_seq_one_letter_code
;MGHHHHHHLDSYAPRAEAEKTFSYPLDLLLKLHDERVLVAFGQRDGIRVGHAVLAINGMDVNGRYTADGKEVLEYLGNPA
NYPVSIRFGRPRLTSN
;
_entity_poly.pdbx_strand_id   A
#
# COMPACT_ATOMS: atom_id res chain seq x y z
N MET A 1 -7.03 38.27 -8.65
CA MET A 1 -8.02 38.71 -7.63
C MET A 1 -8.85 37.54 -7.13
N GLY A 2 -9.28 37.56 -5.86
CA GLY A 2 -10.17 36.58 -5.26
C GLY A 2 -9.45 35.31 -4.85
N HIS A 3 -8.86 34.61 -5.83
CA HIS A 3 -8.11 33.35 -5.67
C HIS A 3 -8.88 32.33 -4.80
N HIS A 4 -10.20 32.27 -4.97
CA HIS A 4 -11.08 31.39 -4.22
C HIS A 4 -10.76 29.92 -4.50
N HIS A 5 -11.09 29.03 -3.57
CA HIS A 5 -10.91 27.59 -3.66
C HIS A 5 -11.97 26.90 -2.80
N HIS A 6 -12.25 25.63 -3.07
CA HIS A 6 -13.18 24.79 -2.34
C HIS A 6 -12.72 23.33 -2.50
N HIS A 7 -13.09 22.46 -1.55
CA HIS A 7 -12.76 21.04 -1.54
C HIS A 7 -13.82 20.27 -0.76
N HIS A 8 -13.83 18.95 -0.95
CA HIS A 8 -14.66 18.01 -0.18
C HIS A 8 -14.21 17.98 1.29
N LEU A 9 -14.96 17.28 2.15
CA LEU A 9 -14.64 17.04 3.55
C LEU A 9 -13.18 16.59 3.69
N ASP A 10 -12.40 17.34 4.48
CA ASP A 10 -10.96 17.15 4.67
C ASP A 10 -10.59 15.74 5.13
N SER A 11 -11.46 15.10 5.92
CA SER A 11 -11.28 13.75 6.42
C SER A 11 -11.24 12.68 5.32
N TYR A 12 -11.80 12.96 4.15
CA TYR A 12 -12.05 12.02 3.09
C TYR A 12 -10.99 11.99 1.98
N ALA A 13 -11.05 10.90 1.21
CA ALA A 13 -10.34 10.66 -0.05
C ALA A 13 -11.07 9.50 -0.76
N PRO A 14 -10.92 9.34 -2.09
CA PRO A 14 -11.44 8.20 -2.83
C PRO A 14 -11.09 6.85 -2.20
N ARG A 15 -11.97 5.86 -2.41
CA ARG A 15 -11.86 4.52 -1.83
C ARG A 15 -10.52 3.83 -2.12
N ALA A 16 -10.17 2.84 -1.30
CA ALA A 16 -9.02 1.97 -1.53
C ALA A 16 -9.23 1.11 -2.78
N GLU A 17 -8.15 0.62 -3.37
CA GLU A 17 -8.20 -0.36 -4.44
C GLU A 17 -8.28 -1.77 -3.85
N ALA A 18 -8.59 -2.76 -4.70
CA ALA A 18 -8.64 -4.16 -4.31
C ALA A 18 -7.27 -4.68 -3.86
N GLU A 19 -7.27 -5.79 -3.12
CA GLU A 19 -6.05 -6.50 -2.74
C GLU A 19 -5.34 -6.99 -4.01
N LYS A 20 -4.00 -6.95 -4.02
CA LYS A 20 -3.17 -7.37 -5.15
C LYS A 20 -1.92 -8.06 -4.59
N THR A 21 -1.46 -9.11 -5.25
CA THR A 21 -0.21 -9.80 -4.95
C THR A 21 1.00 -8.95 -5.36
N PHE A 22 2.08 -9.03 -4.59
CA PHE A 22 3.37 -8.43 -4.89
C PHE A 22 4.49 -9.41 -4.51
N SER A 23 5.66 -9.21 -5.09
CA SER A 23 6.91 -9.92 -4.82
C SER A 23 8.05 -9.02 -5.33
N TYR A 24 9.31 -9.40 -5.10
CA TYR A 24 10.47 -8.58 -5.39
C TYR A 24 11.61 -9.47 -5.94
N PRO A 25 12.62 -8.94 -6.66
CA PRO A 25 12.66 -7.57 -7.18
C PRO A 25 11.56 -7.33 -8.21
N LEU A 26 11.16 -6.07 -8.37
CA LEU A 26 10.04 -5.63 -9.20
C LEU A 26 10.25 -4.17 -9.55
N ASP A 27 9.67 -3.70 -10.65
CA ASP A 27 9.63 -2.28 -11.04
C ASP A 27 8.59 -1.53 -10.19
N LEU A 28 8.77 -1.55 -8.87
CA LEU A 28 7.93 -0.95 -7.86
C LEU A 28 8.84 -0.64 -6.66
N LEU A 29 8.73 0.57 -6.10
CA LEU A 29 9.52 1.02 -4.97
C LEU A 29 8.60 1.81 -4.04
N LEU A 30 8.82 1.71 -2.73
CA LEU A 30 8.02 2.37 -1.70
C LEU A 30 8.96 3.21 -0.82
N LYS A 31 8.44 4.24 -0.16
CA LYS A 31 9.18 5.14 0.73
C LYS A 31 8.30 5.54 1.90
N LEU A 32 8.89 6.09 2.97
CA LEU A 32 8.18 6.60 4.14
C LEU A 32 8.03 8.11 3.99
N HIS A 33 6.80 8.63 4.12
CA HIS A 33 6.50 10.06 4.21
C HIS A 33 5.32 10.22 5.16
N ASP A 34 5.37 11.22 6.05
CA ASP A 34 4.29 11.61 6.96
C ASP A 34 3.63 10.40 7.67
N GLU A 35 4.47 9.53 8.23
CA GLU A 35 4.06 8.30 8.94
C GLU A 35 3.19 7.36 8.09
N ARG A 36 3.37 7.35 6.76
CA ARG A 36 2.72 6.42 5.85
C ARG A 36 3.77 5.89 4.88
N VAL A 37 3.61 4.65 4.42
CA VAL A 37 4.44 4.12 3.34
C VAL A 37 3.68 4.41 2.03
N LEU A 38 4.35 5.07 1.09
CA LEU A 38 3.81 5.57 -0.15
C LEU A 38 4.63 4.99 -1.32
N VAL A 39 4.00 4.86 -2.49
CA VAL A 39 4.67 4.46 -3.72
C VAL A 39 5.65 5.57 -4.11
N ALA A 40 6.93 5.20 -4.23
CA ALA A 40 8.01 6.08 -4.64
C ALA A 40 8.20 6.07 -6.16
N PHE A 41 8.04 4.89 -6.77
CA PHE A 41 8.16 4.69 -8.21
C PHE A 41 7.46 3.39 -8.58
N GLY A 42 7.06 3.24 -9.84
CA GLY A 42 6.44 2.03 -10.38
C GLY A 42 5.27 2.33 -11.31
N GLN A 43 4.91 3.61 -11.44
CA GLN A 43 3.85 4.13 -12.30
C GLN A 43 4.08 3.76 -13.76
N ARG A 44 2.98 3.45 -14.47
CA ARG A 44 3.01 3.29 -15.93
C ARG A 44 3.16 4.66 -16.61
N ASP A 45 2.65 5.72 -15.99
CA ASP A 45 2.70 7.09 -16.54
C ASP A 45 2.69 8.15 -15.42
N GLY A 46 1.89 7.93 -14.35
CA GLY A 46 1.84 8.85 -13.22
C GLY A 46 0.88 8.42 -12.11
N ILE A 47 -0.21 7.73 -12.45
CA ILE A 47 -1.32 7.36 -11.55
C ILE A 47 -0.99 6.30 -10.49
N ARG A 48 0.25 6.23 -9.98
CA ARG A 48 0.66 5.26 -8.97
C ARG A 48 1.51 5.89 -7.88
N VAL A 49 2.47 6.76 -8.22
CA VAL A 49 3.25 7.46 -7.20
C VAL A 49 2.32 8.25 -6.27
N GLY A 50 2.66 8.30 -4.98
CA GLY A 50 1.87 9.01 -3.99
C GLY A 50 0.70 8.19 -3.42
N HIS A 51 0.36 7.04 -4.00
CA HIS A 51 -0.59 6.11 -3.38
C HIS A 51 0.05 5.54 -2.11
N ALA A 52 -0.76 5.11 -1.16
CA ALA A 52 -0.34 4.74 0.19
C ALA A 52 -0.80 3.32 0.51
N VAL A 53 0.05 2.56 1.20
CA VAL A 53 -0.28 1.23 1.71
C VAL A 53 -1.36 1.39 2.79
N LEU A 54 -2.27 0.41 2.90
CA LEU A 54 -3.38 0.40 3.85
C LEU A 54 -3.43 -0.93 4.61
N ALA A 55 -3.08 -2.06 3.99
CA ALA A 55 -2.89 -3.33 4.69
C ALA A 55 -1.89 -4.20 3.92
N ILE A 56 -1.30 -5.18 4.62
CA ILE A 56 -0.46 -6.22 4.03
C ILE A 56 -0.90 -7.54 4.66
N ASN A 57 -1.11 -8.56 3.83
CA ASN A 57 -1.67 -9.88 4.17
C ASN A 57 -2.88 -9.87 5.11
N GLY A 58 -3.62 -8.75 5.16
CA GLY A 58 -4.80 -8.56 5.99
C GLY A 58 -4.53 -7.76 7.26
N MET A 59 -3.26 -7.56 7.64
CA MET A 59 -2.87 -6.66 8.72
C MET A 59 -2.99 -5.22 8.22
N ASP A 60 -4.03 -4.52 8.68
CA ASP A 60 -4.18 -3.08 8.49
C ASP A 60 -2.94 -2.40 9.09
N VAL A 61 -2.21 -1.62 8.29
CA VAL A 61 -0.93 -1.07 8.75
C VAL A 61 -1.19 0.12 9.67
N ASN A 62 -0.51 0.13 10.81
CA ASN A 62 -0.42 1.24 11.75
C ASN A 62 0.52 2.28 11.13
N GLY A 63 0.03 2.97 10.11
CA GLY A 63 0.72 4.02 9.36
C GLY A 63 1.87 3.48 8.51
N ARG A 64 2.96 3.09 9.17
CA ARG A 64 4.17 2.51 8.57
C ARG A 64 4.65 1.28 9.32
N TYR A 65 3.84 0.74 10.25
CA TYR A 65 4.14 -0.50 10.94
C TYR A 65 3.01 -1.47 10.67
N THR A 66 3.23 -2.79 10.73
CA THR A 66 2.15 -3.76 10.63
C THR A 66 1.27 -3.69 11.88
N ALA A 67 0.19 -4.46 11.89
CA ALA A 67 -0.63 -4.68 13.06
C ALA A 67 0.22 -5.31 14.19
N ASP A 68 1.14 -6.21 13.82
CA ASP A 68 2.07 -6.83 14.76
C ASP A 68 3.13 -5.84 15.27
N GLY A 69 3.59 -4.93 14.40
CA GLY A 69 4.48 -3.82 14.75
C GLY A 69 5.80 -3.80 13.97
N LYS A 70 5.98 -4.67 12.98
CA LYS A 70 7.15 -4.67 12.09
C LYS A 70 7.09 -3.39 11.27
N GLU A 71 8.20 -2.66 11.09
CA GLU A 71 8.19 -1.52 10.17
C GLU A 71 8.00 -2.08 8.76
N VAL A 72 7.01 -1.54 8.03
CA VAL A 72 6.56 -2.07 6.75
C VAL A 72 7.70 -2.17 5.73
N LEU A 73 8.61 -1.19 5.69
CA LEU A 73 9.70 -1.20 4.72
C LEU A 73 10.65 -2.37 5.01
N GLU A 74 10.95 -2.66 6.27
CA GLU A 74 11.79 -3.80 6.64
C GLU A 74 11.02 -5.11 6.44
N TYR A 75 9.73 -5.12 6.78
CA TYR A 75 8.85 -6.27 6.66
C TYR A 75 8.79 -6.75 5.21
N LEU A 76 8.60 -5.83 4.27
CA LEU A 76 8.57 -6.12 2.83
C LEU A 76 9.97 -6.37 2.30
N GLY A 77 10.99 -5.69 2.85
CA GLY A 77 12.37 -5.82 2.42
C GLY A 77 12.96 -7.19 2.76
N ASN A 78 12.51 -7.82 3.85
CA ASN A 78 12.92 -9.16 4.27
C ASN A 78 12.52 -10.18 3.19
N PRO A 79 13.46 -10.87 2.51
CA PRO A 79 13.11 -11.79 1.43
C PRO A 79 12.42 -13.07 1.90
N ALA A 80 12.48 -13.41 3.20
CA ALA A 80 11.66 -14.49 3.75
C ALA A 80 10.16 -14.15 3.65
N ASN A 81 9.83 -12.88 3.38
CA ASN A 81 8.50 -12.30 3.32
C ASN A 81 8.39 -11.42 2.06
N TYR A 82 9.15 -11.73 1.00
CA TYR A 82 8.97 -11.09 -0.31
C TYR A 82 7.56 -11.34 -0.88
N PRO A 83 7.07 -12.59 -1.02
CA PRO A 83 5.74 -12.82 -1.58
C PRO A 83 4.67 -12.39 -0.58
N VAL A 84 3.80 -11.46 -0.97
CA VAL A 84 2.79 -10.85 -0.11
C VAL A 84 1.57 -10.46 -0.94
N SER A 85 0.51 -10.04 -0.26
CA SER A 85 -0.66 -9.42 -0.85
C SER A 85 -0.83 -8.10 -0.10
N ILE A 86 -1.18 -7.02 -0.79
CA ILE A 86 -1.19 -5.67 -0.25
C ILE A 86 -2.52 -5.03 -0.65
N ARG A 87 -3.04 -4.16 0.20
CA ARG A 87 -4.20 -3.32 -0.06
C ARG A 87 -3.67 -1.90 0.07
N PHE A 88 -3.95 -1.05 -0.91
CA PHE A 88 -3.36 0.27 -1.03
C PHE A 88 -4.35 1.17 -1.78
N GLY A 89 -4.16 2.48 -1.74
CA GLY A 89 -5.15 3.42 -2.24
C GLY A 89 -4.68 4.85 -2.04
N ARG A 90 -5.61 5.80 -2.17
CA ARG A 90 -5.32 7.20 -1.89
C ARG A 90 -5.00 7.36 -0.39
N PRO A 91 -4.05 8.22 -0.02
CA PRO A 91 -3.83 8.58 1.38
C PRO A 91 -5.05 9.35 1.92
N ARG A 92 -5.12 9.51 3.25
CA ARG A 92 -6.24 10.17 3.95
C ARG A 92 -7.59 9.55 3.55
N LEU A 93 -7.65 8.21 3.40
CA LEU A 93 -8.92 7.50 3.22
C LEU A 93 -9.88 7.84 4.38
N THR A 94 -9.33 7.99 5.58
CA THR A 94 -9.98 8.51 6.78
C THR A 94 -8.83 9.10 7.63
N SER A 95 -9.12 10.06 8.52
CA SER A 95 -8.11 10.69 9.38
C SER A 95 -7.46 9.72 10.38
N ASN A 96 -8.10 8.56 10.66
CA ASN A 96 -7.59 7.52 11.53
C ASN A 96 -8.10 6.18 11.02
N MET A 1 -8.55 16.31 -17.53
CA MET A 1 -8.12 16.38 -16.11
C MET A 1 -7.22 17.62 -15.92
N GLY A 2 -5.89 17.47 -15.87
CA GLY A 2 -4.95 18.59 -15.73
C GLY A 2 -3.74 18.17 -14.90
N HIS A 3 -2.81 19.10 -14.69
CA HIS A 3 -1.59 18.91 -13.89
C HIS A 3 -1.87 18.57 -12.42
N HIS A 4 -3.13 18.70 -11.96
CA HIS A 4 -3.60 18.22 -10.67
C HIS A 4 -3.42 16.70 -10.52
N HIS A 5 -3.38 15.95 -11.63
CA HIS A 5 -3.23 14.48 -11.68
C HIS A 5 -4.28 13.72 -10.86
N HIS A 6 -5.38 14.36 -10.47
CA HIS A 6 -6.47 13.79 -9.69
C HIS A 6 -7.77 14.45 -10.13
N HIS A 7 -8.89 13.82 -9.82
CA HIS A 7 -10.25 14.35 -9.95
C HIS A 7 -11.07 13.82 -8.78
N HIS A 8 -12.26 14.38 -8.57
CA HIS A 8 -13.21 13.88 -7.59
C HIS A 8 -13.59 12.44 -7.93
N LEU A 9 -13.52 11.54 -6.95
CA LEU A 9 -14.02 10.17 -7.05
C LEU A 9 -15.51 10.19 -6.71
N ASP A 10 -16.27 10.91 -7.55
CA ASP A 10 -17.71 11.10 -7.42
C ASP A 10 -18.45 9.84 -7.89
N SER A 11 -18.26 8.76 -7.14
CA SER A 11 -18.71 7.42 -7.50
C SER A 11 -18.87 6.57 -6.22
N TYR A 12 -19.68 5.51 -6.32
CA TYR A 12 -19.81 4.49 -5.27
C TYR A 12 -18.72 3.42 -5.36
N ALA A 13 -17.99 3.35 -6.49
CA ALA A 13 -17.03 2.30 -6.77
C ALA A 13 -15.89 2.30 -5.73
N PRO A 14 -15.34 1.13 -5.34
CA PRO A 14 -14.19 1.00 -4.43
C PRO A 14 -12.88 1.68 -4.88
N ARG A 15 -12.82 2.33 -6.05
CA ARG A 15 -11.59 2.83 -6.68
C ARG A 15 -10.74 3.80 -5.84
N ALA A 16 -11.23 4.28 -4.70
CA ALA A 16 -10.41 5.02 -3.73
C ALA A 16 -9.30 4.14 -3.15
N GLU A 17 -9.38 2.81 -3.33
CA GLU A 17 -8.38 1.83 -2.94
C GLU A 17 -8.17 0.85 -4.11
N ALA A 18 -7.07 0.10 -4.06
CA ALA A 18 -6.74 -0.98 -4.97
C ALA A 18 -5.83 -1.97 -4.22
N GLU A 19 -5.62 -3.16 -4.79
CA GLU A 19 -4.77 -4.18 -4.19
C GLU A 19 -4.25 -5.12 -5.28
N LYS A 20 -3.11 -5.78 -5.03
CA LYS A 20 -2.56 -6.82 -5.90
C LYS A 20 -1.51 -7.63 -5.13
N THR A 21 -1.17 -8.80 -5.67
CA THR A 21 -0.06 -9.62 -5.24
C THR A 21 1.21 -9.02 -5.85
N PHE A 22 2.34 -9.07 -5.14
CA PHE A 22 3.62 -8.53 -5.57
C PHE A 22 4.76 -9.44 -5.12
N SER A 23 5.97 -9.15 -5.61
CA SER A 23 7.24 -9.78 -5.29
C SER A 23 8.33 -8.75 -5.63
N TYR A 24 9.60 -9.04 -5.33
CA TYR A 24 10.72 -8.13 -5.57
C TYR A 24 11.77 -8.81 -6.46
N PRO A 25 12.59 -8.07 -7.23
CA PRO A 25 12.51 -6.61 -7.40
C PRO A 25 11.26 -6.18 -8.19
N LEU A 26 10.89 -6.95 -9.22
CA LEU A 26 9.73 -6.79 -10.12
C LEU A 26 9.54 -5.38 -10.68
N ASP A 27 9.05 -4.45 -9.85
CA ASP A 27 8.88 -3.02 -10.11
C ASP A 27 8.60 -2.29 -8.79
N LEU A 28 8.00 -3.00 -7.83
CA LEU A 28 7.55 -2.48 -6.54
C LEU A 28 8.67 -1.79 -5.76
N LEU A 29 8.39 -0.58 -5.26
CA LEU A 29 9.24 0.16 -4.32
C LEU A 29 8.31 1.03 -3.49
N LEU A 30 8.42 0.96 -2.16
CA LEU A 30 7.65 1.75 -1.21
C LEU A 30 8.65 2.57 -0.39
N LYS A 31 8.20 3.71 0.16
CA LYS A 31 9.06 4.62 0.93
C LYS A 31 8.24 5.29 2.02
N LEU A 32 8.90 5.86 3.04
CA LEU A 32 8.26 6.58 4.14
C LEU A 32 8.28 8.07 3.81
N HIS A 33 7.13 8.75 3.82
CA HIS A 33 7.00 10.17 3.58
C HIS A 33 5.75 10.68 4.30
N ASP A 34 5.80 11.91 4.84
CA ASP A 34 4.73 12.52 5.64
C ASP A 34 4.21 11.55 6.72
N GLU A 35 5.13 10.81 7.34
CA GLU A 35 4.91 9.80 8.38
C GLU A 35 4.12 8.55 7.94
N ARG A 36 3.78 8.39 6.65
CA ARG A 36 3.08 7.21 6.14
C ARG A 36 3.96 6.50 5.11
N VAL A 37 3.83 5.19 4.98
CA VAL A 37 4.47 4.49 3.88
C VAL A 37 3.60 4.76 2.63
N LEU A 38 4.23 5.09 1.50
CA LEU A 38 3.59 5.36 0.23
C LEU A 38 4.22 4.47 -0.83
N VAL A 39 3.43 4.10 -1.83
CA VAL A 39 3.91 3.43 -3.04
C VAL A 39 4.75 4.47 -3.81
N ALA A 40 5.87 4.06 -4.39
CA ALA A 40 6.72 4.93 -5.21
C ALA A 40 6.85 4.36 -6.63
N PHE A 41 7.03 3.04 -6.73
CA PHE A 41 7.00 2.26 -7.95
C PHE A 41 6.25 0.96 -7.62
N GLY A 42 5.82 0.21 -8.64
CA GLY A 42 5.01 -1.00 -8.50
C GLY A 42 3.80 -0.96 -9.41
N GLN A 43 3.40 0.24 -9.84
CA GLN A 43 2.23 0.49 -10.68
C GLN A 43 2.57 1.56 -11.73
N ARG A 44 3.80 1.57 -12.26
CA ARG A 44 4.20 2.47 -13.35
C ARG A 44 3.33 2.32 -14.61
N ASP A 45 2.50 1.27 -14.67
CA ASP A 45 1.45 1.07 -15.66
C ASP A 45 0.49 2.28 -15.74
N GLY A 46 0.41 3.09 -14.67
CA GLY A 46 -0.35 4.33 -14.65
C GLY A 46 0.27 5.33 -13.66
N ILE A 47 -0.42 6.44 -13.42
CA ILE A 47 0.02 7.49 -12.49
C ILE A 47 -0.30 7.15 -11.02
N ARG A 48 -0.90 5.99 -10.75
CA ARG A 48 -1.46 5.62 -9.44
C ARG A 48 -0.43 5.35 -8.33
N VAL A 49 0.87 5.58 -8.56
CA VAL A 49 1.85 5.56 -7.46
C VAL A 49 1.61 6.79 -6.56
N GLY A 50 2.24 6.83 -5.39
CA GLY A 50 2.11 7.92 -4.42
C GLY A 50 0.93 7.74 -3.46
N HIS A 51 0.16 6.64 -3.59
CA HIS A 51 -0.92 6.29 -2.69
C HIS A 51 -0.34 5.74 -1.39
N ALA A 52 -1.11 5.84 -0.30
CA ALA A 52 -0.73 5.30 1.00
C ALA A 52 -1.12 3.83 1.05
N VAL A 53 -0.34 3.02 1.75
CA VAL A 53 -0.71 1.64 2.01
C VAL A 53 -1.82 1.64 3.08
N LEU A 54 -2.76 0.70 2.95
CA LEU A 54 -3.79 0.42 3.95
C LEU A 54 -3.54 -0.94 4.59
N ALA A 55 -3.00 -1.93 3.86
CA ALA A 55 -2.66 -3.22 4.47
C ALA A 55 -1.55 -3.94 3.69
N ILE A 56 -0.87 -4.88 4.36
CA ILE A 56 0.11 -5.79 3.77
C ILE A 56 -0.19 -7.17 4.33
N ASN A 57 -0.17 -8.20 3.48
CA ASN A 57 -0.48 -9.60 3.82
C ASN A 57 -1.79 -9.74 4.60
N GLY A 58 -2.75 -8.83 4.36
CA GLY A 58 -4.05 -8.78 5.03
C GLY A 58 -4.00 -8.10 6.41
N MET A 59 -2.83 -7.79 6.95
CA MET A 59 -2.67 -7.03 8.17
C MET A 59 -2.74 -5.55 7.82
N ASP A 60 -3.73 -4.84 8.37
CA ASP A 60 -3.83 -3.39 8.33
C ASP A 60 -2.50 -2.76 8.75
N VAL A 61 -2.12 -1.64 8.12
CA VAL A 61 -0.95 -0.87 8.53
C VAL A 61 -1.39 0.48 9.11
N ASN A 62 -0.60 0.97 10.05
CA ASN A 62 -0.80 2.19 10.82
C ASN A 62 0.47 3.01 10.62
N GLY A 63 0.39 4.01 9.75
CA GLY A 63 1.49 4.87 9.36
C GLY A 63 2.52 4.10 8.56
N ARG A 64 3.39 3.35 9.25
CA ARG A 64 4.42 2.49 8.67
C ARG A 64 4.70 1.28 9.57
N TYR A 65 3.73 0.86 10.38
CA TYR A 65 3.86 -0.33 11.22
C TYR A 65 2.65 -1.22 10.97
N THR A 66 2.80 -2.54 10.95
CA THR A 66 1.66 -3.44 10.81
C THR A 66 0.78 -3.41 12.07
N ALA A 67 -0.37 -4.07 11.98
CA ALA A 67 -1.23 -4.34 13.12
C ALA A 67 -0.46 -5.08 14.23
N ASP A 68 0.43 -5.99 13.84
CA ASP A 68 1.31 -6.71 14.77
C ASP A 68 2.39 -5.79 15.34
N GLY A 69 2.95 -4.89 14.51
CA GLY A 69 3.89 -3.85 14.92
C GLY A 69 5.19 -3.85 14.11
N LYS A 70 5.33 -4.73 13.11
CA LYS A 70 6.51 -4.80 12.25
C LYS A 70 6.63 -3.49 11.48
N GLU A 71 7.81 -2.89 11.42
CA GLU A 71 8.07 -1.76 10.53
C GLU A 71 7.93 -2.30 9.11
N VAL A 72 7.01 -1.74 8.34
CA VAL A 72 6.59 -2.25 7.04
C VAL A 72 7.72 -2.37 6.02
N LEU A 73 8.65 -1.41 5.94
CA LEU A 73 9.67 -1.44 4.90
C LEU A 73 10.68 -2.55 5.20
N GLU A 74 11.07 -2.74 6.46
CA GLU A 74 11.90 -3.87 6.88
C GLU A 74 11.15 -5.19 6.64
N TYR A 75 9.87 -5.25 7.02
CA TYR A 75 9.02 -6.43 6.87
C TYR A 75 8.94 -6.87 5.40
N LEU A 76 8.75 -5.91 4.48
CA LEU A 76 8.70 -6.16 3.04
C LEU A 76 10.09 -6.51 2.50
N GLY A 77 11.13 -5.86 3.03
CA GLY A 77 12.50 -5.99 2.56
C GLY A 77 13.08 -7.38 2.87
N ASN A 78 12.64 -8.01 3.96
CA ASN A 78 13.01 -9.38 4.32
C ASN A 78 12.62 -10.34 3.19
N PRO A 79 13.55 -11.00 2.49
CA PRO A 79 13.20 -11.83 1.34
C PRO A 79 12.46 -13.12 1.72
N ALA A 80 12.46 -13.53 3.00
CA ALA A 80 11.59 -14.61 3.46
C ALA A 80 10.11 -14.23 3.28
N ASN A 81 9.84 -12.93 3.07
CA ASN A 81 8.54 -12.30 2.90
C ASN A 81 8.60 -11.37 1.67
N TYR A 82 9.38 -11.75 0.64
CA TYR A 82 9.35 -11.07 -0.66
C TYR A 82 7.98 -11.22 -1.35
N PRO A 83 7.41 -12.44 -1.54
CA PRO A 83 6.08 -12.57 -2.11
C PRO A 83 5.04 -12.09 -1.10
N VAL A 84 4.19 -11.14 -1.50
CA VAL A 84 3.29 -10.42 -0.60
C VAL A 84 2.00 -10.04 -1.33
N SER A 85 1.03 -9.55 -0.57
CA SER A 85 -0.18 -8.93 -1.06
C SER A 85 -0.24 -7.56 -0.39
N ILE A 86 -0.63 -6.51 -1.11
CA ILE A 86 -0.62 -5.15 -0.56
C ILE A 86 -1.92 -4.50 -1.01
N ARG A 87 -2.54 -3.73 -0.10
CA ARG A 87 -3.70 -2.90 -0.36
C ARG A 87 -3.27 -1.47 -0.12
N PHE A 88 -3.59 -0.56 -1.03
CA PHE A 88 -3.19 0.85 -1.00
C PHE A 88 -4.33 1.71 -1.55
N GLY A 89 -4.27 3.02 -1.37
CA GLY A 89 -5.36 3.93 -1.74
C GLY A 89 -5.12 5.33 -1.20
N ARG A 90 -6.17 6.14 -1.22
CA ARG A 90 -6.14 7.46 -0.57
C ARG A 90 -5.86 7.25 0.93
N PRO A 91 -5.07 8.12 1.59
CA PRO A 91 -4.84 8.04 3.04
C PRO A 91 -6.12 7.86 3.85
N ARG A 92 -7.18 8.60 3.47
CA ARG A 92 -8.55 8.45 3.94
C ARG A 92 -9.44 8.90 2.78
N LEU A 93 -10.75 8.61 2.82
CA LEU A 93 -11.66 8.99 1.75
C LEU A 93 -11.69 10.51 1.53
N THR A 94 -11.47 11.29 2.59
CA THR A 94 -11.43 12.75 2.55
C THR A 94 -10.21 13.29 1.78
N SER A 95 -9.16 12.47 1.59
CA SER A 95 -7.91 12.85 0.93
C SER A 95 -8.06 12.84 -0.61
N ASN A 96 -9.21 13.26 -1.12
CA ASN A 96 -9.54 13.33 -2.55
C ASN A 96 -10.46 14.51 -2.76
N MET A 1 -30.44 -18.80 10.99
CA MET A 1 -29.72 -19.02 9.71
C MET A 1 -28.21 -19.08 9.97
N GLY A 2 -27.50 -20.00 9.32
CA GLY A 2 -26.05 -20.13 9.47
C GLY A 2 -25.46 -21.04 8.42
N HIS A 3 -24.13 -21.03 8.32
CA HIS A 3 -23.29 -21.90 7.50
C HIS A 3 -22.08 -22.18 8.40
N HIS A 4 -21.94 -23.44 8.84
CA HIS A 4 -20.99 -23.92 9.86
C HIS A 4 -21.29 -23.37 11.27
N HIS A 5 -21.70 -22.10 11.39
CA HIS A 5 -22.22 -21.47 12.59
C HIS A 5 -23.24 -20.41 12.16
N HIS A 6 -24.00 -19.86 13.12
CA HIS A 6 -24.97 -18.80 12.92
C HIS A 6 -24.33 -17.61 12.19
N HIS A 7 -25.06 -17.02 11.24
CA HIS A 7 -24.65 -15.76 10.63
C HIS A 7 -24.76 -14.62 11.66
N HIS A 8 -23.92 -13.60 11.52
CA HIS A 8 -23.89 -12.42 12.37
C HIS A 8 -23.29 -11.25 11.57
N LEU A 9 -23.52 -10.01 12.03
CA LEU A 9 -22.87 -8.82 11.50
C LEU A 9 -21.35 -8.95 11.73
N ASP A 10 -20.56 -8.38 10.82
CA ASP A 10 -19.09 -8.36 10.88
C ASP A 10 -18.60 -6.98 10.44
N SER A 11 -17.41 -6.59 10.88
CA SER A 11 -16.81 -5.27 10.66
C SER A 11 -16.56 -5.01 9.17
N TYR A 12 -16.51 -3.71 8.81
CA TYR A 12 -16.07 -3.25 7.50
C TYR A 12 -14.57 -3.54 7.32
N ALA A 13 -14.07 -3.42 6.08
CA ALA A 13 -12.65 -3.53 5.75
C ALA A 13 -12.09 -2.12 5.52
N PRO A 14 -10.79 -1.87 5.79
CA PRO A 14 -10.14 -0.60 5.48
C PRO A 14 -10.40 -0.17 4.04
N ARG A 15 -10.73 1.10 3.84
CA ARG A 15 -11.06 1.60 2.51
C ARG A 15 -9.79 1.61 1.67
N ALA A 16 -9.92 1.25 0.39
CA ALA A 16 -8.83 1.03 -0.55
C ALA A 16 -9.39 1.18 -1.97
N GLU A 17 -8.53 1.15 -2.99
CA GLU A 17 -8.95 1.16 -4.39
C GLU A 17 -8.13 0.22 -5.27
N ALA A 18 -7.15 -0.49 -4.73
CA ALA A 18 -6.42 -1.54 -5.41
C ALA A 18 -6.00 -2.60 -4.39
N GLU A 19 -5.94 -3.85 -4.81
CA GLU A 19 -5.38 -4.94 -4.03
C GLU A 19 -4.93 -6.03 -5.01
N LYS A 20 -3.80 -6.67 -4.73
CA LYS A 20 -3.17 -7.66 -5.61
C LYS A 20 -2.07 -8.42 -4.86
N THR A 21 -1.50 -9.44 -5.50
CA THR A 21 -0.30 -10.09 -5.00
C THR A 21 0.88 -9.36 -5.64
N PHE A 22 1.97 -9.18 -4.88
CA PHE A 22 3.17 -8.45 -5.28
C PHE A 22 4.41 -9.20 -4.81
N SER A 23 5.54 -8.84 -5.41
CA SER A 23 6.89 -9.32 -5.13
C SER A 23 7.86 -8.22 -5.57
N TYR A 24 9.17 -8.41 -5.34
CA TYR A 24 10.19 -7.39 -5.56
C TYR A 24 11.39 -8.01 -6.29
N PRO A 25 12.22 -7.23 -7.00
CA PRO A 25 12.13 -5.78 -7.20
C PRO A 25 10.95 -5.36 -8.09
N LEU A 26 10.46 -6.25 -8.95
CA LEU A 26 9.32 -6.13 -9.87
C LEU A 26 9.21 -4.72 -10.49
N ASP A 27 8.46 -3.81 -9.86
CA ASP A 27 8.28 -2.42 -10.28
C ASP A 27 7.77 -1.58 -9.11
N LEU A 28 6.87 -2.15 -8.29
CA LEU A 28 6.42 -1.55 -7.03
C LEU A 28 7.63 -1.31 -6.13
N LEU A 29 7.76 -0.11 -5.56
CA LEU A 29 8.71 0.25 -4.53
C LEU A 29 8.02 1.21 -3.56
N LEU A 30 8.46 1.24 -2.30
CA LEU A 30 7.86 2.03 -1.23
C LEU A 30 8.93 2.99 -0.66
N LYS A 31 8.49 4.11 -0.08
CA LYS A 31 9.34 5.02 0.69
C LYS A 31 8.57 5.54 1.89
N LEU A 32 9.26 5.94 2.96
CA LEU A 32 8.66 6.54 4.15
C LEU A 32 8.67 8.06 3.98
N HIS A 33 7.54 8.72 4.26
CA HIS A 33 7.43 10.16 4.36
C HIS A 33 6.26 10.49 5.30
N ASP A 34 6.43 11.50 6.15
CA ASP A 34 5.42 11.98 7.12
C ASP A 34 4.71 10.84 7.85
N GLU A 35 5.49 9.90 8.40
CA GLU A 35 5.05 8.73 9.16
C GLU A 35 4.10 7.80 8.39
N ARG A 36 4.14 7.81 7.05
CA ARG A 36 3.41 6.86 6.20
C ARG A 36 4.38 6.27 5.19
N VAL A 37 4.07 5.09 4.67
CA VAL A 37 4.79 4.54 3.53
C VAL A 37 3.94 4.71 2.27
N LEU A 38 4.56 5.25 1.22
CA LEU A 38 3.90 5.62 -0.02
C LEU A 38 4.58 4.87 -1.16
N VAL A 39 3.83 4.64 -2.24
CA VAL A 39 4.29 4.13 -3.52
C VAL A 39 5.33 5.11 -4.05
N ALA A 40 6.61 4.75 -3.95
CA ALA A 40 7.72 5.49 -4.54
C ALA A 40 7.71 5.33 -6.06
N PHE A 41 7.40 4.11 -6.52
CA PHE A 41 7.24 3.73 -7.92
C PHE A 41 6.17 2.65 -7.95
N GLY A 42 5.26 2.73 -8.93
CA GLY A 42 4.17 1.79 -9.12
C GLY A 42 3.16 2.42 -10.07
N GLN A 43 2.53 1.62 -10.93
CA GLN A 43 1.66 2.09 -12.00
C GLN A 43 0.60 1.02 -12.32
N ARG A 44 -0.50 1.48 -12.93
CA ARG A 44 -1.64 0.71 -13.46
C ARG A 44 -2.40 -0.07 -12.38
N ASP A 45 -3.56 -0.59 -12.77
CA ASP A 45 -4.54 -1.29 -11.92
C ASP A 45 -4.74 -0.59 -10.56
N GLY A 46 -4.85 0.74 -10.60
CA GLY A 46 -5.12 1.59 -9.44
C GLY A 46 -3.86 1.97 -8.64
N ILE A 47 -2.74 1.25 -8.80
CA ILE A 47 -1.47 1.61 -8.19
C ILE A 47 -0.97 2.86 -8.92
N ARG A 48 -0.60 3.89 -8.16
CA ARG A 48 -0.12 5.18 -8.67
C ARG A 48 0.91 5.69 -7.69
N VAL A 49 1.90 6.46 -8.16
CA VAL A 49 2.90 7.08 -7.30
C VAL A 49 2.18 7.99 -6.30
N GLY A 50 2.65 8.00 -5.05
CA GLY A 50 2.13 8.86 -4.00
C GLY A 50 0.91 8.27 -3.28
N HIS A 51 0.34 7.16 -3.77
CA HIS A 51 -0.68 6.42 -3.02
C HIS A 51 0.01 5.70 -1.86
N ALA A 52 -0.75 5.11 -0.95
CA ALA A 52 -0.26 4.53 0.29
C ALA A 52 -0.71 3.07 0.38
N VAL A 53 0.16 2.22 0.93
CA VAL A 53 -0.24 0.87 1.29
C VAL A 53 -1.19 1.02 2.48
N LEU A 54 -2.24 0.21 2.50
CA LEU A 54 -3.32 0.24 3.48
C LEU A 54 -3.36 -1.07 4.27
N ALA A 55 -2.98 -2.20 3.66
CA ALA A 55 -2.76 -3.44 4.41
C ALA A 55 -1.79 -4.35 3.66
N ILE A 56 -1.16 -5.27 4.38
CA ILE A 56 -0.28 -6.32 3.83
C ILE A 56 -0.73 -7.63 4.45
N ASN A 57 -0.95 -8.67 3.63
CA ASN A 57 -1.48 -9.99 3.96
C ASN A 57 -2.63 -10.01 4.99
N GLY A 58 -3.40 -8.92 5.05
CA GLY A 58 -4.57 -8.77 5.92
C GLY A 58 -4.27 -7.95 7.17
N MET A 59 -2.99 -7.74 7.52
CA MET A 59 -2.58 -6.83 8.58
C MET A 59 -2.67 -5.41 8.03
N ASP A 60 -3.64 -4.64 8.52
CA ASP A 60 -3.76 -3.20 8.31
C ASP A 60 -2.43 -2.54 8.67
N VAL A 61 -1.99 -1.53 7.91
CA VAL A 61 -0.78 -0.78 8.25
C VAL A 61 -1.15 0.58 8.85
N ASN A 62 -0.78 0.77 10.12
CA ASN A 62 -0.83 2.03 10.84
C ASN A 62 0.36 2.88 10.38
N GLY A 63 0.17 3.64 9.29
CA GLY A 63 1.12 4.58 8.75
C GLY A 63 2.34 3.89 8.13
N ARG A 64 3.27 3.44 8.97
CA ARG A 64 4.48 2.69 8.57
C ARG A 64 4.75 1.49 9.47
N TYR A 65 3.79 1.07 10.30
CA TYR A 65 3.92 -0.13 11.11
C TYR A 65 2.71 -1.02 10.85
N THR A 66 2.87 -2.34 10.87
CA THR A 66 1.73 -3.25 10.75
C THR A 66 0.88 -3.18 12.02
N ALA A 67 -0.30 -3.82 11.93
CA ALA A 67 -1.17 -4.07 13.07
C ALA A 67 -0.41 -4.83 14.17
N ASP A 68 0.46 -5.76 13.78
CA ASP A 68 1.30 -6.51 14.70
C ASP A 68 2.42 -5.64 15.29
N GLY A 69 2.98 -4.71 14.50
CA GLY A 69 3.92 -3.68 14.95
C GLY A 69 5.24 -3.69 14.19
N LYS A 70 5.40 -4.53 13.17
CA LYS A 70 6.61 -4.59 12.34
C LYS A 70 6.68 -3.29 11.53
N GLU A 71 7.85 -2.67 11.40
CA GLU A 71 8.01 -1.54 10.49
C GLU A 71 7.86 -2.08 9.08
N VAL A 72 6.98 -1.48 8.28
CA VAL A 72 6.59 -1.98 6.97
C VAL A 72 7.79 -2.09 6.02
N LEU A 73 8.70 -1.10 6.02
CA LEU A 73 9.84 -1.15 5.11
C LEU A 73 10.77 -2.31 5.47
N GLU A 74 10.94 -2.62 6.76
CA GLU A 74 11.77 -3.74 7.17
C GLU A 74 11.05 -5.06 6.90
N TYR A 75 9.74 -5.11 7.15
CA TYR A 75 8.92 -6.27 6.92
C TYR A 75 8.97 -6.68 5.45
N LEU A 76 8.73 -5.74 4.54
CA LEU A 76 8.78 -5.97 3.10
C LEU A 76 10.22 -6.14 2.64
N GLY A 77 11.19 -5.50 3.31
CA GLY A 77 12.60 -5.60 2.98
C GLY A 77 13.13 -7.03 3.15
N ASN A 78 12.67 -7.73 4.19
CA ASN A 78 12.97 -9.15 4.40
C ASN A 78 12.37 -9.97 3.24
N PRO A 79 13.16 -10.67 2.41
CA PRO A 79 12.63 -11.39 1.26
C PRO A 79 11.74 -12.59 1.63
N ALA A 80 11.72 -13.02 2.90
CA ALA A 80 10.74 -14.00 3.36
C ALA A 80 9.30 -13.46 3.21
N ASN A 81 9.14 -12.14 3.03
CA ASN A 81 7.86 -11.47 2.82
C ASN A 81 7.88 -10.72 1.48
N TYR A 82 8.76 -11.08 0.53
CA TYR A 82 8.66 -10.53 -0.82
C TYR A 82 7.31 -10.91 -1.46
N PRO A 83 6.96 -12.21 -1.62
CA PRO A 83 5.66 -12.58 -2.15
C PRO A 83 4.58 -12.34 -1.08
N VAL A 84 3.76 -11.31 -1.24
CA VAL A 84 2.67 -11.00 -0.30
C VAL A 84 1.49 -10.38 -1.06
N SER A 85 0.30 -10.49 -0.47
CA SER A 85 -0.89 -9.77 -0.92
C SER A 85 -0.81 -8.40 -0.26
N ILE A 86 -1.22 -7.35 -0.97
CA ILE A 86 -1.17 -5.98 -0.46
C ILE A 86 -2.44 -5.28 -0.92
N ARG A 87 -2.95 -4.35 -0.10
CA ARG A 87 -4.09 -3.50 -0.39
C ARG A 87 -3.60 -2.06 -0.29
N PHE A 88 -4.03 -1.21 -1.21
CA PHE A 88 -3.52 0.15 -1.43
C PHE A 88 -4.70 1.11 -1.58
N GLY A 89 -4.48 2.37 -1.21
CA GLY A 89 -5.47 3.42 -1.29
C GLY A 89 -4.78 4.78 -1.27
N ARG A 90 -5.56 5.85 -1.10
CA ARG A 90 -5.01 7.18 -0.84
C ARG A 90 -4.34 7.14 0.54
N PRO A 91 -3.50 8.12 0.91
CA PRO A 91 -3.03 8.25 2.29
C PRO A 91 -4.22 8.22 3.28
N ARG A 92 -3.96 7.83 4.53
CA ARG A 92 -4.99 7.54 5.53
C ARG A 92 -6.07 8.61 5.70
N LEU A 93 -5.74 9.88 5.44
CA LEU A 93 -6.68 11.00 5.44
C LEU A 93 -7.92 10.74 4.56
N THR A 94 -7.79 9.92 3.52
CA THR A 94 -8.87 9.61 2.57
C THR A 94 -8.99 8.08 2.39
N SER A 95 -8.54 7.30 3.38
CA SER A 95 -8.60 5.84 3.41
C SER A 95 -8.74 5.40 4.87
N ASN A 96 -9.94 5.56 5.42
CA ASN A 96 -10.26 5.10 6.77
C ASN A 96 -9.94 3.61 6.91
N MET A 1 -10.34 21.83 -4.44
CA MET A 1 -10.13 21.51 -5.88
C MET A 1 -10.00 19.99 -6.06
N GLY A 2 -10.80 19.41 -6.96
CA GLY A 2 -10.72 17.98 -7.29
C GLY A 2 -11.90 17.51 -8.12
N HIS A 3 -13.11 17.93 -7.75
CA HIS A 3 -14.37 17.45 -8.32
C HIS A 3 -14.56 17.73 -9.81
N HIS A 4 -13.68 18.55 -10.43
CA HIS A 4 -13.70 18.82 -11.86
C HIS A 4 -13.38 17.56 -12.68
N HIS A 5 -12.65 16.59 -12.11
CA HIS A 5 -12.30 15.34 -12.79
C HIS A 5 -13.54 14.47 -13.02
N HIS A 6 -13.43 13.52 -13.95
CA HIS A 6 -14.43 12.52 -14.27
C HIS A 6 -13.69 11.25 -14.73
N HIS A 7 -14.37 10.10 -14.69
CA HIS A 7 -13.84 8.85 -15.25
C HIS A 7 -13.59 9.03 -16.75
N HIS A 8 -12.56 8.35 -17.27
CA HIS A 8 -12.23 8.26 -18.68
C HIS A 8 -11.47 6.95 -18.92
N LEU A 9 -11.35 6.54 -20.19
CA LEU A 9 -10.48 5.43 -20.58
C LEU A 9 -9.03 5.81 -20.25
N ASP A 10 -8.28 4.87 -19.69
CA ASP A 10 -6.89 5.06 -19.27
C ASP A 10 -6.15 3.73 -19.50
N SER A 11 -4.85 3.79 -19.73
CA SER A 11 -4.01 2.63 -20.04
C SER A 11 -3.98 1.61 -18.89
N TYR A 12 -4.11 2.08 -17.65
CA TYR A 12 -4.27 1.29 -16.44
C TYR A 12 -4.95 2.17 -15.38
N ALA A 13 -5.23 1.60 -14.21
CA ALA A 13 -5.75 2.33 -13.05
C ALA A 13 -4.98 1.84 -11.80
N PRO A 14 -4.75 2.72 -10.81
CA PRO A 14 -3.99 2.37 -9.61
C PRO A 14 -4.75 1.36 -8.74
N ARG A 15 -4.02 0.72 -7.82
CA ARG A 15 -4.59 -0.26 -6.87
C ARG A 15 -5.39 0.43 -5.74
N ALA A 16 -5.80 1.70 -5.91
CA ALA A 16 -6.47 2.45 -4.87
C ALA A 16 -7.75 1.73 -4.45
N GLU A 17 -7.94 1.60 -3.13
CA GLU A 17 -9.02 0.85 -2.48
C GLU A 17 -9.23 -0.54 -3.11
N ALA A 18 -8.13 -1.18 -3.53
CA ALA A 18 -8.06 -2.52 -4.09
C ALA A 18 -6.75 -3.18 -3.62
N GLU A 19 -6.56 -4.45 -3.97
CA GLU A 19 -5.45 -5.26 -3.47
C GLU A 19 -5.07 -6.33 -4.50
N LYS A 20 -3.82 -6.80 -4.43
CA LYS A 20 -3.28 -7.85 -5.30
C LYS A 20 -2.06 -8.48 -4.61
N THR A 21 -1.60 -9.62 -5.13
CA THR A 21 -0.34 -10.24 -4.76
C THR A 21 0.84 -9.46 -5.36
N PHE A 22 1.96 -9.39 -4.64
CA PHE A 22 3.19 -8.72 -5.05
C PHE A 22 4.41 -9.54 -4.59
N SER A 23 5.57 -9.24 -5.17
CA SER A 23 6.87 -9.84 -4.90
C SER A 23 7.94 -8.85 -5.38
N TYR A 24 9.22 -9.15 -5.15
CA TYR A 24 10.33 -8.22 -5.41
C TYR A 24 11.49 -8.97 -6.06
N PRO A 25 12.42 -8.29 -6.77
CA PRO A 25 12.36 -6.88 -7.16
C PRO A 25 11.22 -6.64 -8.16
N LEU A 26 10.74 -5.39 -8.23
CA LEU A 26 9.58 -4.98 -9.03
C LEU A 26 9.67 -3.48 -9.30
N ASP A 27 8.98 -3.00 -10.33
CA ASP A 27 8.88 -1.57 -10.67
C ASP A 27 8.20 -0.76 -9.54
N LEU A 28 7.26 -1.39 -8.82
CA LEU A 28 6.63 -0.81 -7.63
C LEU A 28 7.69 -0.72 -6.53
N LEU A 29 7.94 0.49 -6.03
CA LEU A 29 8.91 0.80 -4.97
C LEU A 29 8.22 1.72 -3.97
N LEU A 30 8.70 1.74 -2.72
CA LEU A 30 8.04 2.40 -1.60
C LEU A 30 9.01 3.27 -0.81
N LYS A 31 8.49 4.30 -0.11
CA LYS A 31 9.26 5.16 0.80
C LYS A 31 8.37 5.59 1.97
N LEU A 32 8.98 5.90 3.12
CA LEU A 32 8.29 6.51 4.26
C LEU A 32 8.14 8.00 3.97
N HIS A 33 6.93 8.54 4.14
CA HIS A 33 6.64 9.96 4.11
C HIS A 33 5.40 10.20 4.96
N ASP A 34 5.40 11.28 5.76
CA ASP A 34 4.26 11.72 6.58
C ASP A 34 3.62 10.59 7.40
N GLU A 35 4.49 9.76 8.02
CA GLU A 35 4.12 8.60 8.85
C GLU A 35 3.26 7.56 8.09
N ARG A 36 3.37 7.52 6.76
CA ARG A 36 2.76 6.52 5.88
C ARG A 36 3.84 5.98 4.95
N VAL A 37 3.54 4.89 4.24
CA VAL A 37 4.46 4.33 3.27
C VAL A 37 3.80 4.52 1.92
N LEU A 38 4.45 5.32 1.06
CA LEU A 38 3.92 5.82 -0.19
C LEU A 38 4.64 5.14 -1.36
N VAL A 39 3.95 5.03 -2.48
CA VAL A 39 4.47 4.58 -3.76
C VAL A 39 5.52 5.58 -4.22
N ALA A 40 6.79 5.21 -4.10
CA ALA A 40 7.94 5.98 -4.58
C ALA A 40 8.08 5.84 -6.09
N PHE A 41 7.73 4.67 -6.63
CA PHE A 41 7.70 4.39 -8.06
C PHE A 41 6.69 3.26 -8.29
N GLY A 42 6.15 3.16 -9.49
CA GLY A 42 5.18 2.13 -9.88
C GLY A 42 4.55 2.38 -11.25
N GLN A 43 5.03 3.38 -12.01
CA GLN A 43 4.42 3.85 -13.24
C GLN A 43 4.39 2.80 -14.35
N ARG A 44 5.13 1.67 -14.23
CA ARG A 44 5.12 0.58 -15.21
C ARG A 44 4.49 -0.66 -14.61
N ASP A 45 4.53 -0.85 -13.29
CA ASP A 45 3.77 -1.91 -12.63
C ASP A 45 2.27 -1.64 -12.84
N GLY A 46 1.85 -0.38 -12.63
CA GLY A 46 0.48 0.07 -12.86
C GLY A 46 -0.09 0.82 -11.66
N ILE A 47 0.72 1.56 -10.89
CA ILE A 47 0.23 2.40 -9.79
C ILE A 47 1.07 3.68 -9.77
N ARG A 48 0.39 4.81 -9.93
CA ARG A 48 1.05 6.11 -9.99
C ARG A 48 1.48 6.52 -8.58
N VAL A 49 2.57 7.28 -8.51
CA VAL A 49 3.21 7.68 -7.27
C VAL A 49 2.26 8.53 -6.41
N GLY A 50 2.47 8.52 -5.09
CA GLY A 50 1.69 9.31 -4.14
C GLY A 50 0.57 8.49 -3.46
N HIS A 51 0.21 7.32 -4.00
CA HIS A 51 -0.67 6.38 -3.31
C HIS A 51 0.09 5.80 -2.12
N ALA A 52 -0.61 5.13 -1.19
CA ALA A 52 0.00 4.58 0.01
C ALA A 52 -0.50 3.17 0.27
N VAL A 53 0.34 2.39 0.93
CA VAL A 53 -0.03 1.08 1.47
C VAL A 53 -1.06 1.31 2.58
N LEU A 54 -2.05 0.43 2.67
CA LEU A 54 -3.07 0.43 3.71
C LEU A 54 -3.14 -0.93 4.41
N ALA A 55 -2.83 -2.05 3.74
CA ALA A 55 -2.67 -3.32 4.44
C ALA A 55 -1.65 -4.20 3.71
N ILE A 56 -1.06 -5.16 4.43
CA ILE A 56 -0.14 -6.15 3.91
C ILE A 56 -0.49 -7.47 4.58
N ASN A 57 -0.57 -8.57 3.83
CA ASN A 57 -0.89 -9.92 4.31
C ASN A 57 -2.15 -9.94 5.18
N GLY A 58 -3.08 -9.01 4.93
CA GLY A 58 -4.33 -8.86 5.67
C GLY A 58 -4.21 -7.98 6.91
N MET A 59 -3.00 -7.62 7.35
CA MET A 59 -2.76 -6.73 8.47
C MET A 59 -2.85 -5.29 7.96
N ASP A 60 -3.87 -4.55 8.41
CA ASP A 60 -3.97 -3.11 8.21
C ASP A 60 -2.73 -2.46 8.84
N VAL A 61 -2.05 -1.56 8.11
CA VAL A 61 -0.81 -0.97 8.61
C VAL A 61 -1.14 0.31 9.38
N ASN A 62 -0.79 0.33 10.67
CA ASN A 62 -0.86 1.50 11.53
C ASN A 62 0.25 2.46 11.12
N GLY A 63 -0.09 3.47 10.33
CA GLY A 63 0.87 4.43 9.77
C GLY A 63 1.87 3.72 8.86
N ARG A 64 3.02 3.32 9.42
CA ARG A 64 4.12 2.64 8.71
C ARG A 64 4.50 1.32 9.39
N TYR A 65 3.66 0.79 10.28
CA TYR A 65 3.93 -0.41 11.06
C TYR A 65 2.79 -1.38 10.80
N THR A 66 3.03 -2.69 10.82
CA THR A 66 1.95 -3.66 10.67
C THR A 66 1.06 -3.64 11.91
N ALA A 67 -0.06 -4.38 11.84
CA ALA A 67 -0.91 -4.66 12.99
C ALA A 67 -0.11 -5.34 14.10
N ASP A 68 0.80 -6.25 13.73
CA ASP A 68 1.71 -6.93 14.65
C ASP A 68 2.75 -5.96 15.23
N GLY A 69 3.27 -5.05 14.39
CA GLY A 69 4.15 -3.96 14.81
C GLY A 69 5.47 -3.89 14.04
N LYS A 70 5.69 -4.77 13.06
CA LYS A 70 6.88 -4.75 12.19
C LYS A 70 6.89 -3.42 11.43
N GLU A 71 8.05 -2.82 11.24
CA GLU A 71 8.19 -1.67 10.34
C GLU A 71 7.92 -2.19 8.93
N VAL A 72 7.01 -1.56 8.19
CA VAL A 72 6.56 -2.02 6.88
C VAL A 72 7.73 -2.20 5.91
N LEU A 73 8.66 -1.25 5.86
CA LEU A 73 9.77 -1.31 4.92
C LEU A 73 10.69 -2.48 5.24
N GLU A 74 10.91 -2.79 6.52
CA GLU A 74 11.71 -3.94 6.93
C GLU A 74 10.93 -5.24 6.65
N TYR A 75 9.63 -5.25 6.95
CA TYR A 75 8.75 -6.40 6.77
C TYR A 75 8.73 -6.83 5.31
N LEU A 76 8.58 -5.87 4.38
CA LEU A 76 8.58 -6.14 2.94
C LEU A 76 9.99 -6.40 2.43
N GLY A 77 11.00 -5.73 3.00
CA GLY A 77 12.39 -5.87 2.61
C GLY A 77 12.95 -7.26 2.92
N ASN A 78 12.48 -7.91 3.99
CA ASN A 78 12.84 -9.27 4.36
C ASN A 78 12.44 -10.24 3.25
N PRO A 79 13.37 -10.92 2.54
CA PRO A 79 13.00 -11.78 1.43
C PRO A 79 12.31 -13.08 1.85
N ALA A 80 12.34 -13.45 3.13
CA ALA A 80 11.50 -14.54 3.65
C ALA A 80 10.01 -14.19 3.52
N ASN A 81 9.71 -12.91 3.29
CA ASN A 81 8.39 -12.31 3.18
C ASN A 81 8.38 -11.39 1.94
N TYR A 82 9.13 -11.75 0.89
CA TYR A 82 9.02 -11.07 -0.41
C TYR A 82 7.64 -11.33 -1.03
N PRO A 83 7.15 -12.57 -1.19
CA PRO A 83 5.80 -12.80 -1.70
C PRO A 83 4.77 -12.39 -0.65
N VAL A 84 3.86 -11.49 -1.01
CA VAL A 84 2.89 -10.85 -0.12
C VAL A 84 1.63 -10.50 -0.88
N SER A 85 0.61 -10.06 -0.16
CA SER A 85 -0.60 -9.45 -0.71
C SER A 85 -0.67 -8.07 -0.09
N ILE A 86 -1.02 -7.03 -0.85
CA ILE A 86 -0.98 -5.64 -0.38
C ILE A 86 -2.27 -4.97 -0.85
N ARG A 87 -2.84 -4.12 0.02
CA ARG A 87 -3.99 -3.27 -0.27
C ARG A 87 -3.49 -1.83 -0.17
N PHE A 88 -3.92 -0.98 -1.10
CA PHE A 88 -3.47 0.40 -1.24
C PHE A 88 -4.66 1.35 -1.22
N GLY A 89 -4.39 2.64 -1.13
CA GLY A 89 -5.36 3.71 -1.23
C GLY A 89 -4.68 5.06 -1.10
N ARG A 90 -5.46 6.09 -0.78
CA ARG A 90 -4.91 7.40 -0.42
C ARG A 90 -4.16 7.25 0.91
N PRO A 91 -3.15 8.08 1.23
CA PRO A 91 -2.46 8.06 2.52
C PRO A 91 -3.42 8.09 3.71
N ARG A 92 -4.43 8.96 3.65
CA ARG A 92 -5.56 9.03 4.58
C ARG A 92 -6.77 9.49 3.77
N LEU A 93 -7.97 9.29 4.28
CA LEU A 93 -9.22 9.67 3.62
C LEU A 93 -10.24 10.00 4.72
N THR A 94 -11.21 10.87 4.40
CA THR A 94 -12.29 11.28 5.31
C THR A 94 -13.21 10.10 5.64
N SER A 95 -13.50 9.27 4.63
CA SER A 95 -14.34 8.08 4.72
C SER A 95 -15.70 8.37 5.40
N ASN A 96 -16.26 9.57 5.16
CA ASN A 96 -17.57 9.97 5.67
C ASN A 96 -18.65 9.01 5.17
N MET A 1 -16.78 11.26 -9.99
CA MET A 1 -16.53 12.58 -10.62
C MET A 1 -15.93 13.54 -9.60
N GLY A 2 -14.78 14.18 -9.92
CA GLY A 2 -14.19 15.24 -9.11
C GLY A 2 -12.70 15.42 -9.38
N HIS A 3 -11.97 14.35 -9.65
CA HIS A 3 -10.52 14.42 -9.86
C HIS A 3 -10.13 15.28 -11.08
N HIS A 4 -11.06 15.50 -12.03
CA HIS A 4 -10.88 16.43 -13.14
C HIS A 4 -10.70 17.89 -12.68
N HIS A 5 -10.99 18.20 -11.41
CA HIS A 5 -10.91 19.55 -10.85
C HIS A 5 -10.15 19.59 -9.52
N HIS A 6 -10.05 18.48 -8.77
CA HIS A 6 -9.41 18.43 -7.46
C HIS A 6 -8.60 17.14 -7.27
N HIS A 7 -8.20 16.87 -6.02
CA HIS A 7 -7.48 15.69 -5.55
C HIS A 7 -8.21 14.38 -5.91
N HIS A 8 -7.52 13.24 -5.78
CA HIS A 8 -7.95 11.93 -6.26
C HIS A 8 -9.37 11.55 -5.84
N LEU A 9 -9.74 11.86 -4.60
CA LEU A 9 -11.03 11.54 -4.01
C LEU A 9 -11.42 12.67 -3.06
N ASP A 10 -12.73 12.82 -2.85
CA ASP A 10 -13.34 13.75 -1.89
C ASP A 10 -14.64 13.19 -1.30
N SER A 11 -15.26 12.22 -2.01
CA SER A 11 -16.51 11.56 -1.66
C SER A 11 -16.40 10.73 -0.37
N TYR A 12 -17.56 10.36 0.20
CA TYR A 12 -17.65 9.55 1.42
C TYR A 12 -17.12 8.11 1.24
N ALA A 13 -16.99 7.63 0.00
CA ALA A 13 -16.54 6.27 -0.29
C ALA A 13 -15.14 6.00 0.31
N PRO A 14 -14.85 4.76 0.75
CA PRO A 14 -13.51 4.37 1.22
C PRO A 14 -12.41 4.71 0.20
N ARG A 15 -11.25 5.12 0.71
CA ARG A 15 -10.08 5.43 -0.13
C ARG A 15 -9.27 4.21 -0.52
N ALA A 16 -9.49 3.07 0.13
CA ALA A 16 -8.84 1.81 -0.22
C ALA A 16 -9.21 1.37 -1.64
N GLU A 17 -8.37 0.51 -2.21
CA GLU A 17 -8.55 -0.12 -3.51
C GLU A 17 -8.35 -1.64 -3.34
N ALA A 18 -8.73 -2.42 -4.34
CA ALA A 18 -8.69 -3.89 -4.28
C ALA A 18 -7.27 -4.40 -4.04
N GLU A 19 -7.16 -5.54 -3.36
CA GLU A 19 -5.91 -6.22 -3.10
C GLU A 19 -5.26 -6.68 -4.42
N LYS A 20 -3.93 -6.81 -4.43
CA LYS A 20 -3.14 -7.38 -5.52
C LYS A 20 -1.94 -8.08 -4.89
N THR A 21 -1.52 -9.21 -5.45
CA THR A 21 -0.33 -9.92 -5.00
C THR A 21 0.91 -9.25 -5.60
N PHE A 22 1.99 -9.16 -4.80
CA PHE A 22 3.28 -8.61 -5.21
C PHE A 22 4.39 -9.50 -4.64
N SER A 23 5.56 -9.36 -5.24
CA SER A 23 6.82 -10.02 -4.88
C SER A 23 7.96 -9.14 -5.42
N TYR A 24 9.20 -9.48 -5.13
CA TYR A 24 10.38 -8.65 -5.43
C TYR A 24 11.52 -9.54 -5.93
N PRO A 25 12.56 -9.01 -6.60
CA PRO A 25 12.69 -7.63 -7.07
C PRO A 25 11.61 -7.30 -8.12
N LEU A 26 11.15 -6.04 -8.10
CA LEU A 26 10.07 -5.52 -8.93
C LEU A 26 10.23 -3.99 -8.95
N ASP A 27 9.61 -3.31 -9.92
CA ASP A 27 9.61 -1.85 -10.01
C ASP A 27 8.97 -1.18 -8.78
N LEU A 28 8.02 -1.85 -8.13
CA LEU A 28 7.36 -1.37 -6.91
C LEU A 28 8.42 -1.11 -5.83
N LEU A 29 8.42 0.10 -5.26
CA LEU A 29 9.21 0.50 -4.11
C LEU A 29 8.41 1.52 -3.32
N LEU A 30 8.62 1.62 -2.01
CA LEU A 30 7.92 2.52 -1.11
C LEU A 30 8.92 3.44 -0.41
N LYS A 31 8.47 4.61 0.05
CA LYS A 31 9.25 5.50 0.94
C LYS A 31 8.36 5.99 2.07
N LEU A 32 8.96 6.29 3.23
CA LEU A 32 8.25 6.89 4.36
C LEU A 32 8.09 8.38 4.04
N HIS A 33 6.86 8.89 4.05
CA HIS A 33 6.56 10.30 3.82
C HIS A 33 5.25 10.62 4.55
N ASP A 34 5.17 11.83 5.14
CA ASP A 34 4.02 12.33 5.90
C ASP A 34 3.53 11.31 6.94
N GLU A 35 4.48 10.69 7.65
CA GLU A 35 4.30 9.64 8.65
C GLU A 35 3.61 8.35 8.14
N ARG A 36 3.38 8.24 6.83
CA ARG A 36 2.84 7.09 6.14
C ARG A 36 3.99 6.48 5.31
N VAL A 37 3.71 5.41 4.57
CA VAL A 37 4.61 4.86 3.55
C VAL A 37 3.81 4.87 2.26
N LEU A 38 4.42 5.41 1.21
CA LEU A 38 3.77 5.71 -0.06
C LEU A 38 4.57 5.08 -1.19
N VAL A 39 3.91 4.79 -2.30
CA VAL A 39 4.51 4.30 -3.54
C VAL A 39 5.55 5.32 -4.01
N ALA A 40 6.83 4.96 -3.93
CA ALA A 40 7.94 5.75 -4.43
C ALA A 40 8.13 5.52 -5.93
N PHE A 41 7.91 4.28 -6.37
CA PHE A 41 7.92 3.85 -7.76
C PHE A 41 6.85 2.77 -7.86
N GLY A 42 6.03 2.84 -8.91
CA GLY A 42 4.90 1.95 -9.14
C GLY A 42 3.84 2.72 -9.92
N GLN A 43 3.43 2.21 -11.07
CA GLN A 43 2.45 2.84 -11.97
C GLN A 43 1.87 1.78 -12.90
N ARG A 44 0.85 2.16 -13.69
CA ARG A 44 0.15 1.38 -14.72
C ARG A 44 -0.63 0.15 -14.22
N ASP A 45 -0.17 -0.53 -13.17
CA ASP A 45 -0.86 -1.68 -12.59
C ASP A 45 -2.26 -1.29 -12.06
N GLY A 46 -2.37 -0.08 -11.51
CA GLY A 46 -3.59 0.49 -10.95
C GLY A 46 -3.19 1.55 -9.93
N ILE A 47 -2.23 1.22 -9.07
CA ILE A 47 -1.57 2.16 -8.18
C ILE A 47 -0.77 3.18 -9.03
N ARG A 48 -0.42 4.32 -8.42
CA ARG A 48 0.51 5.30 -8.96
C ARG A 48 1.35 5.82 -7.80
N VAL A 49 2.48 6.46 -8.10
CA VAL A 49 3.31 7.10 -7.08
C VAL A 49 2.47 8.02 -6.18
N GLY A 50 2.81 8.06 -4.90
CA GLY A 50 2.10 8.85 -3.90
C GLY A 50 0.88 8.16 -3.31
N HIS A 51 0.42 7.01 -3.85
CA HIS A 51 -0.62 6.21 -3.19
C HIS A 51 -0.04 5.60 -1.91
N ALA A 52 -0.89 5.27 -0.95
CA ALA A 52 -0.49 4.75 0.35
C ALA A 52 -0.81 3.27 0.43
N VAL A 53 0.03 2.50 1.14
CA VAL A 53 -0.30 1.12 1.47
C VAL A 53 -1.23 1.18 2.68
N LEU A 54 -2.27 0.34 2.68
CA LEU A 54 -3.33 0.31 3.67
C LEU A 54 -3.29 -1.02 4.43
N ALA A 55 -2.98 -2.16 3.77
CA ALA A 55 -2.73 -3.42 4.47
C ALA A 55 -1.76 -4.29 3.68
N ILE A 56 -1.13 -5.25 4.34
CA ILE A 56 -0.24 -6.24 3.73
C ILE A 56 -0.59 -7.58 4.36
N ASN A 57 -0.79 -8.62 3.54
CA ASN A 57 -1.19 -10.00 3.87
C ASN A 57 -2.21 -10.11 5.02
N GLY A 58 -3.12 -9.12 5.09
CA GLY A 58 -4.24 -9.07 6.02
C GLY A 58 -3.98 -8.16 7.23
N MET A 59 -2.73 -7.79 7.49
CA MET A 59 -2.36 -6.85 8.54
C MET A 59 -2.54 -5.42 8.01
N ASP A 60 -3.57 -4.73 8.52
CA ASP A 60 -3.75 -3.29 8.30
C ASP A 60 -2.49 -2.59 8.83
N VAL A 61 -1.92 -1.65 8.07
CA VAL A 61 -0.67 -1.01 8.47
C VAL A 61 -1.00 0.34 9.12
N ASN A 62 -0.51 0.53 10.34
CA ASN A 62 -0.64 1.73 11.14
C ASN A 62 0.54 2.64 10.80
N GLY A 63 0.30 3.64 9.96
CA GLY A 63 1.29 4.62 9.51
C GLY A 63 2.34 3.96 8.62
N ARG A 64 3.32 3.30 9.24
CA ARG A 64 4.37 2.54 8.57
C ARG A 64 4.77 1.29 9.35
N TYR A 65 3.88 0.78 10.22
CA TYR A 65 4.13 -0.44 10.98
C TYR A 65 2.95 -1.39 10.72
N THR A 66 3.18 -2.69 10.71
CA THR A 66 2.09 -3.65 10.59
C THR A 66 1.24 -3.64 11.85
N ALA A 67 0.13 -4.39 11.80
CA ALA A 67 -0.69 -4.68 12.97
C ALA A 67 0.14 -5.36 14.06
N ASP A 68 1.06 -6.25 13.65
CA ASP A 68 2.00 -6.92 14.55
C ASP A 68 3.05 -5.95 15.09
N GLY A 69 3.54 -5.02 14.25
CA GLY A 69 4.41 -3.92 14.64
C GLY A 69 5.69 -3.81 13.81
N LYS A 70 5.92 -4.71 12.85
CA LYS A 70 7.09 -4.67 11.96
C LYS A 70 7.05 -3.38 11.15
N GLU A 71 8.17 -2.67 11.03
CA GLU A 71 8.25 -1.52 10.15
C GLU A 71 8.07 -2.04 8.72
N VAL A 72 7.13 -1.47 7.98
CA VAL A 72 6.68 -1.97 6.68
C VAL A 72 7.85 -2.09 5.69
N LEU A 73 8.78 -1.15 5.69
CA LEU A 73 9.91 -1.18 4.76
C LEU A 73 10.80 -2.40 5.02
N GLU A 74 11.04 -2.74 6.30
CA GLU A 74 11.82 -3.92 6.67
C GLU A 74 10.99 -5.18 6.45
N TYR A 75 9.68 -5.14 6.74
CA TYR A 75 8.76 -6.25 6.58
C TYR A 75 8.73 -6.72 5.13
N LEU A 76 8.63 -5.77 4.19
CA LEU A 76 8.66 -6.05 2.76
C LEU A 76 10.09 -6.32 2.28
N GLY A 77 11.10 -5.70 2.91
CA GLY A 77 12.50 -5.89 2.56
C GLY A 77 12.98 -7.32 2.84
N ASN A 78 12.46 -7.96 3.88
CA ASN A 78 12.77 -9.35 4.25
C ASN A 78 12.30 -10.30 3.14
N PRO A 79 13.21 -11.01 2.44
CA PRO A 79 12.80 -11.85 1.31
C PRO A 79 12.05 -13.12 1.72
N ALA A 80 12.09 -13.52 3.00
CA ALA A 80 11.22 -14.58 3.51
C ALA A 80 9.74 -14.17 3.43
N ASN A 81 9.47 -12.88 3.20
CA ASN A 81 8.16 -12.26 3.19
C ASN A 81 8.01 -11.38 1.94
N TYR A 82 8.78 -11.65 0.88
CA TYR A 82 8.60 -11.02 -0.43
C TYR A 82 7.20 -11.29 -1.01
N PRO A 83 6.71 -12.54 -1.15
CA PRO A 83 5.39 -12.78 -1.71
C PRO A 83 4.31 -12.39 -0.69
N VAL A 84 3.55 -11.34 -0.97
CA VAL A 84 2.48 -10.85 -0.10
C VAL A 84 1.36 -10.23 -0.94
N SER A 85 0.13 -10.28 -0.42
CA SER A 85 -0.98 -9.53 -0.96
C SER A 85 -0.87 -8.13 -0.34
N ILE A 86 -1.20 -7.08 -1.08
CA ILE A 86 -1.14 -5.72 -0.57
C ILE A 86 -2.44 -5.03 -0.97
N ARG A 87 -3.01 -4.29 -0.02
CA ARG A 87 -4.14 -3.38 -0.21
C ARG A 87 -3.51 -2.01 -0.21
N PHE A 88 -3.70 -1.25 -1.28
CA PHE A 88 -3.29 0.14 -1.40
C PHE A 88 -4.55 1.01 -1.34
N GLY A 89 -4.37 2.33 -1.35
CA GLY A 89 -5.46 3.28 -1.44
C GLY A 89 -4.92 4.69 -1.65
N ARG A 90 -5.82 5.63 -1.89
CA ARG A 90 -5.47 7.05 -1.88
C ARG A 90 -5.13 7.40 -0.42
N PRO A 91 -4.10 8.23 -0.15
CA PRO A 91 -3.85 8.71 1.22
C PRO A 91 -5.08 9.43 1.77
N ARG A 92 -5.27 9.41 3.10
CA ARG A 92 -6.29 10.25 3.75
C ARG A 92 -5.91 11.72 3.53
N LEU A 93 -6.94 12.58 3.48
CA LEU A 93 -6.82 14.03 3.30
C LEU A 93 -7.76 14.68 4.33
N THR A 94 -7.94 16.01 4.31
CA THR A 94 -8.96 16.67 5.10
C THR A 94 -10.33 16.07 4.78
N SER A 95 -10.68 16.03 3.49
CA SER A 95 -11.84 15.34 2.97
C SER A 95 -11.82 13.85 3.32
N ASN A 96 -13.02 13.25 3.40
CA ASN A 96 -13.18 11.80 3.51
C ASN A 96 -12.45 11.16 2.33
N MET A 1 -8.43 -1.27 20.30
CA MET A 1 -8.09 -2.11 19.13
C MET A 1 -8.57 -1.43 17.84
N GLY A 2 -7.83 -1.61 16.74
CA GLY A 2 -8.21 -1.09 15.42
C GLY A 2 -7.41 -1.82 14.35
N HIS A 3 -6.08 -1.88 14.50
CA HIS A 3 -5.25 -2.73 13.66
C HIS A 3 -5.66 -4.19 13.85
N HIS A 4 -5.45 -5.04 12.84
CA HIS A 4 -5.95 -6.41 12.70
C HIS A 4 -7.47 -6.45 12.54
N HIS A 5 -8.22 -5.71 13.36
CA HIS A 5 -9.68 -5.71 13.36
C HIS A 5 -10.22 -5.03 12.09
N HIS A 6 -9.63 -3.92 11.68
CA HIS A 6 -10.03 -3.21 10.47
C HIS A 6 -9.70 -4.09 9.25
N HIS A 7 -10.71 -4.32 8.41
CA HIS A 7 -10.62 -5.07 7.17
C HIS A 7 -11.80 -4.61 6.29
N HIS A 8 -11.77 -4.97 5.00
CA HIS A 8 -12.81 -4.63 4.03
C HIS A 8 -12.86 -5.71 2.94
N LEU A 9 -13.84 -5.62 2.03
CA LEU A 9 -13.96 -6.52 0.88
C LEU A 9 -12.67 -6.49 0.05
N ASP A 10 -12.30 -7.62 -0.54
CA ASP A 10 -11.09 -7.81 -1.36
C ASP A 10 -10.97 -6.79 -2.51
N SER A 11 -12.12 -6.41 -3.07
CA SER A 11 -12.28 -5.47 -4.17
C SER A 11 -11.83 -4.04 -3.82
N TYR A 12 -11.84 -3.16 -4.83
CA TYR A 12 -11.64 -1.73 -4.62
C TYR A 12 -12.78 -1.15 -3.76
N ALA A 13 -12.57 0.05 -3.23
CA ALA A 13 -13.50 0.81 -2.42
C ALA A 13 -13.30 2.30 -2.72
N PRO A 14 -14.18 3.22 -2.27
CA PRO A 14 -14.10 4.65 -2.57
C PRO A 14 -12.74 5.33 -2.31
N ARG A 15 -11.87 4.75 -1.47
CA ARG A 15 -10.53 5.27 -1.20
C ARG A 15 -9.45 4.17 -1.23
N ALA A 16 -9.72 2.99 -1.78
CA ALA A 16 -8.78 1.87 -1.76
C ALA A 16 -8.76 1.18 -3.13
N GLU A 17 -7.57 0.80 -3.57
CA GLU A 17 -7.28 0.33 -4.93
C GLU A 17 -7.19 -1.22 -5.00
N ALA A 18 -7.88 -1.92 -4.09
CA ALA A 18 -8.03 -3.37 -4.01
C ALA A 18 -6.77 -4.10 -3.52
N GLU A 19 -6.93 -5.38 -3.16
CA GLU A 19 -5.83 -6.28 -2.84
C GLU A 19 -5.26 -6.89 -4.12
N LYS A 20 -3.93 -6.98 -4.22
CA LYS A 20 -3.23 -7.72 -5.27
C LYS A 20 -2.05 -8.46 -4.64
N THR A 21 -1.58 -9.52 -5.28
CA THR A 21 -0.35 -10.21 -4.93
C THR A 21 0.85 -9.42 -5.47
N PHE A 22 1.97 -9.42 -4.73
CA PHE A 22 3.21 -8.75 -5.08
C PHE A 22 4.41 -9.62 -4.70
N SER A 23 5.53 -9.31 -5.35
CA SER A 23 6.86 -9.86 -5.17
C SER A 23 7.86 -8.73 -5.46
N TYR A 24 9.15 -8.97 -5.27
CA TYR A 24 10.23 -8.00 -5.49
C TYR A 24 11.43 -8.71 -6.14
N PRO A 25 12.42 -7.99 -6.72
CA PRO A 25 12.46 -6.54 -6.99
C PRO A 25 11.27 -6.02 -7.80
N LEU A 26 10.73 -6.85 -8.71
CA LEU A 26 9.63 -6.51 -9.62
C LEU A 26 9.90 -5.13 -10.25
N ASP A 27 8.98 -4.16 -10.14
CA ASP A 27 9.13 -2.84 -10.74
C ASP A 27 8.34 -1.78 -9.95
N LEU A 28 8.43 -1.84 -8.62
CA LEU A 28 7.81 -0.92 -7.68
C LEU A 28 8.71 -0.70 -6.47
N LEU A 29 8.48 0.37 -5.71
CA LEU A 29 9.31 0.79 -4.58
C LEU A 29 8.44 1.61 -3.62
N LEU A 30 8.78 1.62 -2.33
CA LEU A 30 8.08 2.37 -1.29
C LEU A 30 9.07 3.33 -0.60
N LYS A 31 8.55 4.42 -0.02
CA LYS A 31 9.33 5.35 0.82
C LYS A 31 8.45 5.87 1.95
N LEU A 32 9.05 6.28 3.06
CA LEU A 32 8.34 6.91 4.18
C LEU A 32 8.17 8.40 3.87
N HIS A 33 6.95 8.90 3.94
CA HIS A 33 6.61 10.33 3.84
C HIS A 33 5.28 10.56 4.55
N ASP A 34 5.12 11.72 5.20
CA ASP A 34 3.90 12.09 5.93
C ASP A 34 3.44 10.99 6.89
N GLU A 35 4.44 10.43 7.61
CA GLU A 35 4.35 9.30 8.55
C GLU A 35 3.62 8.05 8.00
N ARG A 36 3.61 7.84 6.68
CA ARG A 36 3.14 6.59 6.07
C ARG A 36 4.11 6.12 4.99
N VAL A 37 4.05 4.84 4.63
CA VAL A 37 4.77 4.38 3.45
C VAL A 37 3.91 4.74 2.25
N LEU A 38 4.50 5.35 1.24
CA LEU A 38 3.86 5.70 -0.02
C LEU A 38 4.60 4.98 -1.14
N VAL A 39 3.89 4.74 -2.25
CA VAL A 39 4.44 4.23 -3.50
C VAL A 39 5.43 5.28 -4.01
N ALA A 40 6.72 4.98 -3.91
CA ALA A 40 7.78 5.80 -4.49
C ALA A 40 7.81 5.63 -6.01
N PHE A 41 7.55 4.40 -6.47
CA PHE A 41 7.46 4.04 -7.87
C PHE A 41 6.55 2.83 -7.99
N GLY A 42 5.86 2.69 -9.11
CA GLY A 42 4.93 1.60 -9.38
C GLY A 42 4.16 1.89 -10.67
N GLN A 43 3.70 3.14 -10.81
CA GLN A 43 3.12 3.76 -12.00
C GLN A 43 2.15 2.87 -12.80
N ARG A 44 1.31 2.09 -12.10
CA ARG A 44 0.34 1.18 -12.71
C ARG A 44 -0.94 1.25 -11.90
N ASP A 45 -2.06 0.88 -12.52
CA ASP A 45 -3.34 0.73 -11.82
C ASP A 45 -3.15 -0.23 -10.64
N GLY A 46 -3.48 0.24 -9.43
CA GLY A 46 -3.34 -0.53 -8.20
C GLY A 46 -2.10 -0.15 -7.39
N ILE A 47 -1.12 0.54 -7.98
CA ILE A 47 0.12 1.03 -7.36
C ILE A 47 0.43 2.41 -7.95
N ARG A 48 -0.55 3.32 -7.86
CA ARG A 48 -0.43 4.71 -8.29
C ARG A 48 0.65 5.37 -7.44
N VAL A 49 1.56 6.12 -8.06
CA VAL A 49 2.62 6.82 -7.33
C VAL A 49 1.97 7.78 -6.32
N GLY A 50 2.49 7.81 -5.10
CA GLY A 50 2.01 8.69 -4.04
C GLY A 50 0.82 8.13 -3.26
N HIS A 51 0.22 7.00 -3.66
CA HIS A 51 -0.76 6.32 -2.82
C HIS A 51 -0.04 5.64 -1.67
N ALA A 52 -0.79 5.24 -0.63
CA ALA A 52 -0.26 4.68 0.60
C ALA A 52 -0.60 3.21 0.70
N VAL A 53 0.19 2.45 1.46
CA VAL A 53 -0.19 1.08 1.81
C VAL A 53 -1.33 1.22 2.82
N LEU A 54 -2.36 0.39 2.67
CA LEU A 54 -3.52 0.33 3.55
C LEU A 54 -3.51 -0.99 4.31
N ALA A 55 -3.10 -2.10 3.68
CA ALA A 55 -2.94 -3.36 4.41
C ALA A 55 -1.87 -4.24 3.76
N ILE A 56 -1.35 -5.20 4.52
CA ILE A 56 -0.45 -6.24 4.02
C ILE A 56 -0.99 -7.55 4.60
N ASN A 57 -1.12 -8.57 3.75
CA ASN A 57 -1.71 -9.87 4.04
C ASN A 57 -3.05 -9.75 4.80
N GLY A 58 -3.80 -8.67 4.52
CA GLY A 58 -5.10 -8.38 5.11
C GLY A 58 -5.02 -7.60 6.43
N MET A 59 -3.83 -7.42 7.02
CA MET A 59 -3.63 -6.66 8.24
C MET A 59 -3.52 -5.18 7.87
N ASP A 60 -4.47 -4.36 8.35
CA ASP A 60 -4.42 -2.91 8.29
C ASP A 60 -3.07 -2.39 8.82
N VAL A 61 -2.32 -1.60 8.04
CA VAL A 61 -1.04 -1.09 8.49
C VAL A 61 -1.25 0.16 9.36
N ASN A 62 -0.45 0.27 10.42
CA ASN A 62 -0.33 1.45 11.27
C ASN A 62 0.60 2.45 10.56
N GLY A 63 0.14 3.01 9.43
CA GLY A 63 0.79 4.07 8.67
C GLY A 63 2.04 3.62 7.92
N ARG A 64 3.07 3.24 8.65
CA ARG A 64 4.32 2.67 8.15
C ARG A 64 4.80 1.49 9.00
N TYR A 65 3.98 1.00 9.93
CA TYR A 65 4.28 -0.21 10.70
C TYR A 65 3.16 -1.22 10.44
N THR A 66 3.43 -2.51 10.53
CA THR A 66 2.37 -3.52 10.46
C THR A 66 1.47 -3.39 11.68
N ALA A 67 0.37 -4.14 11.65
CA ALA A 67 -0.49 -4.31 12.80
C ALA A 67 0.30 -4.92 13.97
N ASP A 68 1.21 -5.84 13.67
CA ASP A 68 2.08 -6.48 14.67
C ASP A 68 3.14 -5.50 15.19
N GLY A 69 3.68 -4.63 14.33
CA GLY A 69 4.52 -3.50 14.72
C GLY A 69 5.87 -3.39 14.00
N LYS A 70 6.20 -4.28 13.05
CA LYS A 70 7.43 -4.16 12.26
C LYS A 70 7.28 -2.95 11.36
N GLU A 71 8.35 -2.20 11.10
CA GLU A 71 8.29 -1.18 10.06
C GLU A 71 8.06 -1.89 8.74
N VAL A 72 7.10 -1.41 7.95
CA VAL A 72 6.68 -2.03 6.69
C VAL A 72 7.87 -2.16 5.73
N LEU A 73 8.77 -1.16 5.71
CA LEU A 73 9.95 -1.20 4.84
C LEU A 73 10.84 -2.38 5.21
N GLU A 74 11.02 -2.67 6.51
CA GLU A 74 11.82 -3.80 6.96
C GLU A 74 11.05 -5.11 6.72
N TYR A 75 9.74 -5.12 6.99
CA TYR A 75 8.91 -6.31 6.84
C TYR A 75 8.95 -6.79 5.39
N LEU A 76 8.71 -5.90 4.43
CA LEU A 76 8.71 -6.21 3.00
C LEU A 76 10.13 -6.35 2.48
N GLY A 77 11.09 -5.63 3.05
CA GLY A 77 12.49 -5.71 2.66
C GLY A 77 13.08 -7.10 2.91
N ASN A 78 12.67 -7.76 4.00
CA ASN A 78 13.04 -9.15 4.29
C ASN A 78 12.45 -10.06 3.19
N PRO A 79 13.26 -10.77 2.39
CA PRO A 79 12.75 -11.56 1.29
C PRO A 79 11.91 -12.78 1.72
N ALA A 80 11.92 -13.14 3.01
CA ALA A 80 10.98 -14.14 3.52
C ALA A 80 9.52 -13.67 3.36
N ASN A 81 9.32 -12.35 3.13
CA ASN A 81 8.02 -11.72 2.91
C ASN A 81 8.02 -11.01 1.54
N TYR A 82 8.87 -11.41 0.58
CA TYR A 82 8.74 -10.91 -0.79
C TYR A 82 7.38 -11.30 -1.39
N PRO A 83 7.01 -12.60 -1.47
CA PRO A 83 5.69 -12.98 -1.97
C PRO A 83 4.63 -12.70 -0.90
N VAL A 84 3.81 -11.67 -1.09
CA VAL A 84 2.75 -11.27 -0.16
C VAL A 84 1.57 -10.67 -0.93
N SER A 85 0.45 -10.42 -0.24
CA SER A 85 -0.67 -9.67 -0.78
C SER A 85 -0.65 -8.30 -0.10
N ILE A 86 -0.99 -7.23 -0.81
CA ILE A 86 -0.94 -5.86 -0.29
C ILE A 86 -2.19 -5.15 -0.82
N ARG A 87 -2.70 -4.21 -0.03
CA ARG A 87 -3.80 -3.31 -0.39
C ARG A 87 -3.25 -1.91 -0.28
N PHE A 88 -3.56 -1.07 -1.25
CA PHE A 88 -3.12 0.31 -1.33
C PHE A 88 -4.37 1.19 -1.39
N GLY A 89 -4.22 2.48 -1.11
CA GLY A 89 -5.33 3.41 -1.07
C GLY A 89 -4.84 4.83 -0.88
N ARG A 90 -5.79 5.75 -0.74
CA ARG A 90 -5.47 7.15 -0.46
C ARG A 90 -4.78 7.22 0.92
N PRO A 91 -3.79 8.10 1.12
CA PRO A 91 -3.16 8.36 2.42
C PRO A 91 -4.12 8.76 3.55
N ARG A 92 -3.57 9.19 4.68
CA ARG A 92 -4.34 9.68 5.84
C ARG A 92 -5.35 10.76 5.42
N LEU A 93 -4.96 11.63 4.49
CA LEU A 93 -5.84 12.57 3.82
C LEU A 93 -6.30 11.87 2.54
N THR A 94 -7.60 11.91 2.25
CA THR A 94 -8.17 11.23 1.08
C THR A 94 -7.78 11.92 -0.24
N SER A 95 -7.47 13.22 -0.21
CA SER A 95 -6.88 13.93 -1.33
C SER A 95 -5.48 13.35 -1.62
N ASN A 96 -5.14 13.13 -2.89
CA ASN A 96 -3.87 12.56 -3.31
C ASN A 96 -3.51 13.06 -4.69
N MET A 1 4.48 29.41 -14.65
CA MET A 1 4.95 29.52 -13.25
C MET A 1 5.51 28.17 -12.78
N GLY A 2 6.57 28.19 -11.96
CA GLY A 2 7.23 26.98 -11.47
C GLY A 2 8.14 27.32 -10.29
N HIS A 3 7.63 28.10 -9.34
CA HIS A 3 8.37 28.58 -8.18
C HIS A 3 8.84 27.43 -7.27
N HIS A 4 8.11 26.31 -7.29
CA HIS A 4 8.47 25.05 -6.66
C HIS A 4 7.83 23.92 -7.48
N HIS A 5 8.13 22.67 -7.13
CA HIS A 5 7.48 21.49 -7.68
C HIS A 5 7.36 20.46 -6.54
N HIS A 6 6.22 19.78 -6.49
CA HIS A 6 5.90 18.72 -5.53
C HIS A 6 5.12 17.65 -6.30
N HIS A 7 5.14 16.41 -5.81
CA HIS A 7 4.30 15.35 -6.36
C HIS A 7 2.84 15.80 -6.25
N HIS A 8 2.14 15.81 -7.39
CA HIS A 8 0.80 16.40 -7.48
C HIS A 8 -0.20 15.50 -6.76
N LEU A 9 -0.94 16.08 -5.80
CA LEU A 9 -2.08 15.45 -5.15
C LEU A 9 -3.11 15.09 -6.23
N ASP A 10 -3.79 13.94 -6.08
CA ASP A 10 -4.60 13.42 -7.17
C ASP A 10 -5.77 14.32 -7.58
N SER A 11 -5.95 14.43 -8.90
CA SER A 11 -6.88 15.29 -9.58
C SER A 11 -7.80 14.53 -10.54
N TYR A 12 -7.45 13.29 -10.92
CA TYR A 12 -8.25 12.52 -11.89
C TYR A 12 -8.04 11.00 -11.86
N ALA A 13 -7.01 10.45 -11.20
CA ALA A 13 -6.68 9.04 -11.35
C ALA A 13 -7.81 8.14 -10.81
N PRO A 14 -8.07 6.97 -11.44
CA PRO A 14 -9.10 6.05 -10.99
C PRO A 14 -8.73 5.36 -9.67
N ARG A 15 -9.71 4.67 -9.09
CA ARG A 15 -9.67 3.87 -7.85
C ARG A 15 -9.20 4.65 -6.62
N ALA A 16 -10.13 4.85 -5.68
CA ALA A 16 -9.83 5.37 -4.35
C ALA A 16 -8.89 4.43 -3.58
N GLU A 17 -9.04 3.13 -3.78
CA GLU A 17 -8.18 2.10 -3.19
C GLU A 17 -8.22 0.85 -4.07
N ALA A 18 -7.19 0.01 -3.97
CA ALA A 18 -7.03 -1.24 -4.70
C ALA A 18 -6.20 -2.21 -3.86
N GLU A 19 -6.13 -3.47 -4.30
CA GLU A 19 -5.39 -4.53 -3.63
C GLU A 19 -4.75 -5.40 -4.71
N LYS A 20 -3.49 -5.79 -4.53
CA LYS A 20 -2.72 -6.55 -5.53
C LYS A 20 -1.60 -7.31 -4.81
N THR A 21 -0.97 -8.26 -5.50
CA THR A 21 0.12 -9.08 -4.97
C THR A 21 1.30 -8.98 -5.94
N PHE A 22 2.50 -8.96 -5.35
CA PHE A 22 3.77 -8.72 -6.00
C PHE A 22 4.80 -9.65 -5.34
N SER A 23 6.06 -9.57 -5.76
CA SER A 23 7.16 -10.23 -5.07
C SER A 23 8.44 -9.44 -5.33
N TYR A 24 9.41 -9.60 -4.44
CA TYR A 24 10.75 -9.09 -4.66
C TYR A 24 11.44 -10.05 -5.65
N PRO A 25 12.44 -9.61 -6.43
CA PRO A 25 12.87 -8.22 -6.61
C PRO A 25 11.99 -7.49 -7.64
N LEU A 26 10.97 -8.16 -8.22
CA LEU A 26 10.16 -7.65 -9.33
C LEU A 26 9.54 -6.29 -8.98
N ASP A 27 9.09 -6.10 -7.74
CA ASP A 27 8.69 -4.80 -7.23
C ASP A 27 9.07 -4.67 -5.76
N LEU A 28 9.49 -3.46 -5.40
CA LEU A 28 9.86 -2.99 -4.06
C LEU A 28 9.82 -1.45 -4.02
N LEU A 29 9.21 -0.81 -5.02
CA LEU A 29 9.26 0.63 -5.25
C LEU A 29 8.23 1.36 -4.37
N LEU A 30 8.48 1.36 -3.06
CA LEU A 30 7.72 2.12 -2.07
C LEU A 30 8.69 2.82 -1.12
N LYS A 31 8.26 3.92 -0.48
CA LYS A 31 9.09 4.68 0.47
C LYS A 31 8.26 5.10 1.68
N LEU A 32 8.90 5.23 2.84
CA LEU A 32 8.25 5.70 4.06
C LEU A 32 8.14 7.22 3.96
N HIS A 33 6.93 7.77 4.09
CA HIS A 33 6.66 9.19 3.97
C HIS A 33 5.38 9.50 4.76
N ASP A 34 5.33 10.67 5.41
CA ASP A 34 4.20 11.15 6.21
C ASP A 34 3.67 10.09 7.19
N GLU A 35 4.59 9.37 7.83
CA GLU A 35 4.35 8.25 8.76
C GLU A 35 3.45 7.15 8.17
N ARG A 36 3.46 7.01 6.84
CA ARG A 36 2.86 5.94 6.06
C ARG A 36 3.99 5.39 5.17
N VAL A 37 3.66 4.45 4.29
CA VAL A 37 4.55 4.00 3.24
C VAL A 37 3.72 4.16 1.97
N LEU A 38 4.33 4.76 0.94
CA LEU A 38 3.65 5.21 -0.27
C LEU A 38 4.28 4.51 -1.46
N VAL A 39 3.47 4.23 -2.48
CA VAL A 39 3.89 3.75 -3.78
C VAL A 39 4.83 4.80 -4.38
N ALA A 40 6.12 4.49 -4.50
CA ALA A 40 7.14 5.42 -5.00
C ALA A 40 7.13 5.50 -6.52
N PHE A 41 6.76 4.40 -7.19
CA PHE A 41 6.48 4.33 -8.62
C PHE A 41 5.53 3.15 -8.85
N GLY A 42 4.79 3.16 -9.96
CA GLY A 42 3.85 2.10 -10.29
C GLY A 42 3.13 2.27 -11.61
N GLN A 43 3.39 3.32 -12.40
CA GLN A 43 2.67 3.57 -13.65
C GLN A 43 2.90 2.43 -14.65
N ARG A 44 4.11 1.85 -14.68
CA ARG A 44 4.45 0.72 -15.54
C ARG A 44 3.63 -0.51 -15.14
N ASP A 45 3.47 -0.75 -13.83
CA ASP A 45 2.69 -1.88 -13.33
C ASP A 45 1.19 -1.68 -13.59
N GLY A 46 0.71 -0.44 -13.44
CA GLY A 46 -0.64 -0.03 -13.77
C GLY A 46 -1.37 0.65 -12.60
N ILE A 47 -0.65 1.25 -11.64
CA ILE A 47 -1.23 1.84 -10.44
C ILE A 47 -0.70 3.28 -10.25
N ARG A 48 -1.48 4.15 -9.61
CA ARG A 48 -1.07 5.53 -9.39
C ARG A 48 0.08 5.57 -8.39
N VAL A 49 1.04 6.46 -8.62
CA VAL A 49 2.08 6.79 -7.67
C VAL A 49 1.41 7.53 -6.50
N GLY A 50 2.00 7.51 -5.31
CA GLY A 50 1.57 8.36 -4.20
C GLY A 50 0.42 7.78 -3.38
N HIS A 51 -0.18 6.64 -3.79
CA HIS A 51 -1.11 5.93 -2.93
C HIS A 51 -0.34 5.48 -1.68
N ALA A 52 -0.95 5.65 -0.51
CA ALA A 52 -0.43 5.15 0.75
C ALA A 52 -0.91 3.71 0.92
N VAL A 53 -0.11 2.88 1.57
CA VAL A 53 -0.51 1.53 1.94
C VAL A 53 -1.50 1.62 3.11
N LEU A 54 -2.56 0.82 3.02
CA LEU A 54 -3.58 0.64 4.04
C LEU A 54 -3.34 -0.71 4.74
N ALA A 55 -2.90 -1.75 4.01
CA ALA A 55 -2.63 -3.06 4.61
C ALA A 55 -1.54 -3.80 3.83
N ILE A 56 -0.90 -4.78 4.46
CA ILE A 56 0.07 -5.69 3.85
C ILE A 56 -0.30 -7.08 4.38
N ASN A 57 -0.24 -8.11 3.51
CA ASN A 57 -0.53 -9.51 3.80
C ASN A 57 -1.84 -9.70 4.58
N GLY A 58 -2.83 -8.84 4.30
CA GLY A 58 -4.16 -8.89 4.90
C GLY A 58 -4.21 -8.32 6.32
N MET A 59 -3.18 -7.60 6.75
CA MET A 59 -3.09 -6.95 8.07
C MET A 59 -2.97 -5.44 7.82
N ASP A 60 -3.92 -4.69 8.37
CA ASP A 60 -3.90 -3.22 8.40
C ASP A 60 -2.55 -2.72 8.92
N VAL A 61 -2.00 -1.67 8.31
CA VAL A 61 -0.79 -1.03 8.81
C VAL A 61 -1.19 0.25 9.53
N ASN A 62 -0.81 0.32 10.81
CA ASN A 62 -0.88 1.49 11.64
C ASN A 62 0.22 2.45 11.18
N GLY A 63 -0.09 3.26 10.16
CA GLY A 63 0.84 4.20 9.57
C GLY A 63 2.02 3.47 8.96
N ARG A 64 3.15 3.45 9.66
CA ARG A 64 4.41 2.88 9.22
C ARG A 64 4.73 1.56 9.94
N TYR A 65 3.79 1.00 10.70
CA TYR A 65 3.99 -0.27 11.41
C TYR A 65 2.83 -1.21 11.08
N THR A 66 3.07 -2.52 11.08
CA THR A 66 1.99 -3.49 10.90
C THR A 66 1.09 -3.52 12.14
N ALA A 67 0.01 -4.30 12.05
CA ALA A 67 -0.84 -4.62 13.20
C ALA A 67 -0.02 -5.25 14.33
N ASP A 68 0.95 -6.10 13.97
CA ASP A 68 1.86 -6.74 14.92
C ASP A 68 2.88 -5.73 15.47
N GLY A 69 3.38 -4.83 14.62
CA GLY A 69 4.27 -3.73 15.02
C GLY A 69 5.57 -3.66 14.21
N LYS A 70 5.80 -4.58 13.26
CA LYS A 70 6.94 -4.56 12.36
C LYS A 70 6.93 -3.25 11.58
N GLU A 71 8.07 -2.57 11.44
CA GLU A 71 8.13 -1.43 10.53
C GLU A 71 7.94 -1.96 9.12
N VAL A 72 7.04 -1.32 8.36
CA VAL A 72 6.57 -1.81 7.07
C VAL A 72 7.69 -2.02 6.05
N LEU A 73 8.70 -1.15 6.01
CA LEU A 73 9.80 -1.33 5.06
C LEU A 73 10.66 -2.53 5.44
N GLU A 74 10.90 -2.75 6.75
CA GLU A 74 11.64 -3.91 7.22
C GLU A 74 10.82 -5.18 6.95
N TYR A 75 9.51 -5.12 7.19
CA TYR A 75 8.59 -6.23 6.98
C TYR A 75 8.58 -6.68 5.52
N LEU A 76 8.49 -5.72 4.59
CA LEU A 76 8.48 -6.02 3.16
C LEU A 76 9.88 -6.47 2.71
N GLY A 77 10.93 -5.87 3.27
CA GLY A 77 12.32 -6.14 2.89
C GLY A 77 12.80 -7.51 3.37
N ASN A 78 12.24 -8.02 4.47
CA ASN A 78 12.58 -9.32 5.07
C ASN A 78 12.48 -10.43 4.02
N PRO A 79 13.56 -11.15 3.68
CA PRO A 79 13.51 -12.15 2.61
C PRO A 79 12.66 -13.38 2.97
N ALA A 80 12.29 -13.58 4.24
CA ALA A 80 11.31 -14.59 4.63
C ALA A 80 9.89 -14.25 4.13
N ASN A 81 9.68 -13.02 3.66
CA ASN A 81 8.40 -12.44 3.26
C ASN A 81 8.55 -11.84 1.85
N TYR A 82 9.25 -12.55 0.98
CA TYR A 82 9.55 -12.13 -0.39
C TYR A 82 8.29 -11.90 -1.25
N PRO A 83 7.28 -12.80 -1.28
CA PRO A 83 6.00 -12.49 -1.91
C PRO A 83 5.20 -11.60 -0.96
N VAL A 84 4.52 -10.58 -1.47
CA VAL A 84 3.85 -9.57 -0.66
C VAL A 84 2.51 -9.22 -1.32
N SER A 85 1.43 -9.23 -0.53
CA SER A 85 0.12 -8.72 -0.95
C SER A 85 -0.07 -7.38 -0.25
N ILE A 86 -0.60 -6.37 -0.93
CA ILE A 86 -0.67 -5.01 -0.41
C ILE A 86 -2.04 -4.44 -0.81
N ARG A 87 -2.67 -3.70 0.10
CA ARG A 87 -3.86 -2.89 -0.17
C ARG A 87 -3.44 -1.45 0.05
N PHE A 88 -3.79 -0.56 -0.87
CA PHE A 88 -3.31 0.80 -0.93
C PHE A 88 -4.40 1.70 -1.51
N GLY A 89 -4.30 3.01 -1.30
CA GLY A 89 -5.29 3.98 -1.71
C GLY A 89 -4.82 5.38 -1.35
N ARG A 90 -5.66 6.41 -1.54
CA ARG A 90 -5.30 7.75 -1.07
C ARG A 90 -5.31 7.72 0.46
N PRO A 91 -4.38 8.42 1.15
CA PRO A 91 -4.32 8.43 2.61
C PRO A 91 -5.57 9.08 3.24
N ARG A 92 -6.20 10.00 2.52
CA ARG A 92 -7.50 10.60 2.81
C ARG A 92 -8.21 10.69 1.45
N LEU A 93 -9.52 10.46 1.40
CA LEU A 93 -10.23 10.43 0.13
C LEU A 93 -10.09 11.78 -0.55
N THR A 94 -9.54 11.70 -1.75
CA THR A 94 -9.17 12.81 -2.61
C THR A 94 -9.19 12.26 -4.04
N SER A 95 -9.74 13.00 -5.00
CA SER A 95 -9.82 12.58 -6.40
C SER A 95 -9.99 13.77 -7.37
N ASN A 96 -9.84 15.00 -6.88
CA ASN A 96 -10.05 16.24 -7.62
C ASN A 96 -9.20 17.33 -6.99
N MET A 1 -33.82 4.21 23.84
CA MET A 1 -32.40 4.29 24.27
C MET A 1 -31.48 4.16 23.04
N GLY A 2 -31.23 2.94 22.55
CA GLY A 2 -30.34 2.68 21.42
C GLY A 2 -30.24 1.17 21.19
N HIS A 3 -29.39 0.78 20.24
CA HIS A 3 -29.23 -0.62 19.80
C HIS A 3 -27.76 -1.05 19.76
N HIS A 4 -26.86 -0.24 20.32
CA HIS A 4 -25.40 -0.46 20.33
C HIS A 4 -24.85 -0.79 18.94
N HIS A 5 -25.40 -0.15 17.90
CA HIS A 5 -25.06 -0.37 16.50
C HIS A 5 -25.31 0.94 15.74
N HIS A 6 -24.72 1.10 14.57
CA HIS A 6 -24.89 2.22 13.67
C HIS A 6 -24.62 1.75 12.24
N HIS A 7 -25.07 2.50 11.24
CA HIS A 7 -24.71 2.26 9.85
C HIS A 7 -23.18 2.35 9.72
N HIS A 8 -22.55 1.29 9.21
CA HIS A 8 -21.10 1.25 9.03
C HIS A 8 -20.65 1.97 7.76
N LEU A 9 -21.60 2.38 6.89
CA LEU A 9 -21.36 3.24 5.74
C LEU A 9 -21.12 4.69 6.23
N ASP A 10 -20.04 4.87 6.97
CA ASP A 10 -19.63 6.10 7.63
C ASP A 10 -18.11 6.25 7.64
N SER A 11 -17.39 5.13 7.71
CA SER A 11 -15.94 5.06 7.65
C SER A 11 -15.41 5.57 6.29
N TYR A 12 -14.13 5.97 6.28
CA TYR A 12 -13.47 6.57 5.11
C TYR A 12 -12.01 6.12 5.05
N ALA A 13 -11.31 6.20 6.19
CA ALA A 13 -9.91 5.83 6.35
C ALA A 13 -9.54 4.41 5.82
N PRO A 14 -10.41 3.38 5.84
CA PRO A 14 -10.11 2.07 5.24
C PRO A 14 -9.96 2.07 3.70
N ARG A 15 -10.32 3.15 2.99
CA ARG A 15 -10.38 3.18 1.52
C ARG A 15 -9.08 2.67 0.90
N ALA A 16 -9.17 1.62 0.09
CA ALA A 16 -8.07 1.03 -0.65
C ALA A 16 -8.61 0.48 -1.97
N GLU A 17 -7.72 0.28 -2.94
CA GLU A 17 -8.01 -0.43 -4.18
C GLU A 17 -8.06 -1.95 -3.87
N ALA A 18 -8.56 -2.76 -4.81
CA ALA A 18 -8.63 -4.21 -4.62
C ALA A 18 -7.23 -4.84 -4.59
N GLU A 19 -6.32 -4.34 -5.44
CA GLU A 19 -4.97 -4.86 -5.64
C GLU A 19 -4.92 -6.39 -5.83
N LYS A 20 -3.78 -7.02 -5.53
CA LYS A 20 -3.44 -8.40 -5.83
C LYS A 20 -2.33 -8.86 -4.87
N THR A 21 -1.97 -10.13 -4.91
CA THR A 21 -0.78 -10.61 -4.21
C THR A 21 0.45 -10.27 -5.06
N PHE A 22 1.54 -9.90 -4.38
CA PHE A 22 2.78 -9.43 -4.95
C PHE A 22 3.91 -10.41 -4.61
N SER A 23 5.02 -10.27 -5.32
CA SER A 23 6.30 -10.94 -5.04
C SER A 23 7.41 -9.96 -5.46
N TYR A 24 8.66 -10.24 -5.08
CA TYR A 24 9.79 -9.35 -5.27
C TYR A 24 10.82 -10.00 -6.22
N PRO A 25 11.74 -9.25 -6.84
CA PRO A 25 11.78 -7.79 -6.90
C PRO A 25 10.53 -7.24 -7.61
N LEU A 26 10.23 -5.96 -7.38
CA LEU A 26 8.97 -5.33 -7.78
C LEU A 26 9.22 -3.92 -8.33
N ASP A 27 8.37 -3.48 -9.26
CA ASP A 27 8.44 -2.18 -9.91
C ASP A 27 8.15 -1.03 -8.93
N LEU A 28 7.30 -1.26 -7.93
CA LEU A 28 6.99 -0.28 -6.89
C LEU A 28 8.25 0.05 -6.08
N LEU A 29 8.37 1.31 -5.65
CA LEU A 29 9.42 1.80 -4.76
C LEU A 29 8.74 2.77 -3.82
N LEU A 30 8.99 2.65 -2.52
CA LEU A 30 8.26 3.37 -1.47
C LEU A 30 9.20 4.36 -0.77
N LYS A 31 8.62 5.40 -0.17
CA LYS A 31 9.30 6.34 0.71
C LYS A 31 8.45 6.55 1.96
N LEU A 32 9.08 6.75 3.12
CA LEU A 32 8.41 7.06 4.37
C LEU A 32 7.98 8.52 4.29
N HIS A 33 6.72 8.83 4.60
CA HIS A 33 6.19 10.18 4.67
C HIS A 33 5.06 10.19 5.69
N ASP A 34 5.10 11.14 6.63
CA ASP A 34 4.06 11.39 7.64
C ASP A 34 3.61 10.09 8.34
N GLU A 35 4.61 9.31 8.77
CA GLU A 35 4.46 8.00 9.43
C GLU A 35 3.75 6.93 8.60
N ARG A 36 3.51 7.16 7.30
CA ARG A 36 3.05 6.16 6.33
C ARG A 36 4.19 5.85 5.36
N VAL A 37 3.95 4.95 4.41
CA VAL A 37 4.87 4.71 3.29
C VAL A 37 4.06 4.93 2.02
N LEU A 38 4.60 5.70 1.09
CA LEU A 38 3.94 6.16 -0.11
C LEU A 38 4.72 5.66 -1.32
N VAL A 39 4.00 5.29 -2.38
CA VAL A 39 4.53 4.88 -3.67
C VAL A 39 5.22 6.09 -4.29
N ALA A 40 6.55 6.09 -4.30
CA ALA A 40 7.38 7.13 -4.90
C ALA A 40 7.59 6.86 -6.39
N PHE A 41 7.59 5.59 -6.79
CA PHE A 41 7.64 5.16 -8.19
C PHE A 41 6.89 3.83 -8.29
N GLY A 42 6.34 3.57 -9.47
CA GLY A 42 5.56 2.37 -9.76
C GLY A 42 4.95 2.47 -11.15
N GLN A 43 5.72 3.02 -12.11
CA GLN A 43 5.25 3.41 -13.43
C GLN A 43 4.87 2.24 -14.36
N ARG A 44 5.06 0.97 -13.97
CA ARG A 44 4.65 -0.20 -14.75
C ARG A 44 3.58 -0.99 -14.01
N ASP A 45 3.67 -1.10 -12.68
CA ASP A 45 2.62 -1.76 -11.90
C ASP A 45 1.36 -0.88 -11.83
N GLY A 46 1.52 0.44 -11.96
CA GLY A 46 0.46 1.44 -11.90
C GLY A 46 0.95 2.72 -12.58
N ILE A 47 0.45 3.88 -12.13
CA ILE A 47 0.91 5.18 -12.63
C ILE A 47 0.73 6.30 -11.59
N ARG A 48 -0.36 6.29 -10.81
CA ARG A 48 -0.65 7.34 -9.83
C ARG A 48 0.21 7.16 -8.57
N VAL A 49 1.44 7.64 -8.62
CA VAL A 49 2.30 7.75 -7.44
C VAL A 49 1.59 8.60 -6.37
N GLY A 50 2.00 8.46 -5.11
CA GLY A 50 1.34 9.11 -3.98
C GLY A 50 0.32 8.21 -3.28
N HIS A 51 0.04 7.01 -3.83
CA HIS A 51 -0.73 6.00 -3.11
C HIS A 51 0.08 5.58 -1.88
N ALA A 52 -0.56 5.01 -0.87
CA ALA A 52 0.07 4.52 0.34
C ALA A 52 -0.27 3.06 0.54
N VAL A 53 0.60 2.31 1.22
CA VAL A 53 0.26 0.96 1.64
C VAL A 53 -0.89 1.11 2.64
N LEU A 54 -1.90 0.23 2.52
CA LEU A 54 -3.14 0.29 3.29
C LEU A 54 -3.32 -1.00 4.08
N ALA A 55 -2.94 -2.15 3.52
CA ALA A 55 -2.86 -3.41 4.27
C ALA A 55 -1.73 -4.27 3.73
N ILE A 56 -1.23 -5.20 4.55
CA ILE A 56 -0.28 -6.23 4.17
C ILE A 56 -0.80 -7.52 4.84
N ASN A 57 -0.73 -8.65 4.12
CA ASN A 57 -1.13 -9.99 4.53
C ASN A 57 -2.46 -9.99 5.29
N GLY A 58 -3.40 -9.16 4.83
CA GLY A 58 -4.78 -9.12 5.32
C GLY A 58 -4.97 -8.23 6.56
N MET A 59 -3.97 -7.44 6.96
CA MET A 59 -4.01 -6.58 8.13
C MET A 59 -3.77 -5.13 7.69
N ASP A 60 -4.74 -4.26 7.96
CA ASP A 60 -4.63 -2.81 7.77
C ASP A 60 -3.41 -2.30 8.55
N VAL A 61 -2.53 -1.53 7.90
CA VAL A 61 -1.24 -1.14 8.49
C VAL A 61 -1.37 0.15 9.29
N ASN A 62 -0.62 0.25 10.39
CA ASN A 62 -0.41 1.46 11.17
C ASN A 62 0.64 2.31 10.44
N GLY A 63 0.30 2.73 9.22
CA GLY A 63 1.19 3.45 8.33
C GLY A 63 2.45 2.65 8.03
N ARG A 64 3.60 3.12 8.51
CA ARG A 64 4.89 2.46 8.27
C ARG A 64 5.13 1.29 9.21
N TYR A 65 4.18 0.95 10.08
CA TYR A 65 4.25 -0.25 10.91
C TYR A 65 3.06 -1.15 10.60
N THR A 66 3.23 -2.48 10.70
CA THR A 66 2.11 -3.41 10.59
C THR A 66 1.21 -3.28 11.81
N ALA A 67 0.09 -4.03 11.78
CA ALA A 67 -0.77 -4.21 12.94
C ALA A 67 0.02 -4.83 14.11
N ASP A 68 0.92 -5.77 13.80
CA ASP A 68 1.77 -6.44 14.78
C ASP A 68 2.86 -5.51 15.31
N GLY A 69 3.42 -4.65 14.45
CA GLY A 69 4.39 -3.63 14.80
C GLY A 69 5.73 -3.74 14.07
N LYS A 70 5.86 -4.65 13.10
CA LYS A 70 7.03 -4.69 12.21
C LYS A 70 7.05 -3.40 11.42
N GLU A 71 8.22 -2.80 11.19
CA GLU A 71 8.30 -1.69 10.24
C GLU A 71 8.10 -2.31 8.86
N VAL A 72 7.13 -1.80 8.09
CA VAL A 72 6.72 -2.41 6.83
C VAL A 72 7.88 -2.46 5.82
N LEU A 73 8.78 -1.48 5.85
CA LEU A 73 9.92 -1.44 4.93
C LEU A 73 10.84 -2.63 5.20
N GLU A 74 11.09 -2.95 6.47
CA GLU A 74 11.89 -4.12 6.84
C GLU A 74 11.12 -5.39 6.48
N TYR A 75 9.83 -5.44 6.83
CA TYR A 75 8.99 -6.61 6.62
C TYR A 75 8.94 -7.00 5.13
N LEU A 76 8.74 -6.01 4.26
CA LEU A 76 8.63 -6.22 2.82
C LEU A 76 10.01 -6.42 2.20
N GLY A 77 11.05 -5.75 2.73
CA GLY A 77 12.41 -5.87 2.24
C GLY A 77 13.04 -7.23 2.54
N ASN A 78 12.65 -7.87 3.66
CA ASN A 78 13.14 -9.16 4.11
C ASN A 78 12.97 -10.22 3.01
N PRO A 79 14.06 -10.82 2.47
CA PRO A 79 13.95 -11.75 1.36
C PRO A 79 13.27 -13.07 1.72
N ALA A 80 13.17 -13.40 3.02
CA ALA A 80 12.40 -14.55 3.48
C ALA A 80 10.88 -14.35 3.29
N ASN A 81 10.43 -13.14 2.97
CA ASN A 81 9.04 -12.71 2.94
C ASN A 81 8.72 -12.03 1.60
N TYR A 82 9.38 -12.46 0.52
CA TYR A 82 9.14 -11.98 -0.84
C TYR A 82 7.67 -12.08 -1.27
N PRO A 83 6.96 -13.22 -1.16
CA PRO A 83 5.55 -13.28 -1.50
C PRO A 83 4.73 -12.61 -0.39
N VAL A 84 3.89 -11.62 -0.73
CA VAL A 84 3.10 -10.86 0.23
C VAL A 84 1.82 -10.38 -0.46
N SER A 85 0.67 -10.50 0.20
CA SER A 85 -0.55 -9.87 -0.26
C SER A 85 -0.51 -8.44 0.28
N ILE A 86 -0.83 -7.44 -0.54
CA ILE A 86 -0.77 -6.03 -0.14
C ILE A 86 -1.98 -5.35 -0.76
N ARG A 87 -2.53 -4.35 -0.07
CA ARG A 87 -3.53 -3.46 -0.62
C ARG A 87 -2.98 -2.06 -0.44
N PHE A 88 -3.20 -1.23 -1.45
CA PHE A 88 -2.73 0.14 -1.52
C PHE A 88 -3.98 1.00 -1.66
N GLY A 89 -3.89 2.25 -1.23
CA GLY A 89 -5.03 3.15 -1.21
C GLY A 89 -4.57 4.59 -1.19
N ARG A 90 -5.54 5.49 -1.19
CA ARG A 90 -5.26 6.91 -0.95
C ARG A 90 -4.80 7.06 0.51
N PRO A 91 -4.08 8.14 0.86
CA PRO A 91 -3.81 8.45 2.27
C PRO A 91 -5.15 8.52 3.03
N ARG A 92 -5.12 8.44 4.37
CA ARG A 92 -6.34 8.34 5.19
C ARG A 92 -7.29 9.53 4.99
N LEU A 93 -6.81 10.65 4.45
CA LEU A 93 -7.62 11.79 4.00
C LEU A 93 -8.69 11.39 2.97
N THR A 94 -8.57 10.22 2.34
CA THR A 94 -9.53 9.65 1.40
C THR A 94 -9.62 10.54 0.14
N SER A 95 -8.45 10.92 -0.38
CA SER A 95 -8.24 11.70 -1.60
C SER A 95 -8.56 10.88 -2.87
N ASN A 96 -9.81 10.39 -2.99
CA ASN A 96 -10.26 9.50 -4.05
C ASN A 96 -9.88 10.02 -5.43
N MET A 1 2.97 -13.54 -16.28
CA MET A 1 1.74 -13.25 -15.50
C MET A 1 1.20 -14.56 -14.89
N GLY A 2 0.76 -14.54 -13.64
CA GLY A 2 0.34 -15.74 -12.92
C GLY A 2 -0.31 -15.40 -11.58
N HIS A 3 -0.67 -16.44 -10.81
CA HIS A 3 -1.48 -16.36 -9.60
C HIS A 3 -0.88 -15.49 -8.49
N HIS A 4 0.43 -15.21 -8.53
CA HIS A 4 1.09 -14.31 -7.57
C HIS A 4 1.92 -13.25 -8.31
N HIS A 5 1.70 -13.10 -9.62
CA HIS A 5 2.40 -12.23 -10.55
C HIS A 5 1.33 -11.62 -11.47
N HIS A 6 0.29 -11.04 -10.86
CA HIS A 6 -0.76 -10.33 -11.58
C HIS A 6 -0.16 -9.05 -12.17
N HIS A 7 0.35 -9.14 -13.40
CA HIS A 7 0.91 -8.03 -14.14
C HIS A 7 -0.11 -6.90 -14.31
N HIS A 8 0.37 -5.70 -14.63
CA HIS A 8 -0.37 -4.42 -14.76
C HIS A 8 -1.36 -4.37 -15.93
N LEU A 9 -1.65 -5.53 -16.54
CA LEU A 9 -2.47 -5.71 -17.73
C LEU A 9 -3.87 -5.10 -17.54
N ASP A 10 -4.49 -4.71 -18.66
CA ASP A 10 -5.81 -4.06 -18.74
C ASP A 10 -6.97 -4.88 -18.14
N SER A 11 -6.71 -6.12 -17.71
CA SER A 11 -7.61 -6.95 -16.92
C SER A 11 -8.15 -6.26 -15.66
N TYR A 12 -7.46 -5.21 -15.17
CA TYR A 12 -7.95 -4.34 -14.12
C TYR A 12 -7.52 -2.89 -14.44
N ALA A 13 -8.12 -1.93 -13.73
CA ALA A 13 -7.91 -0.49 -13.89
C ALA A 13 -7.91 0.32 -12.58
N PRO A 14 -8.57 -0.08 -11.47
CA PRO A 14 -8.51 0.64 -10.21
C PRO A 14 -7.08 0.95 -9.73
N ARG A 15 -6.96 1.98 -8.89
CA ARG A 15 -5.67 2.43 -8.35
C ARG A 15 -5.75 2.80 -6.85
N ALA A 16 -6.95 2.77 -6.26
CA ALA A 16 -7.17 3.01 -4.86
C ALA A 16 -8.31 2.09 -4.41
N GLU A 17 -8.33 1.75 -3.11
CA GLU A 17 -9.22 0.74 -2.53
C GLU A 17 -9.14 -0.56 -3.35
N ALA A 18 -7.90 -0.95 -3.67
CA ALA A 18 -7.58 -2.10 -4.52
C ALA A 18 -6.39 -2.84 -3.90
N GLU A 19 -6.21 -4.10 -4.29
CA GLU A 19 -5.28 -5.03 -3.67
C GLU A 19 -4.61 -5.87 -4.77
N LYS A 20 -3.32 -6.19 -4.60
CA LYS A 20 -2.50 -6.87 -5.60
C LYS A 20 -1.48 -7.76 -4.91
N THR A 21 -1.14 -8.89 -5.54
CA THR A 21 -0.02 -9.74 -5.15
C THR A 21 1.27 -9.06 -5.60
N PHE A 22 2.35 -9.13 -4.81
CA PHE A 22 3.67 -8.65 -5.21
C PHE A 22 4.74 -9.59 -4.65
N SER A 23 5.87 -9.63 -5.34
CA SER A 23 7.12 -10.26 -4.94
C SER A 23 8.25 -9.37 -5.47
N TYR A 24 9.52 -9.66 -5.15
CA TYR A 24 10.65 -8.78 -5.43
C TYR A 24 11.83 -9.61 -5.97
N PRO A 25 12.82 -9.01 -6.68
CA PRO A 25 12.87 -7.61 -7.12
C PRO A 25 11.76 -7.28 -8.13
N LEU A 26 11.39 -6.01 -8.21
CA LEU A 26 10.28 -5.49 -8.99
C LEU A 26 10.53 -4.00 -9.27
N ASP A 27 9.94 -3.46 -10.34
CA ASP A 27 10.06 -2.04 -10.69
C ASP A 27 9.35 -1.13 -9.67
N LEU A 28 8.26 -1.63 -9.07
CA LEU A 28 7.54 -0.98 -7.99
C LEU A 28 8.47 -0.76 -6.79
N LEU A 29 8.38 0.38 -6.12
CA LEU A 29 9.11 0.68 -4.89
C LEU A 29 8.24 1.57 -4.01
N LEU A 30 8.44 1.52 -2.69
CA LEU A 30 7.69 2.28 -1.69
C LEU A 30 8.68 3.13 -0.88
N LYS A 31 8.23 4.23 -0.28
CA LYS A 31 9.04 5.00 0.67
C LYS A 31 8.20 5.40 1.87
N LEU A 32 8.86 5.59 3.02
CA LEU A 32 8.27 6.07 4.26
C LEU A 32 8.37 7.60 4.27
N HIS A 33 7.24 8.29 4.42
CA HIS A 33 7.17 9.74 4.50
C HIS A 33 5.99 10.12 5.39
N ASP A 34 6.17 11.10 6.28
CA ASP A 34 5.18 11.58 7.25
C ASP A 34 4.46 10.42 7.97
N GLU A 35 5.25 9.42 8.38
CA GLU A 35 4.80 8.20 9.06
C GLU A 35 3.70 7.43 8.29
N ARG A 36 3.72 7.51 6.95
CA ARG A 36 2.91 6.70 6.05
C ARG A 36 3.85 6.11 5.00
N VAL A 37 3.41 5.10 4.26
CA VAL A 37 4.24 4.41 3.28
C VAL A 37 3.52 4.54 1.95
N LEU A 38 4.18 5.21 1.00
CA LEU A 38 3.61 5.63 -0.28
C LEU A 38 4.36 4.90 -1.39
N VAL A 39 3.68 4.60 -2.49
CA VAL A 39 4.27 4.03 -3.69
C VAL A 39 5.15 5.12 -4.31
N ALA A 40 6.47 4.92 -4.23
CA ALA A 40 7.48 5.90 -4.64
C ALA A 40 7.71 5.85 -6.14
N PHE A 41 7.75 4.64 -6.70
CA PHE A 41 8.05 4.39 -8.11
C PHE A 41 7.28 3.16 -8.56
N GLY A 42 7.08 3.04 -9.86
CA GLY A 42 6.29 2.00 -10.50
C GLY A 42 6.03 2.42 -11.94
N GLN A 43 7.08 2.80 -12.68
CA GLN A 43 6.96 3.27 -14.05
C GLN A 43 6.40 2.17 -14.95
N ARG A 44 6.68 0.89 -14.65
CA ARG A 44 6.10 -0.24 -15.37
C ARG A 44 4.58 -0.32 -15.13
N ASP A 45 4.11 0.14 -13.97
CA ASP A 45 2.69 0.14 -13.63
C ASP A 45 1.99 1.35 -14.24
N GLY A 46 2.47 2.56 -13.91
CA GLY A 46 2.07 3.81 -14.53
C GLY A 46 1.05 4.63 -13.74
N ILE A 47 0.32 4.07 -12.75
CA ILE A 47 -0.81 4.79 -12.13
C ILE A 47 -1.00 4.49 -10.63
N ARG A 48 -0.58 3.32 -10.12
CA ARG A 48 -0.61 3.04 -8.68
C ARG A 48 0.41 3.91 -7.92
N VAL A 49 1.41 4.49 -8.57
CA VAL A 49 2.37 5.40 -7.94
C VAL A 49 1.62 6.53 -7.22
N GLY A 50 2.15 7.00 -6.09
CA GLY A 50 1.59 8.10 -5.30
C GLY A 50 0.48 7.67 -4.32
N HIS A 51 -0.04 6.45 -4.44
CA HIS A 51 -0.98 5.88 -3.48
C HIS A 51 -0.22 5.38 -2.26
N ALA A 52 -0.93 4.93 -1.22
CA ALA A 52 -0.32 4.53 0.04
C ALA A 52 -0.87 3.21 0.52
N VAL A 53 -0.02 2.45 1.22
CA VAL A 53 -0.35 1.17 1.81
C VAL A 53 -1.46 1.40 2.85
N LEU A 54 -2.46 0.52 2.86
CA LEU A 54 -3.53 0.48 3.85
C LEU A 54 -3.50 -0.87 4.57
N ALA A 55 -3.13 -1.97 3.90
CA ALA A 55 -2.89 -3.24 4.57
C ALA A 55 -1.85 -4.07 3.81
N ILE A 56 -1.24 -5.02 4.49
CA ILE A 56 -0.36 -6.04 3.90
C ILE A 56 -0.82 -7.38 4.48
N ASN A 57 -1.02 -8.38 3.61
CA ASN A 57 -1.57 -9.72 3.90
C ASN A 57 -2.77 -9.74 4.87
N GLY A 58 -3.53 -8.64 4.94
CA GLY A 58 -4.71 -8.49 5.77
C GLY A 58 -4.45 -7.69 7.05
N MET A 59 -3.19 -7.49 7.44
CA MET A 59 -2.82 -6.62 8.54
C MET A 59 -2.94 -5.16 8.09
N ASP A 60 -3.97 -4.47 8.56
CA ASP A 60 -4.13 -3.02 8.41
C ASP A 60 -2.88 -2.35 9.01
N VAL A 61 -2.20 -1.51 8.24
CA VAL A 61 -0.94 -0.92 8.69
C VAL A 61 -1.23 0.25 9.63
N ASN A 62 -0.61 0.23 10.81
CA ASN A 62 -0.57 1.33 11.76
C ASN A 62 0.41 2.37 11.24
N GLY A 63 -0.02 3.13 10.22
CA GLY A 63 0.70 4.24 9.61
C GLY A 63 1.89 3.78 8.79
N ARG A 64 2.93 3.31 9.49
CA ARG A 64 4.22 2.87 8.97
C ARG A 64 4.61 1.49 9.51
N TYR A 65 3.81 0.92 10.40
CA TYR A 65 4.08 -0.39 11.01
C TYR A 65 2.94 -1.33 10.63
N THR A 66 3.18 -2.64 10.65
CA THR A 66 2.11 -3.62 10.52
C THR A 66 1.25 -3.62 11.78
N ALA A 67 0.17 -4.40 11.76
CA ALA A 67 -0.61 -4.69 12.95
C ALA A 67 0.26 -5.39 14.01
N ASP A 68 1.17 -6.26 13.56
CA ASP A 68 2.14 -6.96 14.40
C ASP A 68 3.20 -6.00 14.98
N GLY A 69 3.52 -4.92 14.26
CA GLY A 69 4.36 -3.81 14.73
C GLY A 69 5.68 -3.68 13.96
N LYS A 70 5.89 -4.48 12.92
CA LYS A 70 7.09 -4.47 12.08
C LYS A 70 7.03 -3.19 11.24
N GLU A 71 8.13 -2.47 11.09
CA GLU A 71 8.15 -1.36 10.14
C GLU A 71 7.98 -1.94 8.74
N VAL A 72 7.05 -1.39 7.98
CA VAL A 72 6.60 -1.94 6.71
C VAL A 72 7.77 -2.13 5.74
N LEU A 73 8.70 -1.18 5.66
CA LEU A 73 9.82 -1.27 4.73
C LEU A 73 10.75 -2.43 5.11
N GLU A 74 10.97 -2.66 6.41
CA GLU A 74 11.81 -3.77 6.89
C GLU A 74 11.05 -5.09 6.66
N TYR A 75 9.76 -5.11 6.98
CA TYR A 75 8.91 -6.28 6.84
C TYR A 75 8.88 -6.78 5.39
N LEU A 76 8.71 -5.86 4.44
CA LEU A 76 8.70 -6.17 3.01
C LEU A 76 10.12 -6.44 2.49
N GLY A 77 11.12 -5.75 3.06
CA GLY A 77 12.51 -5.87 2.64
C GLY A 77 13.10 -7.24 2.96
N ASN A 78 12.66 -7.88 4.05
CA ASN A 78 13.05 -9.23 4.44
C ASN A 78 12.65 -10.22 3.33
N PRO A 79 13.60 -10.89 2.63
CA PRO A 79 13.25 -11.76 1.51
C PRO A 79 12.55 -13.05 1.93
N ALA A 80 12.60 -13.45 3.21
CA ALA A 80 11.78 -14.54 3.72
C ALA A 80 10.28 -14.20 3.61
N ASN A 81 9.96 -12.93 3.38
CA ASN A 81 8.62 -12.35 3.33
C ASN A 81 8.49 -11.46 2.09
N TYR A 82 9.26 -11.74 1.03
CA TYR A 82 9.08 -11.08 -0.27
C TYR A 82 7.68 -11.31 -0.85
N PRO A 83 7.15 -12.55 -0.99
CA PRO A 83 5.83 -12.75 -1.57
C PRO A 83 4.76 -12.30 -0.57
N VAL A 84 3.95 -11.32 -0.97
CA VAL A 84 2.90 -10.70 -0.16
C VAL A 84 1.73 -10.27 -1.05
N SER A 85 0.67 -9.80 -0.40
CA SER A 85 -0.46 -9.13 -1.05
C SER A 85 -0.57 -7.80 -0.31
N ILE A 86 -0.81 -6.71 -1.02
CA ILE A 86 -0.83 -5.36 -0.44
C ILE A 86 -2.10 -4.70 -0.95
N ARG A 87 -2.79 -3.98 -0.05
CA ARG A 87 -3.99 -3.22 -0.35
C ARG A 87 -3.65 -1.76 -0.08
N PHE A 88 -4.04 -0.87 -0.98
CA PHE A 88 -3.61 0.52 -0.99
C PHE A 88 -4.76 1.44 -1.40
N GLY A 89 -4.60 2.73 -1.15
CA GLY A 89 -5.61 3.75 -1.42
C GLY A 89 -5.00 5.14 -1.39
N ARG A 90 -5.85 6.18 -1.50
CA ARG A 90 -5.39 7.55 -1.33
C ARG A 90 -4.89 7.71 0.12
N PRO A 91 -3.69 8.23 0.38
CA PRO A 91 -3.28 8.59 1.74
C PRO A 91 -4.09 9.79 2.24
N ARG A 92 -4.01 10.04 3.55
CA ARG A 92 -4.55 11.29 4.13
C ARG A 92 -3.71 12.44 3.55
N LEU A 93 -4.33 13.60 3.32
CA LEU A 93 -3.72 14.72 2.59
C LEU A 93 -2.36 15.12 3.16
N THR A 94 -2.25 15.13 4.49
CA THR A 94 -1.07 15.54 5.24
C THR A 94 0.20 14.76 4.85
N SER A 95 0.05 13.54 4.30
CA SER A 95 1.18 12.69 3.90
C SER A 95 1.97 13.27 2.72
N ASN A 96 1.38 14.19 1.96
CA ASN A 96 2.00 14.81 0.79
C ASN A 96 3.32 15.49 1.16
N MET A 1 -21.43 -6.51 -6.46
CA MET A 1 -21.61 -5.62 -7.63
C MET A 1 -20.41 -5.75 -8.57
N GLY A 2 -20.64 -5.87 -9.89
CA GLY A 2 -19.58 -5.95 -10.89
C GLY A 2 -20.15 -6.13 -12.29
N HIS A 3 -19.29 -5.99 -13.30
CA HIS A 3 -19.63 -6.01 -14.73
C HIS A 3 -19.93 -7.43 -15.24
N HIS A 4 -20.55 -8.27 -14.41
CA HIS A 4 -21.03 -9.61 -14.78
C HIS A 4 -22.04 -9.54 -15.93
N HIS A 5 -22.83 -8.46 -15.98
CA HIS A 5 -23.77 -8.12 -17.04
C HIS A 5 -23.62 -6.61 -17.27
N HIS A 6 -23.78 -6.17 -18.52
CA HIS A 6 -23.69 -4.75 -18.87
C HIS A 6 -24.81 -3.94 -18.18
N HIS A 7 -25.99 -4.55 -18.01
CA HIS A 7 -27.17 -3.94 -17.40
C HIS A 7 -27.11 -4.02 -15.88
N HIS A 8 -25.94 -3.66 -15.33
CA HIS A 8 -25.65 -3.58 -13.91
C HIS A 8 -24.53 -2.57 -13.70
N LEU A 9 -23.43 -2.77 -14.41
CA LEU A 9 -22.26 -1.91 -14.49
C LEU A 9 -21.68 -2.09 -15.88
N ASP A 10 -21.14 -1.02 -16.48
CA ASP A 10 -20.52 -1.07 -17.81
C ASP A 10 -19.19 -0.32 -17.83
N SER A 11 -19.08 0.75 -17.05
CA SER A 11 -17.86 1.51 -16.74
C SER A 11 -18.15 2.38 -15.51
N TYR A 12 -17.10 2.98 -14.95
CA TYR A 12 -17.11 4.00 -13.92
C TYR A 12 -17.70 3.54 -12.57
N ALA A 13 -16.79 3.24 -11.63
CA ALA A 13 -17.10 2.99 -10.23
C ALA A 13 -15.95 3.56 -9.38
N PRO A 14 -16.21 4.04 -8.15
CA PRO A 14 -15.17 4.49 -7.22
C PRO A 14 -14.04 3.47 -7.06
N ARG A 15 -12.80 3.96 -6.91
CA ARG A 15 -11.61 3.14 -6.72
C ARG A 15 -10.58 3.89 -5.85
N ALA A 16 -11.03 4.47 -4.74
CA ALA A 16 -10.18 5.18 -3.80
C ALA A 16 -9.14 4.25 -3.13
N GLU A 17 -9.33 2.94 -3.22
CA GLU A 17 -8.40 1.93 -2.73
C GLU A 17 -8.45 0.72 -3.67
N ALA A 18 -7.39 -0.09 -3.66
CA ALA A 18 -7.19 -1.27 -4.49
C ALA A 18 -6.26 -2.23 -3.76
N GLU A 19 -6.12 -3.47 -4.25
CA GLU A 19 -5.34 -4.52 -3.62
C GLU A 19 -4.69 -5.37 -4.72
N LYS A 20 -3.40 -5.71 -4.57
CA LYS A 20 -2.65 -6.49 -5.55
C LYS A 20 -1.60 -7.36 -4.86
N THR A 21 -1.25 -8.48 -5.50
CA THR A 21 -0.13 -9.33 -5.12
C THR A 21 1.15 -8.73 -5.73
N PHE A 22 2.28 -8.80 -5.02
CA PHE A 22 3.58 -8.36 -5.50
C PHE A 22 4.68 -9.30 -5.01
N SER A 23 5.90 -9.05 -5.48
CA SER A 23 7.17 -9.63 -5.04
C SER A 23 8.25 -8.56 -5.31
N TYR A 24 9.50 -8.82 -4.91
CA TYR A 24 10.60 -7.86 -5.01
C TYR A 24 11.85 -8.54 -5.60
N PRO A 25 12.83 -7.78 -6.14
CA PRO A 25 12.77 -6.33 -6.39
C PRO A 25 11.71 -5.99 -7.44
N LEU A 26 11.53 -6.85 -8.45
CA LEU A 26 10.45 -6.86 -9.44
C LEU A 26 10.14 -5.47 -10.04
N ASP A 27 11.15 -4.60 -10.14
CA ASP A 27 11.02 -3.19 -10.54
C ASP A 27 9.82 -2.51 -9.86
N LEU A 28 9.79 -2.52 -8.53
CA LEU A 28 8.75 -1.95 -7.68
C LEU A 28 9.42 -1.37 -6.43
N LEU A 29 8.97 -0.21 -5.95
CA LEU A 29 9.56 0.48 -4.80
C LEU A 29 8.47 1.20 -4.02
N LEU A 30 8.59 1.21 -2.69
CA LEU A 30 7.75 1.95 -1.73
C LEU A 30 8.70 2.77 -0.84
N LYS A 31 8.24 3.88 -0.24
CA LYS A 31 9.06 4.72 0.64
C LYS A 31 8.22 5.32 1.78
N LEU A 32 8.87 5.63 2.91
CA LEU A 32 8.26 6.27 4.09
C LEU A 32 8.02 7.75 3.78
N HIS A 33 6.79 8.21 4.02
CA HIS A 33 6.39 9.62 3.97
C HIS A 33 5.12 9.79 4.78
N ASP A 34 4.98 10.93 5.49
CA ASP A 34 3.80 11.29 6.27
C ASP A 34 3.38 10.18 7.25
N GLU A 35 4.38 9.55 7.86
CA GLU A 35 4.29 8.41 8.80
C GLU A 35 3.53 7.19 8.24
N ARG A 36 3.33 7.13 6.92
CA ARG A 36 2.82 5.99 6.18
C ARG A 36 3.91 5.59 5.19
N VAL A 37 3.63 4.63 4.30
CA VAL A 37 4.52 4.34 3.19
C VAL A 37 3.69 4.48 1.93
N LEU A 38 4.30 5.02 0.88
CA LEU A 38 3.66 5.31 -0.39
C LEU A 38 4.35 4.49 -1.46
N VAL A 39 3.60 4.03 -2.46
CA VAL A 39 4.17 3.42 -3.65
C VAL A 39 4.97 4.52 -4.34
N ALA A 40 6.25 4.28 -4.65
CA ALA A 40 7.18 5.30 -5.11
C ALA A 40 7.50 5.16 -6.59
N PHE A 41 7.63 3.93 -7.08
CA PHE A 41 7.95 3.64 -8.48
C PHE A 41 7.48 2.23 -8.81
N GLY A 42 7.19 1.98 -10.09
CA GLY A 42 6.84 0.65 -10.58
C GLY A 42 5.38 0.26 -10.31
N GLN A 43 4.52 1.22 -9.97
CA GLN A 43 3.12 0.98 -9.65
C GLN A 43 2.40 0.40 -10.88
N ARG A 44 2.17 -0.91 -10.88
CA ARG A 44 1.46 -1.60 -11.97
C ARG A 44 0.00 -1.14 -12.07
N ASP A 45 -0.59 -0.68 -10.96
CA ASP A 45 -1.96 -0.20 -10.89
C ASP A 45 -2.20 1.04 -11.78
N GLY A 46 -1.19 1.89 -11.98
CA GLY A 46 -1.28 3.06 -12.86
C GLY A 46 -0.15 4.04 -12.58
N ILE A 47 0.05 5.00 -13.49
CA ILE A 47 1.19 5.91 -13.45
C ILE A 47 1.19 6.87 -12.26
N ARG A 48 0.05 7.13 -11.62
CA ARG A 48 -0.05 8.04 -10.48
C ARG A 48 0.47 7.35 -9.22
N VAL A 49 1.79 7.20 -9.11
CA VAL A 49 2.47 6.77 -7.89
C VAL A 49 2.06 7.67 -6.71
N GLY A 50 2.34 7.22 -5.49
CA GLY A 50 2.06 7.98 -4.28
C GLY A 50 0.88 7.44 -3.48
N HIS A 51 0.22 6.35 -3.90
CA HIS A 51 -0.84 5.73 -3.10
C HIS A 51 -0.24 5.26 -1.77
N ALA A 52 -0.94 5.50 -0.66
CA ALA A 52 -0.53 5.08 0.66
C ALA A 52 -0.96 3.64 0.88
N VAL A 53 -0.10 2.82 1.47
CA VAL A 53 -0.47 1.48 1.91
C VAL A 53 -1.51 1.60 3.04
N LEU A 54 -2.40 0.62 3.09
CA LEU A 54 -3.52 0.50 4.03
C LEU A 54 -3.46 -0.86 4.73
N ALA A 55 -3.06 -1.93 4.03
CA ALA A 55 -2.86 -3.25 4.64
C ALA A 55 -1.75 -4.01 3.93
N ILE A 56 -1.19 -5.01 4.62
CA ILE A 56 -0.18 -5.93 4.11
C ILE A 56 -0.59 -7.33 4.58
N ASN A 57 -0.53 -8.31 3.69
CA ASN A 57 -0.84 -9.73 3.91
C ASN A 57 -2.16 -9.93 4.67
N GLY A 58 -3.13 -9.04 4.46
CA GLY A 58 -4.47 -9.12 5.04
C GLY A 58 -4.59 -8.47 6.43
N MET A 59 -3.55 -7.76 6.90
CA MET A 59 -3.54 -7.05 8.18
C MET A 59 -3.44 -5.56 7.88
N ASP A 60 -4.44 -4.79 8.33
CA ASP A 60 -4.41 -3.33 8.33
C ASP A 60 -3.14 -2.85 9.04
N VAL A 61 -2.42 -1.88 8.45
CA VAL A 61 -1.16 -1.41 9.01
C VAL A 61 -1.36 -0.06 9.71
N ASN A 62 -0.62 0.16 10.79
CA ASN A 62 -0.47 1.42 11.50
C ASN A 62 0.48 2.31 10.70
N GLY A 63 0.09 2.65 9.47
CA GLY A 63 0.88 3.40 8.51
C GLY A 63 2.22 2.71 8.24
N ARG A 64 3.30 3.29 8.76
CA ARG A 64 4.67 2.82 8.56
C ARG A 64 4.99 1.59 9.42
N TYR A 65 4.10 1.19 10.33
CA TYR A 65 4.31 0.04 11.20
C TYR A 65 3.19 -0.98 10.96
N THR A 66 3.47 -2.27 11.06
CA THR A 66 2.46 -3.31 10.95
C THR A 66 1.52 -3.28 12.16
N ALA A 67 0.51 -4.15 12.15
CA ALA A 67 -0.34 -4.41 13.31
C ALA A 67 0.51 -4.86 14.51
N ASP A 68 1.53 -5.68 14.24
CA ASP A 68 2.46 -6.18 15.26
C ASP A 68 3.43 -5.08 15.72
N GLY A 69 3.90 -4.25 14.78
CA GLY A 69 4.77 -3.11 15.06
C GLY A 69 6.09 -3.12 14.27
N LYS A 70 6.30 -4.09 13.37
CA LYS A 70 7.45 -4.10 12.47
C LYS A 70 7.37 -2.85 11.59
N GLU A 71 8.49 -2.20 11.30
CA GLU A 71 8.49 -1.15 10.28
C GLU A 71 8.24 -1.84 8.95
N VAL A 72 7.22 -1.42 8.22
CA VAL A 72 6.74 -2.12 7.04
C VAL A 72 7.84 -2.23 5.97
N LEU A 73 8.72 -1.23 5.85
CA LEU A 73 9.82 -1.28 4.89
C LEU A 73 10.78 -2.43 5.21
N GLU A 74 11.07 -2.67 6.50
CA GLU A 74 11.89 -3.81 6.92
C GLU A 74 11.10 -5.11 6.70
N TYR A 75 9.82 -5.10 7.06
CA TYR A 75 8.94 -6.26 6.96
C TYR A 75 8.86 -6.77 5.51
N LEU A 76 8.70 -5.86 4.56
CA LEU A 76 8.64 -6.15 3.13
C LEU A 76 10.05 -6.42 2.57
N GLY A 77 11.08 -5.75 3.12
CA GLY A 77 12.46 -5.92 2.71
C GLY A 77 13.01 -7.30 3.06
N ASN A 78 12.50 -7.93 4.13
CA ASN A 78 12.83 -9.31 4.51
C ASN A 78 12.41 -10.26 3.39
N PRO A 79 13.33 -10.96 2.68
CA PRO A 79 12.95 -11.78 1.55
C PRO A 79 12.20 -13.05 1.93
N ALA A 80 12.17 -13.44 3.21
CA ALA A 80 11.28 -14.50 3.69
C ALA A 80 9.81 -14.10 3.52
N ASN A 81 9.57 -12.80 3.29
CA ASN A 81 8.28 -12.13 3.11
C ASN A 81 8.37 -11.22 1.88
N TYR A 82 9.13 -11.61 0.85
CA TYR A 82 9.11 -10.93 -0.44
C TYR A 82 7.76 -11.12 -1.16
N PRO A 83 7.23 -12.33 -1.37
CA PRO A 83 5.91 -12.50 -1.97
C PRO A 83 4.85 -12.03 -0.98
N VAL A 84 3.98 -11.11 -1.39
CA VAL A 84 3.05 -10.41 -0.51
C VAL A 84 1.76 -10.02 -1.25
N SER A 85 0.79 -9.55 -0.47
CA SER A 85 -0.43 -8.92 -0.94
C SER A 85 -0.48 -7.59 -0.21
N ILE A 86 -0.76 -6.50 -0.93
CA ILE A 86 -0.75 -5.14 -0.39
C ILE A 86 -2.08 -4.53 -0.77
N ARG A 87 -2.72 -3.81 0.16
CA ARG A 87 -3.88 -2.97 -0.10
C ARG A 87 -3.42 -1.55 0.10
N PHE A 88 -3.76 -0.66 -0.82
CA PHE A 88 -3.29 0.72 -0.85
C PHE A 88 -4.43 1.60 -1.38
N GLY A 89 -4.33 2.92 -1.22
CA GLY A 89 -5.35 3.85 -1.64
C GLY A 89 -4.88 5.29 -1.55
N ARG A 90 -5.79 6.23 -1.78
CA ARG A 90 -5.46 7.66 -1.78
C ARG A 90 -4.91 8.05 -0.39
N PRO A 91 -3.78 8.77 -0.29
CA PRO A 91 -3.32 9.36 0.96
C PRO A 91 -4.26 10.43 1.54
N ARG A 92 -5.18 10.94 0.73
CA ARG A 92 -6.05 12.09 0.97
C ARG A 92 -7.48 11.66 0.67
N LEU A 93 -8.49 12.35 1.22
CA LEU A 93 -9.89 12.06 0.90
C LEU A 93 -10.14 12.22 -0.60
N THR A 94 -9.70 13.34 -1.15
CA THR A 94 -9.78 13.65 -2.58
C THR A 94 -8.81 12.73 -3.34
N SER A 95 -9.22 12.24 -4.52
CA SER A 95 -8.34 11.45 -5.39
C SER A 95 -7.21 12.28 -6.00
N ASN A 96 -7.35 13.61 -6.08
CA ASN A 96 -6.29 14.50 -6.58
C ASN A 96 -5.13 14.47 -5.59
N MET A 1 -10.41 -4.70 11.81
CA MET A 1 -9.91 -5.34 10.56
C MET A 1 -10.94 -6.36 10.06
N GLY A 2 -11.30 -6.31 8.77
CA GLY A 2 -12.30 -7.18 8.19
C GLY A 2 -12.32 -7.10 6.68
N HIS A 3 -11.14 -7.15 6.04
CA HIS A 3 -11.00 -7.01 4.60
C HIS A 3 -11.76 -8.09 3.82
N HIS A 4 -12.04 -9.24 4.42
CA HIS A 4 -12.88 -10.28 3.82
C HIS A 4 -14.34 -9.81 3.65
N HIS A 5 -14.87 -9.09 4.64
CA HIS A 5 -16.18 -8.43 4.54
C HIS A 5 -16.09 -7.21 3.61
N HIS A 6 -14.95 -6.53 3.66
CA HIS A 6 -14.65 -5.25 2.99
C HIS A 6 -15.49 -4.11 3.59
N HIS A 7 -15.17 -2.88 3.16
CA HIS A 7 -15.83 -1.65 3.53
C HIS A 7 -17.23 -1.56 2.93
N HIS A 8 -17.88 -0.41 3.13
CA HIS A 8 -19.19 -0.09 2.55
C HIS A 8 -19.17 -0.19 1.01
N LEU A 9 -18.04 0.17 0.38
CA LEU A 9 -17.80 -0.07 -1.04
C LEU A 9 -17.74 -1.58 -1.25
N ASP A 10 -18.52 -2.11 -2.19
CA ASP A 10 -18.67 -3.57 -2.38
C ASP A 10 -17.34 -4.26 -2.73
N SER A 11 -16.45 -3.53 -3.39
CA SER A 11 -15.08 -3.91 -3.72
C SER A 11 -14.22 -2.64 -3.68
N TYR A 12 -12.89 -2.79 -3.75
CA TYR A 12 -12.00 -1.65 -3.94
C TYR A 12 -12.30 -0.99 -5.31
N ALA A 13 -11.92 0.28 -5.45
CA ALA A 13 -11.98 1.02 -6.71
C ALA A 13 -10.91 2.12 -6.63
N PRO A 14 -10.08 2.35 -7.66
CA PRO A 14 -8.94 3.28 -7.62
C PRO A 14 -9.22 4.71 -7.12
N ARG A 15 -10.48 5.15 -7.11
CA ARG A 15 -10.87 6.43 -6.51
C ARG A 15 -10.59 6.47 -5.01
N ALA A 16 -10.48 5.31 -4.34
CA ALA A 16 -10.30 5.22 -2.89
C ALA A 16 -9.33 4.13 -2.46
N GLU A 17 -9.32 2.98 -3.13
CA GLU A 17 -8.59 1.78 -2.70
C GLU A 17 -8.08 0.99 -3.91
N ALA A 18 -7.06 0.15 -3.71
CA ALA A 18 -6.59 -0.84 -4.68
C ALA A 18 -6.03 -2.05 -3.93
N GLU A 19 -5.80 -3.16 -4.62
CA GLU A 19 -5.41 -4.43 -4.03
C GLU A 19 -4.60 -5.22 -5.07
N LYS A 20 -3.45 -5.76 -4.68
CA LYS A 20 -2.51 -6.48 -5.57
C LYS A 20 -1.74 -7.52 -4.76
N THR A 21 -0.98 -8.39 -5.43
CA THR A 21 -0.05 -9.33 -4.82
C THR A 21 1.23 -9.32 -5.66
N PHE A 22 2.38 -9.43 -4.99
CA PHE A 22 3.71 -9.26 -5.57
C PHE A 22 4.70 -10.25 -4.93
N SER A 23 5.91 -10.24 -5.47
CA SER A 23 7.12 -10.88 -4.98
C SER A 23 8.30 -10.01 -5.44
N TYR A 24 9.53 -10.32 -5.04
CA TYR A 24 10.69 -9.46 -5.23
C TYR A 24 11.87 -10.28 -5.77
N PRO A 25 12.88 -9.66 -6.42
CA PRO A 25 12.95 -8.25 -6.80
C PRO A 25 11.91 -7.91 -7.87
N LEU A 26 11.52 -6.63 -7.95
CA LEU A 26 10.47 -6.12 -8.82
C LEU A 26 10.74 -4.63 -9.07
N ASP A 27 10.24 -4.11 -10.19
CA ASP A 27 10.30 -2.69 -10.55
C ASP A 27 9.22 -1.89 -9.78
N LEU A 28 9.25 -1.99 -8.45
CA LEU A 28 8.30 -1.40 -7.52
C LEU A 28 9.12 -0.95 -6.30
N LEU A 29 8.86 0.25 -5.78
CA LEU A 29 9.57 0.83 -4.65
C LEU A 29 8.58 1.65 -3.85
N LEU A 30 8.72 1.66 -2.52
CA LEU A 30 7.86 2.35 -1.56
C LEU A 30 8.78 3.17 -0.64
N LYS A 31 8.29 4.26 -0.03
CA LYS A 31 9.07 5.09 0.91
C LYS A 31 8.20 5.60 2.05
N LEU A 32 8.82 5.85 3.22
CA LEU A 32 8.19 6.49 4.37
C LEU A 32 8.00 7.97 4.06
N HIS A 33 6.78 8.48 4.28
CA HIS A 33 6.43 9.89 4.19
C HIS A 33 5.22 10.14 5.07
N ASP A 34 5.26 11.22 5.87
CA ASP A 34 4.16 11.65 6.76
C ASP A 34 3.60 10.50 7.61
N GLU A 35 4.52 9.73 8.22
CA GLU A 35 4.24 8.55 9.04
C GLU A 35 3.41 7.46 8.35
N ARG A 36 3.28 7.51 7.02
CA ARG A 36 2.72 6.46 6.19
C ARG A 36 3.82 5.96 5.26
N VAL A 37 3.54 4.92 4.48
CA VAL A 37 4.43 4.48 3.41
C VAL A 37 3.62 4.68 2.13
N LEU A 38 4.25 5.27 1.12
CA LEU A 38 3.63 5.57 -0.17
C LEU A 38 4.42 4.87 -1.26
N VAL A 39 3.76 4.55 -2.38
CA VAL A 39 4.43 4.06 -3.58
C VAL A 39 5.36 5.17 -4.08
N ALA A 40 6.66 4.86 -4.19
CA ALA A 40 7.71 5.78 -4.61
C ALA A 40 7.98 5.66 -6.11
N PHE A 41 7.90 4.44 -6.65
CA PHE A 41 8.00 4.15 -8.07
C PHE A 41 7.25 2.85 -8.34
N GLY A 42 6.70 2.68 -9.54
CA GLY A 42 5.92 1.50 -9.91
C GLY A 42 4.78 1.80 -10.88
N GLN A 43 4.52 3.08 -11.20
CA GLN A 43 3.47 3.45 -12.15
C GLN A 43 3.73 2.84 -13.54
N ARG A 44 2.65 2.71 -14.33
CA ARG A 44 2.64 2.06 -15.65
C ARG A 44 3.16 0.60 -15.59
N ASP A 45 3.04 -0.05 -14.44
CA ASP A 45 3.32 -1.48 -14.26
C ASP A 45 2.49 -2.03 -13.08
N GLY A 46 2.34 -1.22 -12.03
CA GLY A 46 1.50 -1.47 -10.86
C GLY A 46 0.85 -0.17 -10.42
N ILE A 47 0.42 -0.11 -9.16
CA ILE A 47 -0.29 1.03 -8.56
C ILE A 47 0.55 2.30 -8.75
N ARG A 48 -0.11 3.43 -9.05
CA ARG A 48 0.56 4.69 -9.32
C ARG A 48 1.23 5.22 -8.06
N VAL A 49 2.32 5.98 -8.22
CA VAL A 49 3.02 6.66 -7.14
C VAL A 49 2.06 7.49 -6.28
N GLY A 50 2.39 7.66 -5.00
CA GLY A 50 1.67 8.53 -4.07
C GLY A 50 0.48 7.84 -3.39
N HIS A 51 0.07 6.64 -3.84
CA HIS A 51 -0.90 5.85 -3.09
C HIS A 51 -0.23 5.37 -1.81
N ALA A 52 -0.95 5.40 -0.70
CA ALA A 52 -0.48 4.87 0.57
C ALA A 52 -0.80 3.39 0.65
N VAL A 53 0.09 2.60 1.25
CA VAL A 53 -0.25 1.22 1.58
C VAL A 53 -1.15 1.32 2.81
N LEU A 54 -2.24 0.55 2.81
CA LEU A 54 -3.29 0.56 3.82
C LEU A 54 -3.33 -0.80 4.53
N ALA A 55 -2.97 -1.90 3.87
CA ALA A 55 -2.81 -3.19 4.54
C ALA A 55 -1.77 -4.05 3.82
N ILE A 56 -1.23 -5.04 4.52
CA ILE A 56 -0.29 -6.02 4.00
C ILE A 56 -0.69 -7.38 4.57
N ASN A 57 -0.72 -8.40 3.72
CA ASN A 57 -1.14 -9.77 4.02
C ASN A 57 -2.43 -9.81 4.84
N GLY A 58 -3.35 -8.87 4.55
CA GLY A 58 -4.66 -8.74 5.18
C GLY A 58 -4.67 -7.87 6.44
N MET A 59 -3.51 -7.59 7.03
CA MET A 59 -3.39 -6.80 8.25
C MET A 59 -3.26 -5.32 7.88
N ASP A 60 -4.19 -4.50 8.38
CA ASP A 60 -4.11 -3.04 8.32
C ASP A 60 -2.76 -2.56 8.86
N VAL A 61 -2.11 -1.61 8.17
CA VAL A 61 -0.86 -1.04 8.65
C VAL A 61 -1.17 0.23 9.47
N ASN A 62 -0.59 0.28 10.67
CA ASN A 62 -0.55 1.44 11.54
C ASN A 62 0.47 2.43 10.94
N GLY A 63 0.07 3.12 9.89
CA GLY A 63 0.84 4.13 9.18
C GLY A 63 2.03 3.51 8.43
N ARG A 64 3.11 3.20 9.14
CA ARG A 64 4.32 2.59 8.62
C ARG A 64 4.74 1.35 9.41
N TYR A 65 3.89 0.83 10.30
CA TYR A 65 4.13 -0.41 11.01
C TYR A 65 2.96 -1.35 10.73
N THR A 66 3.15 -2.67 10.76
CA THR A 66 2.04 -3.61 10.64
C THR A 66 1.19 -3.59 11.92
N ALA A 67 0.08 -4.33 11.88
CA ALA A 67 -0.72 -4.61 13.06
C ALA A 67 0.12 -5.30 14.13
N ASP A 68 1.02 -6.20 13.71
CA ASP A 68 1.94 -6.91 14.60
C ASP A 68 3.03 -5.98 15.14
N GLY A 69 3.52 -5.05 14.31
CA GLY A 69 4.46 -4.00 14.70
C GLY A 69 5.77 -4.00 13.90
N LYS A 70 5.90 -4.84 12.87
CA LYS A 70 7.04 -4.79 11.95
C LYS A 70 7.01 -3.45 11.23
N GLU A 71 8.14 -2.77 11.05
CA GLU A 71 8.16 -1.61 10.19
C GLU A 71 7.94 -2.11 8.75
N VAL A 72 7.03 -1.47 8.03
CA VAL A 72 6.61 -1.88 6.69
C VAL A 72 7.80 -1.96 5.74
N LEU A 73 8.73 -0.99 5.81
CA LEU A 73 9.88 -0.97 4.92
C LEU A 73 10.79 -2.17 5.19
N GLU A 74 10.97 -2.57 6.46
CA GLU A 74 11.75 -3.76 6.79
C GLU A 74 11.01 -5.00 6.32
N TYR A 75 9.70 -5.09 6.58
CA TYR A 75 8.89 -6.25 6.26
C TYR A 75 8.89 -6.55 4.77
N LEU A 76 8.73 -5.51 3.94
CA LEU A 76 8.71 -5.66 2.48
C LEU A 76 10.14 -5.72 1.92
N GLY A 77 11.11 -5.07 2.55
CA GLY A 77 12.50 -5.08 2.12
C GLY A 77 13.16 -6.44 2.34
N ASN A 78 12.82 -7.13 3.44
CA ASN A 78 13.35 -8.44 3.79
C ASN A 78 13.05 -9.46 2.69
N PRO A 79 14.06 -10.05 2.01
CA PRO A 79 13.80 -10.96 0.91
C PRO A 79 13.13 -12.26 1.36
N ALA A 80 13.40 -12.74 2.58
CA ALA A 80 12.99 -14.07 3.04
C ALA A 80 11.47 -14.31 3.09
N ASN A 81 10.64 -13.30 2.80
CA ASN A 81 9.18 -13.39 2.78
C ASN A 81 8.59 -12.79 1.50
N TYR A 82 9.19 -13.12 0.34
CA TYR A 82 8.81 -12.59 -0.97
C TYR A 82 7.29 -12.47 -1.23
N PRO A 83 6.45 -13.53 -1.10
CA PRO A 83 5.05 -13.42 -1.50
C PRO A 83 4.31 -12.49 -0.55
N VAL A 84 3.79 -11.38 -1.07
CA VAL A 84 3.09 -10.38 -0.26
C VAL A 84 1.86 -9.88 -1.02
N SER A 85 0.71 -9.86 -0.35
CA SER A 85 -0.49 -9.21 -0.85
C SER A 85 -0.55 -7.86 -0.17
N ILE A 86 -0.93 -6.81 -0.89
CA ILE A 86 -0.90 -5.43 -0.43
C ILE A 86 -2.26 -4.83 -0.78
N ARG A 87 -2.77 -3.98 0.10
CA ARG A 87 -3.93 -3.15 -0.17
C ARG A 87 -3.47 -1.72 -0.01
N PHE A 88 -3.93 -0.84 -0.89
CA PHE A 88 -3.52 0.54 -1.00
C PHE A 88 -4.76 1.42 -0.99
N GLY A 89 -4.56 2.72 -0.87
CA GLY A 89 -5.61 3.71 -1.03
C GLY A 89 -5.02 5.10 -1.13
N ARG A 90 -5.88 6.10 -1.24
CA ARG A 90 -5.46 7.49 -1.18
C ARG A 90 -4.95 7.78 0.24
N PRO A 91 -3.97 8.70 0.42
CA PRO A 91 -3.41 8.99 1.74
C PRO A 91 -4.40 9.67 2.69
N ARG A 92 -5.48 10.26 2.17
CA ARG A 92 -6.61 10.76 2.94
C ARG A 92 -7.89 10.39 2.17
N LEU A 93 -8.99 10.19 2.90
CA LEU A 93 -10.31 9.92 2.36
C LEU A 93 -11.28 10.89 3.04
N THR A 94 -12.36 11.23 2.35
CA THR A 94 -13.39 12.13 2.85
C THR A 94 -14.01 11.57 4.13
N SER A 95 -13.96 12.35 5.22
CA SER A 95 -14.54 12.04 6.53
C SER A 95 -14.13 10.65 7.07
N ASN A 96 -12.93 10.16 6.72
CA ASN A 96 -12.42 8.85 7.12
C ASN A 96 -10.92 8.99 7.32
N MET A 1 -30.05 -15.64 -3.36
CA MET A 1 -28.68 -15.41 -3.89
C MET A 1 -28.33 -13.93 -3.81
N GLY A 2 -27.15 -13.60 -3.29
CA GLY A 2 -26.66 -12.23 -3.14
C GLY A 2 -25.29 -12.23 -2.46
N HIS A 3 -24.75 -11.03 -2.25
CA HIS A 3 -23.47 -10.79 -1.59
C HIS A 3 -23.60 -9.54 -0.71
N HIS A 4 -22.69 -9.37 0.24
CA HIS A 4 -22.67 -8.27 1.20
C HIS A 4 -21.22 -7.84 1.45
N HIS A 5 -21.04 -6.64 1.99
CA HIS A 5 -19.77 -6.08 2.43
C HIS A 5 -20.02 -5.39 3.78
N HIS A 6 -18.94 -5.05 4.50
CA HIS A 6 -19.01 -4.36 5.79
C HIS A 6 -17.92 -3.28 5.82
N HIS A 7 -18.23 -2.14 6.43
CA HIS A 7 -17.37 -0.96 6.50
C HIS A 7 -17.63 -0.27 7.85
N HIS A 8 -16.68 0.55 8.29
CA HIS A 8 -16.72 1.28 9.56
C HIS A 8 -16.18 2.70 9.29
N LEU A 9 -15.92 3.45 10.37
CA LEU A 9 -15.39 4.82 10.30
C LEU A 9 -14.15 4.86 9.40
N ASP A 10 -14.26 5.62 8.31
CA ASP A 10 -13.26 5.83 7.27
C ASP A 10 -12.50 4.57 6.81
N SER A 11 -13.18 3.42 6.80
CA SER A 11 -12.66 2.19 6.19
C SER A 11 -12.51 2.36 4.67
N TYR A 12 -11.86 1.38 4.03
CA TYR A 12 -11.81 1.27 2.58
C TYR A 12 -13.24 1.12 2.04
N ALA A 13 -13.43 1.39 0.74
CA ALA A 13 -14.73 1.44 0.07
C ALA A 13 -14.56 0.97 -1.38
N PRO A 14 -15.64 0.66 -2.12
CA PRO A 14 -15.58 0.24 -3.53
C PRO A 14 -14.89 1.20 -4.51
N ARG A 15 -14.47 2.41 -4.09
CA ARG A 15 -13.73 3.38 -4.90
C ARG A 15 -12.28 3.52 -4.43
N ALA A 16 -11.80 2.63 -3.55
CA ALA A 16 -10.38 2.54 -3.20
C ALA A 16 -9.57 2.10 -4.43
N GLU A 17 -8.25 2.13 -4.29
CA GLU A 17 -7.31 1.66 -5.32
C GLU A 17 -7.24 0.12 -5.32
N ALA A 18 -6.37 -0.43 -6.17
CA ALA A 18 -6.20 -1.86 -6.38
C ALA A 18 -5.77 -2.62 -5.11
N GLU A 19 -5.90 -3.94 -5.18
CA GLU A 19 -5.54 -4.93 -4.18
C GLU A 19 -4.85 -6.00 -5.01
N LYS A 20 -3.57 -6.32 -4.74
CA LYS A 20 -2.79 -7.17 -5.64
C LYS A 20 -1.69 -7.94 -4.92
N THR A 21 -1.30 -9.09 -5.49
CA THR A 21 -0.18 -9.92 -5.09
C THR A 21 1.13 -9.40 -5.69
N PHE A 22 2.22 -9.51 -4.92
CA PHE A 22 3.56 -9.08 -5.33
C PHE A 22 4.58 -10.10 -4.82
N SER A 23 5.78 -10.07 -5.40
CA SER A 23 6.95 -10.80 -4.96
C SER A 23 8.18 -10.01 -5.43
N TYR A 24 9.37 -10.37 -4.92
CA TYR A 24 10.59 -9.59 -5.08
C TYR A 24 11.74 -10.52 -5.56
N PRO A 25 12.97 -10.06 -5.87
CA PRO A 25 13.54 -8.71 -5.72
C PRO A 25 12.69 -7.56 -6.27
N LEU A 26 12.81 -6.40 -5.63
CA LEU A 26 11.96 -5.22 -5.87
C LEU A 26 12.06 -4.77 -7.33
N ASP A 27 10.90 -4.41 -7.90
CA ASP A 27 10.76 -3.74 -9.19
C ASP A 27 9.74 -2.60 -9.09
N LEU A 28 9.51 -2.15 -7.85
CA LEU A 28 8.71 -1.02 -7.41
C LEU A 28 9.39 -0.50 -6.14
N LEU A 29 9.01 0.67 -5.63
CA LEU A 29 9.67 1.31 -4.50
C LEU A 29 8.61 2.00 -3.65
N LEU A 30 8.81 2.02 -2.33
CA LEU A 30 8.00 2.72 -1.34
C LEU A 30 8.94 3.60 -0.51
N LYS A 31 8.44 4.68 0.08
CA LYS A 31 9.20 5.54 1.00
C LYS A 31 8.30 6.03 2.13
N LEU A 32 8.88 6.35 3.29
CA LEU A 32 8.16 7.01 4.39
C LEU A 32 8.00 8.48 4.02
N HIS A 33 6.76 8.98 3.97
CA HIS A 33 6.42 10.38 3.77
C HIS A 33 5.05 10.65 4.42
N ASP A 34 4.87 11.84 4.99
CA ASP A 34 3.68 12.24 5.76
C ASP A 34 3.21 11.11 6.71
N GLU A 35 4.16 10.60 7.49
CA GLU A 35 4.00 9.54 8.49
C GLU A 35 3.49 8.18 7.96
N ARG A 36 3.38 7.98 6.64
CA ARG A 36 2.93 6.73 6.05
C ARG A 36 3.95 6.23 5.05
N VAL A 37 3.92 4.94 4.69
CA VAL A 37 4.70 4.47 3.57
C VAL A 37 3.84 4.70 2.33
N LEU A 38 4.39 5.43 1.36
CA LEU A 38 3.74 5.73 0.09
C LEU A 38 4.53 5.05 -1.01
N VAL A 39 3.86 4.64 -2.08
CA VAL A 39 4.50 4.09 -3.28
C VAL A 39 5.29 5.22 -3.94
N ALA A 40 6.63 5.12 -3.88
CA ALA A 40 7.56 6.03 -4.52
C ALA A 40 7.53 5.85 -6.04
N PHE A 41 7.41 4.60 -6.49
CA PHE A 41 7.20 4.25 -7.88
C PHE A 41 6.60 2.85 -7.97
N GLY A 42 5.68 2.66 -8.92
CA GLY A 42 5.15 1.35 -9.29
C GLY A 42 4.33 1.46 -10.56
N GLN A 43 4.56 2.50 -11.38
CA GLN A 43 3.69 2.81 -12.51
C GLN A 43 3.77 1.77 -13.62
N ARG A 44 4.89 1.04 -13.77
CA ARG A 44 4.98 -0.05 -14.74
C ARG A 44 4.10 -1.23 -14.32
N ASP A 45 3.98 -1.52 -13.03
CA ASP A 45 3.00 -2.50 -12.52
C ASP A 45 1.59 -1.95 -12.74
N GLY A 46 1.42 -0.65 -12.48
CA GLY A 46 0.21 0.11 -12.76
C GLY A 46 -0.10 1.16 -11.67
N ILE A 47 0.60 1.08 -10.54
CA ILE A 47 0.30 1.86 -9.33
C ILE A 47 0.66 3.33 -9.58
N ARG A 48 -0.33 4.22 -9.45
CA ARG A 48 -0.10 5.66 -9.43
C ARG A 48 0.79 5.99 -8.22
N VAL A 49 1.77 6.86 -8.43
CA VAL A 49 2.71 7.28 -7.39
C VAL A 49 1.92 7.97 -6.25
N GLY A 50 2.37 7.77 -5.01
CA GLY A 50 1.85 8.48 -3.85
C GLY A 50 0.70 7.77 -3.13
N HIS A 51 0.29 6.59 -3.60
CA HIS A 51 -0.69 5.78 -2.87
C HIS A 51 -0.07 5.32 -1.56
N ALA A 52 -0.83 5.39 -0.48
CA ALA A 52 -0.45 4.91 0.83
C ALA A 52 -0.84 3.43 0.94
N VAL A 53 0.02 2.64 1.57
CA VAL A 53 -0.34 1.26 1.92
C VAL A 53 -1.45 1.36 2.99
N LEU A 54 -2.42 0.45 2.92
CA LEU A 54 -3.52 0.37 3.87
C LEU A 54 -3.51 -1.01 4.55
N ALA A 55 -3.08 -2.09 3.87
CA ALA A 55 -2.83 -3.37 4.52
C ALA A 55 -1.78 -4.17 3.73
N ILE A 56 -1.16 -5.15 4.40
CA ILE A 56 -0.26 -6.13 3.80
C ILE A 56 -0.65 -7.48 4.41
N ASN A 57 -0.73 -8.52 3.59
CA ASN A 57 -1.12 -9.89 3.96
C ASN A 57 -2.42 -9.92 4.79
N GLY A 58 -3.31 -8.94 4.58
CA GLY A 58 -4.57 -8.80 5.28
C GLY A 58 -4.46 -8.04 6.61
N MET A 59 -3.25 -7.75 7.10
CA MET A 59 -3.01 -6.97 8.30
C MET A 59 -3.00 -5.49 7.91
N ASP A 60 -3.98 -4.73 8.42
CA ASP A 60 -4.03 -3.28 8.34
C ASP A 60 -2.70 -2.69 8.84
N VAL A 61 -2.10 -1.75 8.11
CA VAL A 61 -0.86 -1.11 8.52
C VAL A 61 -1.21 0.16 9.31
N ASN A 62 -0.54 0.34 10.45
CA ASN A 62 -0.55 1.56 11.24
C ASN A 62 0.40 2.55 10.55
N GLY A 63 -0.02 3.08 9.39
CA GLY A 63 0.63 4.10 8.58
C GLY A 63 1.93 3.64 7.91
N ARG A 64 2.91 3.25 8.74
CA ARG A 64 4.25 2.84 8.35
C ARG A 64 4.71 1.60 9.13
N TYR A 65 3.90 1.12 10.08
CA TYR A 65 4.19 -0.10 10.83
C TYR A 65 3.08 -1.12 10.53
N THR A 66 3.34 -2.41 10.64
CA THR A 66 2.29 -3.42 10.56
C THR A 66 1.39 -3.35 11.80
N ALA A 67 0.36 -4.19 11.82
CA ALA A 67 -0.46 -4.41 13.00
C ALA A 67 0.40 -4.89 14.17
N ASP A 68 1.39 -5.74 13.90
CA ASP A 68 2.33 -6.25 14.89
C ASP A 68 3.33 -5.17 15.33
N GLY A 69 3.77 -4.33 14.39
CA GLY A 69 4.63 -3.17 14.65
C GLY A 69 5.93 -3.17 13.84
N LYS A 70 6.11 -4.12 12.92
CA LYS A 70 7.28 -4.18 12.02
C LYS A 70 7.23 -2.94 11.13
N GLU A 71 8.35 -2.26 10.89
CA GLU A 71 8.40 -1.20 9.90
C GLU A 71 8.15 -1.82 8.54
N VAL A 72 7.17 -1.32 7.79
CA VAL A 72 6.69 -1.95 6.57
C VAL A 72 7.81 -2.13 5.55
N LEU A 73 8.75 -1.18 5.45
CA LEU A 73 9.83 -1.28 4.47
C LEU A 73 10.71 -2.49 4.78
N GLU A 74 11.03 -2.72 6.06
CA GLU A 74 11.80 -3.89 6.48
C GLU A 74 10.95 -5.16 6.36
N TYR A 75 9.65 -5.07 6.66
CA TYR A 75 8.74 -6.20 6.60
C TYR A 75 8.65 -6.76 5.17
N LEU A 76 8.58 -5.88 4.17
CA LEU A 76 8.56 -6.26 2.76
C LEU A 76 9.97 -6.67 2.30
N GLY A 77 11.00 -6.00 2.80
CA GLY A 77 12.40 -6.29 2.46
C GLY A 77 12.82 -7.69 2.92
N ASN A 78 12.29 -8.17 4.04
CA ASN A 78 12.58 -9.50 4.61
C ASN A 78 12.20 -10.60 3.61
N PRO A 79 13.13 -11.42 3.09
CA PRO A 79 12.81 -12.43 2.10
C PRO A 79 12.00 -13.60 2.64
N ALA A 80 11.90 -13.78 3.97
CA ALA A 80 10.95 -14.74 4.55
C ALA A 80 9.50 -14.32 4.27
N ASN A 81 9.29 -13.07 3.81
CA ASN A 81 8.03 -12.43 3.52
C ASN A 81 8.15 -11.68 2.18
N TYR A 82 8.92 -12.23 1.23
CA TYR A 82 8.97 -11.72 -0.14
C TYR A 82 7.61 -11.84 -0.84
N PRO A 83 6.97 -13.02 -0.94
CA PRO A 83 5.64 -13.13 -1.54
C PRO A 83 4.61 -12.51 -0.58
N VAL A 84 3.80 -11.58 -1.09
CA VAL A 84 2.86 -10.80 -0.29
C VAL A 84 1.61 -10.44 -1.10
N SER A 85 0.61 -9.92 -0.41
CA SER A 85 -0.58 -9.30 -0.96
C SER A 85 -0.65 -7.92 -0.31
N ILE A 86 -0.96 -6.86 -1.06
CA ILE A 86 -0.94 -5.49 -0.55
C ILE A 86 -2.25 -4.84 -0.99
N ARG A 87 -2.79 -4.00 -0.12
CA ARG A 87 -3.97 -3.17 -0.36
C ARG A 87 -3.50 -1.76 -0.09
N PHE A 88 -3.78 -0.83 -1.00
CA PHE A 88 -3.34 0.56 -0.92
C PHE A 88 -4.49 1.46 -1.36
N GLY A 89 -4.32 2.78 -1.19
CA GLY A 89 -5.34 3.77 -1.48
C GLY A 89 -4.73 5.16 -1.42
N ARG A 90 -5.54 6.20 -1.59
CA ARG A 90 -5.06 7.57 -1.33
C ARG A 90 -4.81 7.69 0.19
N PRO A 91 -3.82 8.47 0.64
CA PRO A 91 -3.57 8.70 2.07
C PRO A 91 -4.75 9.42 2.77
N ARG A 92 -5.60 10.08 1.99
CA ARG A 92 -6.89 10.64 2.38
C ARG A 92 -7.82 10.04 1.35
N LEU A 93 -8.48 8.93 1.69
CA LEU A 93 -9.24 8.09 0.75
C LEU A 93 -10.13 8.89 -0.20
N THR A 94 -10.86 9.87 0.32
CA THR A 94 -11.87 10.62 -0.41
C THR A 94 -11.29 11.75 -1.29
N SER A 95 -9.96 11.92 -1.35
CA SER A 95 -9.33 12.94 -2.20
C SER A 95 -9.49 12.67 -3.70
N ASN A 96 -10.00 11.49 -4.08
CA ASN A 96 -10.30 11.09 -5.46
C ASN A 96 -11.62 10.33 -5.39
N MET A 1 -17.27 -18.83 -1.63
CA MET A 1 -17.89 -17.76 -2.44
C MET A 1 -18.56 -16.73 -1.53
N GLY A 2 -18.19 -15.45 -1.67
CA GLY A 2 -18.79 -14.35 -0.90
C GLY A 2 -18.79 -13.02 -1.65
N HIS A 3 -18.40 -12.98 -2.93
CA HIS A 3 -18.27 -11.75 -3.71
C HIS A 3 -19.61 -11.07 -4.01
N HIS A 4 -20.74 -11.68 -3.62
CA HIS A 4 -22.06 -11.07 -3.70
C HIS A 4 -22.16 -9.80 -2.84
N HIS A 5 -21.38 -9.71 -1.75
CA HIS A 5 -21.37 -8.54 -0.87
C HIS A 5 -20.82 -7.32 -1.63
N HIS A 6 -21.46 -6.17 -1.45
CA HIS A 6 -21.10 -4.88 -2.05
C HIS A 6 -21.43 -3.79 -1.02
N HIS A 7 -20.90 -2.58 -1.21
CA HIS A 7 -21.20 -1.44 -0.37
C HIS A 7 -22.71 -1.14 -0.41
N HIS A 8 -23.28 -0.81 0.73
CA HIS A 8 -24.71 -0.53 0.89
C HIS A 8 -24.98 0.35 2.12
N LEU A 9 -24.18 0.18 3.19
CA LEU A 9 -24.21 1.02 4.39
C LEU A 9 -23.92 2.47 3.99
N ASP A 10 -24.60 3.42 4.63
CA ASP A 10 -24.48 4.85 4.33
C ASP A 10 -23.10 5.43 4.69
N SER A 11 -22.47 4.86 5.72
CA SER A 11 -21.16 5.25 6.23
C SER A 11 -20.07 5.13 5.15
N TYR A 12 -18.98 5.91 5.30
CA TYR A 12 -17.80 5.78 4.46
C TYR A 12 -17.12 4.42 4.66
N ALA A 13 -16.18 4.09 3.78
CA ALA A 13 -15.40 2.86 3.78
C ALA A 13 -13.97 3.19 3.34
N PRO A 14 -12.97 2.31 3.58
CA PRO A 14 -11.60 2.48 3.10
C PRO A 14 -11.55 2.86 1.61
N ARG A 15 -10.53 3.62 1.21
CA ARG A 15 -10.40 4.19 -0.14
C ARG A 15 -9.28 3.48 -0.89
N ALA A 16 -9.21 2.15 -0.74
CA ALA A 16 -8.27 1.32 -1.47
C ALA A 16 -8.47 1.46 -2.98
N GLU A 17 -7.40 1.23 -3.73
CA GLU A 17 -7.38 1.30 -5.19
C GLU A 17 -6.71 0.04 -5.79
N ALA A 18 -6.17 -0.85 -4.95
CA ALA A 18 -5.57 -2.11 -5.36
C ALA A 18 -5.73 -3.14 -4.24
N GLU A 19 -5.73 -4.41 -4.62
CA GLU A 19 -5.65 -5.59 -3.79
C GLU A 19 -5.04 -6.64 -4.70
N LYS A 20 -3.74 -6.91 -4.56
CA LYS A 20 -3.00 -7.76 -5.49
C LYS A 20 -1.79 -8.37 -4.78
N THR A 21 -1.34 -9.51 -5.28
CA THR A 21 -0.09 -10.14 -4.90
C THR A 21 1.08 -9.34 -5.48
N PHE A 22 2.19 -9.26 -4.75
CA PHE A 22 3.43 -8.64 -5.19
C PHE A 22 4.62 -9.47 -4.69
N SER A 23 5.78 -9.26 -5.30
CA SER A 23 7.07 -9.88 -5.01
C SER A 23 8.15 -8.82 -5.32
N TYR A 24 9.41 -9.12 -5.05
CA TYR A 24 10.53 -8.21 -5.30
C TYR A 24 11.71 -8.97 -5.91
N PRO A 25 12.60 -8.32 -6.69
CA PRO A 25 12.45 -6.96 -7.22
C PRO A 25 11.31 -6.91 -8.25
N LEU A 26 10.69 -5.73 -8.40
CA LEU A 26 9.52 -5.50 -9.23
C LEU A 26 9.43 -3.99 -9.51
N ASP A 27 8.52 -3.58 -10.41
CA ASP A 27 8.22 -2.18 -10.70
C ASP A 27 7.75 -1.42 -9.45
N LEU A 28 7.04 -2.10 -8.54
CA LEU A 28 6.62 -1.54 -7.26
C LEU A 28 7.84 -1.17 -6.41
N LEU A 29 7.89 0.07 -5.92
CA LEU A 29 8.88 0.57 -4.98
C LEU A 29 8.15 1.50 -4.01
N LEU A 30 8.62 1.61 -2.77
CA LEU A 30 7.94 2.30 -1.68
C LEU A 30 8.92 3.23 -0.95
N LYS A 31 8.41 4.27 -0.29
CA LYS A 31 9.20 5.16 0.57
C LYS A 31 8.39 5.57 1.80
N LEU A 32 9.06 5.93 2.89
CA LEU A 32 8.45 6.44 4.12
C LEU A 32 8.46 7.96 4.05
N HIS A 33 7.32 8.60 4.34
CA HIS A 33 7.21 10.04 4.52
C HIS A 33 6.01 10.30 5.45
N ASP A 34 6.16 11.24 6.39
CA ASP A 34 5.14 11.65 7.36
C ASP A 34 4.41 10.45 8.00
N GLU A 35 5.19 9.48 8.47
CA GLU A 35 4.74 8.25 9.14
C GLU A 35 3.83 7.36 8.29
N ARG A 36 3.76 7.57 6.97
CA ARG A 36 3.08 6.67 6.03
C ARG A 36 4.10 6.11 5.06
N VAL A 37 3.81 4.95 4.48
CA VAL A 37 4.58 4.41 3.37
C VAL A 37 3.74 4.69 2.12
N LEU A 38 4.40 5.25 1.10
CA LEU A 38 3.78 5.69 -0.14
C LEU A 38 4.42 4.91 -1.28
N VAL A 39 3.66 4.70 -2.35
CA VAL A 39 4.15 4.11 -3.59
C VAL A 39 5.10 5.12 -4.24
N ALA A 40 6.40 4.82 -4.21
CA ALA A 40 7.45 5.66 -4.78
C ALA A 40 7.66 5.38 -6.28
N PHE A 41 7.40 4.15 -6.71
CA PHE A 41 7.34 3.77 -8.12
C PHE A 41 6.29 2.68 -8.24
N GLY A 42 5.56 2.69 -9.35
CA GLY A 42 4.38 1.87 -9.55
C GLY A 42 3.60 2.50 -10.68
N GLN A 43 3.82 2.03 -11.90
CA GLN A 43 3.33 2.66 -13.12
C GLN A 43 2.97 1.58 -14.17
N ARG A 44 2.41 2.02 -15.31
CA ARG A 44 1.90 1.21 -16.43
C ARG A 44 0.67 0.37 -16.08
N ASP A 45 0.67 -0.35 -14.95
CA ASP A 45 -0.50 -1.04 -14.43
C ASP A 45 -1.61 -0.04 -14.08
N GLY A 46 -1.21 1.13 -13.58
CA GLY A 46 -2.04 2.27 -13.26
C GLY A 46 -1.14 3.37 -12.70
N ILE A 47 -1.69 4.53 -12.38
CA ILE A 47 -0.98 5.64 -11.74
C ILE A 47 -0.77 5.34 -10.23
N ARG A 48 -0.16 4.19 -9.91
CA ARG A 48 -0.10 3.69 -8.53
C ARG A 48 0.76 4.60 -7.65
N VAL A 49 1.78 5.26 -8.20
CA VAL A 49 2.59 6.26 -7.50
C VAL A 49 1.75 7.24 -6.67
N GLY A 50 2.25 7.60 -5.49
CA GLY A 50 1.68 8.62 -4.62
C GLY A 50 0.59 8.08 -3.68
N HIS A 51 0.03 6.89 -3.94
CA HIS A 51 -0.95 6.27 -3.05
C HIS A 51 -0.26 5.78 -1.77
N ALA A 52 -1.03 5.60 -0.69
CA ALA A 52 -0.55 5.19 0.62
C ALA A 52 -0.94 3.74 0.87
N VAL A 53 -0.08 2.99 1.55
CA VAL A 53 -0.38 1.62 1.96
C VAL A 53 -1.55 1.62 2.96
N LEU A 54 -2.31 0.52 2.99
CA LEU A 54 -3.50 0.36 3.85
C LEU A 54 -3.45 -0.99 4.57
N ALA A 55 -3.06 -2.08 3.90
CA ALA A 55 -2.88 -3.38 4.55
C ALA A 55 -1.82 -4.20 3.81
N ILE A 56 -1.24 -5.18 4.49
CA ILE A 56 -0.27 -6.13 3.95
C ILE A 56 -0.64 -7.50 4.52
N ASN A 57 -0.56 -8.54 3.70
CA ASN A 57 -0.82 -9.95 4.03
C ASN A 57 -2.12 -10.13 4.83
N GLY A 58 -3.12 -9.27 4.59
CA GLY A 58 -4.43 -9.35 5.19
C GLY A 58 -4.51 -8.73 6.60
N MET A 59 -3.55 -7.88 6.98
CA MET A 59 -3.63 -7.07 8.19
C MET A 59 -3.43 -5.60 7.83
N ASP A 60 -4.30 -4.75 8.38
CA ASP A 60 -4.17 -3.31 8.34
C ASP A 60 -2.77 -2.91 8.82
N VAL A 61 -2.18 -1.89 8.19
CA VAL A 61 -0.89 -1.35 8.62
C VAL A 61 -1.09 0.09 9.09
N ASN A 62 -0.60 0.37 10.31
CA ASN A 62 -0.60 1.65 10.98
C ASN A 62 0.47 2.54 10.37
N GLY A 63 0.18 3.06 9.17
CA GLY A 63 0.97 4.05 8.45
C GLY A 63 2.28 3.49 7.89
N ARG A 64 3.20 3.12 8.78
CA ARG A 64 4.47 2.48 8.45
C ARG A 64 4.83 1.36 9.43
N TYR A 65 3.92 0.97 10.33
CA TYR A 65 4.13 -0.17 11.23
C TYR A 65 2.99 -1.16 10.97
N THR A 66 3.25 -2.46 11.03
CA THR A 66 2.19 -3.45 10.91
C THR A 66 1.31 -3.44 12.17
N ALA A 67 0.23 -4.22 12.12
CA ALA A 67 -0.58 -4.50 13.29
C ALA A 67 0.27 -5.15 14.39
N ASP A 68 1.20 -6.03 14.00
CA ASP A 68 2.14 -6.70 14.90
C ASP A 68 3.18 -5.70 15.44
N GLY A 69 3.67 -4.80 14.60
CA GLY A 69 4.56 -3.70 14.98
C GLY A 69 5.86 -3.64 14.17
N LYS A 70 6.08 -4.55 13.21
CA LYS A 70 7.22 -4.50 12.30
C LYS A 70 7.13 -3.22 11.48
N GLU A 71 8.25 -2.57 11.16
CA GLU A 71 8.20 -1.47 10.20
C GLU A 71 7.90 -2.09 8.83
N VAL A 72 6.98 -1.48 8.09
CA VAL A 72 6.50 -1.97 6.79
C VAL A 72 7.66 -2.17 5.82
N LEU A 73 8.59 -1.22 5.73
CA LEU A 73 9.69 -1.32 4.76
C LEU A 73 10.63 -2.47 5.14
N GLU A 74 10.86 -2.70 6.43
CA GLU A 74 11.70 -3.81 6.89
C GLU A 74 10.97 -5.14 6.66
N TYR A 75 9.67 -5.18 6.96
CA TYR A 75 8.83 -6.35 6.84
C TYR A 75 8.79 -6.84 5.39
N LEU A 76 8.61 -5.91 4.44
CA LEU A 76 8.61 -6.21 3.01
C LEU A 76 10.02 -6.46 2.50
N GLY A 77 11.02 -5.79 3.06
CA GLY A 77 12.41 -5.91 2.66
C GLY A 77 13.00 -7.28 3.01
N ASN A 78 12.53 -7.92 4.08
CA ASN A 78 12.90 -9.28 4.47
C ASN A 78 12.51 -10.26 3.35
N PRO A 79 13.46 -10.92 2.67
CA PRO A 79 13.13 -11.79 1.54
C PRO A 79 12.41 -13.08 1.95
N ALA A 80 12.41 -13.46 3.23
CA ALA A 80 11.56 -14.55 3.72
C ALA A 80 10.07 -14.19 3.57
N ASN A 81 9.77 -12.91 3.33
CA ASN A 81 8.46 -12.31 3.18
C ASN A 81 8.48 -11.38 1.95
N TYR A 82 9.25 -11.74 0.91
CA TYR A 82 9.18 -11.07 -0.39
C TYR A 82 7.81 -11.30 -1.06
N PRO A 83 7.30 -12.55 -1.23
CA PRO A 83 5.96 -12.74 -1.78
C PRO A 83 4.91 -12.31 -0.75
N VAL A 84 4.01 -11.42 -1.14
CA VAL A 84 3.07 -10.73 -0.26
C VAL A 84 1.79 -10.38 -1.03
N SER A 85 0.78 -9.91 -0.30
CA SER A 85 -0.43 -9.32 -0.84
C SER A 85 -0.54 -7.94 -0.19
N ILE A 86 -0.93 -6.90 -0.92
CA ILE A 86 -0.93 -5.53 -0.39
C ILE A 86 -2.20 -4.84 -0.88
N ARG A 87 -2.75 -3.99 -0.02
CA ARG A 87 -3.82 -3.06 -0.34
C ARG A 87 -3.25 -1.68 -0.08
N PHE A 88 -3.45 -0.78 -1.03
CA PHE A 88 -3.05 0.61 -0.95
C PHE A 88 -4.11 1.43 -1.68
N GLY A 89 -4.10 2.75 -1.51
CA GLY A 89 -5.07 3.63 -2.11
C GLY A 89 -4.96 5.03 -1.53
N ARG A 90 -6.04 5.80 -1.62
CA ARG A 90 -6.12 7.07 -0.90
C ARG A 90 -6.21 6.76 0.61
N PRO A 91 -5.85 7.72 1.49
CA PRO A 91 -6.08 7.57 2.91
C PRO A 91 -7.58 7.37 3.21
N ARG A 92 -7.89 6.72 4.33
CA ARG A 92 -9.28 6.38 4.70
C ARG A 92 -10.10 7.59 5.14
N LEU A 93 -9.48 8.77 5.29
CA LEU A 93 -10.10 10.02 5.68
C LEU A 93 -9.50 11.13 4.79
N THR A 94 -10.16 12.27 4.70
CA THR A 94 -9.77 13.40 3.87
C THR A 94 -8.40 13.99 4.26
N SER A 95 -7.94 13.79 5.50
CA SER A 95 -6.63 14.21 5.98
C SER A 95 -5.53 13.60 5.10
N ASN A 96 -4.63 14.43 4.58
CA ASN A 96 -3.51 13.97 3.74
C ASN A 96 -2.64 13.01 4.53
N MET A 1 -13.64 16.93 -11.82
CA MET A 1 -12.61 16.17 -11.08
C MET A 1 -11.70 15.44 -12.06
N GLY A 2 -10.42 15.81 -12.12
CA GLY A 2 -9.43 15.23 -13.03
C GLY A 2 -8.20 16.12 -13.09
N HIS A 3 -7.31 15.84 -14.05
CA HIS A 3 -6.03 16.54 -14.23
C HIS A 3 -6.17 18.06 -14.41
N HIS A 4 -7.37 18.55 -14.78
CA HIS A 4 -7.67 19.98 -14.89
C HIS A 4 -7.52 20.72 -13.54
N HIS A 5 -7.62 20.01 -12.40
CA HIS A 5 -7.42 20.50 -11.04
C HIS A 5 -8.03 21.90 -10.77
N HIS A 6 -9.32 22.08 -11.11
CA HIS A 6 -10.07 23.28 -10.70
C HIS A 6 -10.31 23.30 -9.18
N HIS A 7 -10.03 22.19 -8.49
CA HIS A 7 -10.03 22.05 -7.04
C HIS A 7 -8.83 21.16 -6.66
N HIS A 8 -8.45 21.17 -5.39
CA HIS A 8 -7.43 20.28 -4.86
C HIS A 8 -7.89 18.81 -4.98
N LEU A 9 -6.97 17.90 -5.25
CA LEU A 9 -7.22 16.47 -5.31
C LEU A 9 -7.19 15.92 -3.87
N ASP A 10 -8.21 16.28 -3.08
CA ASP A 10 -8.36 15.82 -1.70
C ASP A 10 -8.43 14.29 -1.65
N SER A 11 -8.01 13.69 -0.54
CA SER A 11 -7.94 12.24 -0.36
C SER A 11 -9.31 11.54 -0.41
N TYR A 12 -10.36 12.20 0.08
CA TYR A 12 -11.65 11.55 0.28
C TYR A 12 -12.35 11.21 -1.04
N ALA A 13 -12.96 10.03 -1.07
CA ALA A 13 -13.89 9.53 -2.07
C ALA A 13 -14.64 8.35 -1.44
N PRO A 14 -15.86 8.01 -1.90
CA PRO A 14 -16.64 6.88 -1.40
C PRO A 14 -15.87 5.55 -1.40
N ARG A 15 -14.98 5.37 -2.39
CA ARG A 15 -14.01 4.30 -2.47
C ARG A 15 -12.76 4.96 -3.05
N ALA A 16 -11.61 4.69 -2.45
CA ALA A 16 -10.34 5.33 -2.78
C ALA A 16 -9.18 4.34 -2.63
N GLU A 17 -9.48 3.04 -2.65
CA GLU A 17 -8.57 1.96 -2.31
C GLU A 17 -8.60 0.88 -3.42
N ALA A 18 -7.54 0.09 -3.49
CA ALA A 18 -7.39 -1.09 -4.37
C ALA A 18 -6.38 -2.05 -3.72
N GLU A 19 -6.21 -3.23 -4.31
CA GLU A 19 -5.39 -4.30 -3.76
C GLU A 19 -4.66 -5.01 -4.91
N LYS A 20 -3.45 -5.50 -4.67
CA LYS A 20 -2.61 -6.18 -5.65
C LYS A 20 -1.65 -7.13 -4.92
N THR A 21 -0.92 -7.95 -5.66
CA THR A 21 0.02 -8.95 -5.15
C THR A 21 1.39 -8.66 -5.76
N PHE A 22 2.46 -8.84 -4.99
CA PHE A 22 3.81 -8.47 -5.39
C PHE A 22 4.82 -9.51 -4.90
N SER A 23 6.04 -9.44 -5.42
CA SER A 23 7.22 -10.17 -4.99
C SER A 23 8.44 -9.35 -5.41
N TYR A 24 9.64 -9.79 -5.01
CA TYR A 24 10.91 -9.13 -5.24
C TYR A 24 11.92 -10.22 -5.67
N PRO A 25 13.08 -9.91 -6.27
CA PRO A 25 13.69 -8.59 -6.52
C PRO A 25 13.08 -7.83 -7.71
N LEU A 26 12.00 -8.34 -8.33
CA LEU A 26 11.24 -7.63 -9.36
C LEU A 26 10.98 -6.19 -8.92
N ASP A 27 11.27 -5.24 -9.83
CA ASP A 27 11.31 -3.81 -9.53
C ASP A 27 9.98 -3.27 -8.99
N LEU A 28 10.02 -2.66 -7.81
CA LEU A 28 8.97 -1.90 -7.16
C LEU A 28 9.68 -1.04 -6.11
N LEU A 29 9.13 0.12 -5.72
CA LEU A 29 9.73 0.93 -4.65
C LEU A 29 8.65 1.64 -3.87
N LEU A 30 8.78 1.65 -2.54
CA LEU A 30 7.88 2.27 -1.57
C LEU A 30 8.79 3.11 -0.63
N LYS A 31 8.28 4.21 -0.05
CA LYS A 31 9.06 5.06 0.87
C LYS A 31 8.16 5.65 1.95
N LEU A 32 8.72 6.00 3.12
CA LEU A 32 8.00 6.69 4.19
C LEU A 32 7.87 8.17 3.82
N HIS A 33 6.64 8.70 3.79
CA HIS A 33 6.34 10.12 3.59
C HIS A 33 4.97 10.43 4.23
N ASP A 34 4.82 11.64 4.79
CA ASP A 34 3.61 12.08 5.49
C ASP A 34 3.10 11.02 6.48
N GLU A 35 4.04 10.46 7.23
CA GLU A 35 3.87 9.42 8.24
C GLU A 35 3.34 8.05 7.74
N ARG A 36 3.08 7.84 6.45
CA ARG A 36 2.72 6.52 5.92
C ARG A 36 3.75 6.08 4.89
N VAL A 37 3.83 4.79 4.61
CA VAL A 37 4.61 4.35 3.47
C VAL A 37 3.73 4.59 2.24
N LEU A 38 4.29 5.21 1.20
CA LEU A 38 3.63 5.49 -0.07
C LEU A 38 4.39 4.76 -1.16
N VAL A 39 3.72 4.41 -2.25
CA VAL A 39 4.39 3.84 -3.42
C VAL A 39 5.23 4.94 -4.08
N ALA A 40 6.54 4.72 -4.20
CA ALA A 40 7.43 5.59 -4.96
C ALA A 40 7.37 5.26 -6.45
N PHE A 41 7.28 3.97 -6.79
CA PHE A 41 7.17 3.50 -8.17
C PHE A 41 6.40 2.18 -8.20
N GLY A 42 5.44 2.10 -9.11
CA GLY A 42 4.70 0.89 -9.48
C GLY A 42 4.01 1.05 -10.83
N GLN A 43 4.55 1.91 -11.71
CA GLN A 43 3.89 2.34 -12.95
C GLN A 43 3.60 1.17 -13.90
N ARG A 44 4.40 0.09 -13.82
CA ARG A 44 4.17 -1.13 -14.60
C ARG A 44 2.82 -1.76 -14.30
N ASP A 45 2.29 -1.61 -13.09
CA ASP A 45 0.97 -2.12 -12.72
C ASP A 45 -0.11 -1.06 -12.99
N GLY A 46 0.17 0.21 -12.65
CA GLY A 46 -0.74 1.32 -12.88
C GLY A 46 -0.32 2.54 -12.07
N ILE A 47 -1.22 3.52 -11.94
CA ILE A 47 -1.00 4.80 -11.27
C ILE A 47 -0.88 4.68 -9.73
N ARG A 48 -0.30 3.59 -9.21
CA ARG A 48 -0.09 3.36 -7.78
C ARG A 48 0.77 4.46 -7.14
N VAL A 49 1.63 5.14 -7.89
CA VAL A 49 2.53 6.18 -7.39
C VAL A 49 1.76 7.14 -6.46
N GLY A 50 2.31 7.37 -5.28
CA GLY A 50 1.79 8.33 -4.31
C GLY A 50 0.67 7.78 -3.42
N HIS A 51 0.15 6.58 -3.70
CA HIS A 51 -0.89 5.98 -2.87
C HIS A 51 -0.22 5.40 -1.62
N ALA A 52 -0.93 5.49 -0.50
CA ALA A 52 -0.49 5.03 0.80
C ALA A 52 -0.79 3.55 0.95
N VAL A 53 0.09 2.81 1.62
CA VAL A 53 -0.21 1.45 2.02
C VAL A 53 -1.32 1.49 3.07
N LEU A 54 -2.23 0.52 3.04
CA LEU A 54 -3.35 0.42 3.96
C LEU A 54 -3.40 -0.97 4.62
N ALA A 55 -2.98 -2.04 3.94
CA ALA A 55 -2.78 -3.34 4.56
C ALA A 55 -1.69 -4.12 3.84
N ILE A 56 -1.10 -5.10 4.52
CA ILE A 56 -0.14 -6.04 3.95
C ILE A 56 -0.49 -7.40 4.57
N ASN A 57 -0.52 -8.45 3.74
CA ASN A 57 -0.85 -9.82 4.12
C ASN A 57 -2.14 -9.91 4.96
N GLY A 58 -3.06 -8.97 4.75
CA GLY A 58 -4.35 -8.91 5.44
C GLY A 58 -4.31 -8.10 6.76
N MET A 59 -3.12 -7.76 7.27
CA MET A 59 -2.98 -6.88 8.43
C MET A 59 -3.13 -5.44 7.94
N ASP A 60 -4.20 -4.75 8.35
CA ASP A 60 -4.33 -3.31 8.14
C ASP A 60 -3.17 -2.64 8.89
N VAL A 61 -2.36 -1.83 8.20
CA VAL A 61 -1.12 -1.31 8.75
C VAL A 61 -1.30 0.09 9.32
N ASN A 62 -0.69 0.30 10.49
CA ASN A 62 -0.59 1.56 11.20
C ASN A 62 0.46 2.44 10.50
N GLY A 63 0.12 2.91 9.30
CA GLY A 63 0.85 3.88 8.48
C GLY A 63 2.14 3.36 7.89
N ARG A 64 3.06 2.94 8.76
CA ARG A 64 4.41 2.51 8.47
C ARG A 64 4.83 1.34 9.37
N TYR A 65 3.94 0.89 10.27
CA TYR A 65 4.17 -0.28 11.10
C TYR A 65 3.01 -1.24 10.87
N THR A 66 3.23 -2.55 10.89
CA THR A 66 2.14 -3.51 10.78
C THR A 66 1.27 -3.48 12.04
N ALA A 67 0.17 -4.25 12.02
CA ALA A 67 -0.63 -4.49 13.20
C ALA A 67 0.22 -5.10 14.33
N ASP A 68 1.15 -5.99 13.96
CA ASP A 68 2.10 -6.60 14.91
C ASP A 68 3.14 -5.58 15.38
N GLY A 69 3.60 -4.71 14.49
CA GLY A 69 4.51 -3.60 14.78
C GLY A 69 5.79 -3.59 13.95
N LYS A 70 5.92 -4.51 12.98
CA LYS A 70 7.07 -4.57 12.08
C LYS A 70 7.10 -3.29 11.26
N GLU A 71 8.24 -2.65 11.10
CA GLU A 71 8.37 -1.52 10.19
C GLU A 71 8.15 -2.05 8.77
N VAL A 72 7.21 -1.43 8.04
CA VAL A 72 6.73 -1.93 6.75
C VAL A 72 7.87 -2.15 5.75
N LEU A 73 8.84 -1.23 5.69
CA LEU A 73 9.91 -1.34 4.70
C LEU A 73 10.80 -2.55 5.01
N GLU A 74 11.10 -2.81 6.28
CA GLU A 74 11.86 -3.97 6.71
C GLU A 74 11.04 -5.24 6.52
N TYR A 75 9.74 -5.19 6.85
CA TYR A 75 8.82 -6.31 6.74
C TYR A 75 8.74 -6.81 5.30
N LEU A 76 8.62 -5.89 4.34
CA LEU A 76 8.57 -6.21 2.92
C LEU A 76 9.97 -6.61 2.42
N GLY A 77 11.02 -5.98 2.94
CA GLY A 77 12.40 -6.25 2.55
C GLY A 77 12.87 -7.64 2.95
N ASN A 78 12.36 -8.19 4.06
CA ASN A 78 12.68 -9.52 4.55
C ASN A 78 12.31 -10.58 3.50
N PRO A 79 13.25 -11.36 2.93
CA PRO A 79 12.94 -12.32 1.88
C PRO A 79 12.13 -13.52 2.36
N ALA A 80 12.03 -13.78 3.66
CA ALA A 80 11.09 -14.77 4.20
C ALA A 80 9.63 -14.34 3.94
N ASN A 81 9.43 -13.07 3.56
CA ASN A 81 8.15 -12.41 3.32
C ASN A 81 8.26 -11.59 2.02
N TYR A 82 9.03 -12.08 1.03
CA TYR A 82 9.08 -11.47 -0.30
C TYR A 82 7.71 -11.54 -1.00
N PRO A 83 7.06 -12.71 -1.17
CA PRO A 83 5.74 -12.76 -1.80
C PRO A 83 4.69 -12.20 -0.83
N VAL A 84 3.88 -11.25 -1.29
CA VAL A 84 2.96 -10.50 -0.44
C VAL A 84 1.69 -10.11 -1.20
N SER A 85 0.68 -9.72 -0.44
CA SER A 85 -0.55 -9.09 -0.91
C SER A 85 -0.62 -7.74 -0.20
N ILE A 86 -1.00 -6.68 -0.89
CA ILE A 86 -0.96 -5.32 -0.35
C ILE A 86 -2.25 -4.63 -0.79
N ARG A 87 -2.90 -3.94 0.15
CA ARG A 87 -4.02 -3.03 -0.10
C ARG A 87 -3.47 -1.63 0.10
N PHE A 88 -3.83 -0.70 -0.77
CA PHE A 88 -3.33 0.67 -0.78
C PHE A 88 -4.47 1.59 -1.23
N GLY A 89 -4.30 2.89 -1.09
CA GLY A 89 -5.33 3.85 -1.45
C GLY A 89 -4.87 5.27 -1.22
N ARG A 90 -5.76 6.24 -1.41
CA ARG A 90 -5.48 7.61 -1.00
C ARG A 90 -5.23 7.63 0.52
N PRO A 91 -4.34 8.49 1.04
CA PRO A 91 -4.04 8.55 2.46
C PRO A 91 -5.29 8.68 3.33
N ARG A 92 -5.30 7.94 4.44
CA ARG A 92 -6.29 8.04 5.52
C ARG A 92 -5.52 7.78 6.82
N LEU A 93 -6.08 8.15 7.98
CA LEU A 93 -5.49 7.95 9.30
C LEU A 93 -6.61 7.60 10.28
N THR A 94 -6.24 6.91 11.36
CA THR A 94 -7.14 6.58 12.46
C THR A 94 -7.54 7.84 13.24
N SER A 95 -8.60 7.73 14.06
CA SER A 95 -9.09 8.81 14.93
C SER A 95 -8.08 9.23 16.00
N ASN A 96 -7.05 8.40 16.25
CA ASN A 96 -5.93 8.64 17.15
C ASN A 96 -4.70 8.01 16.50
N MET A 1 -27.72 -11.38 5.27
CA MET A 1 -27.65 -12.69 5.97
C MET A 1 -26.24 -13.27 5.83
N GLY A 2 -25.65 -13.72 6.94
CA GLY A 2 -24.33 -14.34 6.98
C GLY A 2 -24.00 -14.79 8.41
N HIS A 3 -22.85 -15.43 8.58
CA HIS A 3 -22.35 -15.92 9.87
C HIS A 3 -20.83 -15.72 9.88
N HIS A 4 -20.26 -15.49 11.07
CA HIS A 4 -18.87 -15.07 11.26
C HIS A 4 -18.55 -13.80 10.44
N HIS A 5 -17.27 -13.45 10.34
CA HIS A 5 -16.83 -12.35 9.48
C HIS A 5 -17.11 -12.70 8.00
N HIS A 6 -17.31 -11.68 7.17
CA HIS A 6 -17.67 -11.78 5.76
C HIS A 6 -17.00 -10.63 5.00
N HIS A 7 -17.04 -10.70 3.66
CA HIS A 7 -16.59 -9.67 2.73
C HIS A 7 -17.69 -9.49 1.66
N HIS A 8 -17.60 -8.41 0.89
CA HIS A 8 -18.46 -8.14 -0.26
C HIS A 8 -17.64 -7.37 -1.30
N LEU A 9 -18.17 -7.23 -2.52
CA LEU A 9 -17.57 -6.40 -3.57
C LEU A 9 -17.66 -4.93 -3.17
N ASP A 10 -16.78 -4.13 -3.77
CA ASP A 10 -16.70 -2.66 -3.77
C ASP A 10 -16.67 -1.91 -2.44
N SER A 11 -17.04 -2.51 -1.31
CA SER A 11 -17.11 -1.86 0.00
C SER A 11 -15.75 -1.33 0.48
N TYR A 12 -14.66 -1.96 0.03
CA TYR A 12 -13.28 -1.57 0.30
C TYR A 12 -12.84 -0.38 -0.55
N ALA A 13 -13.39 -0.22 -1.76
CA ALA A 13 -12.92 0.73 -2.76
C ALA A 13 -12.77 2.18 -2.27
N PRO A 14 -13.68 2.75 -1.45
CA PRO A 14 -13.52 4.09 -0.89
C PRO A 14 -12.20 4.30 -0.14
N ARG A 15 -11.68 3.27 0.54
CA ARG A 15 -10.42 3.40 1.27
C ARG A 15 -9.26 2.91 0.40
N ALA A 16 -9.40 1.75 -0.25
CA ALA A 16 -8.33 1.14 -1.03
C ALA A 16 -8.96 0.47 -2.24
N GLU A 17 -8.53 0.84 -3.45
CA GLU A 17 -9.20 0.43 -4.68
C GLU A 17 -9.08 -1.07 -4.96
N ALA A 18 -8.00 -1.71 -4.49
CA ALA A 18 -7.68 -3.09 -4.80
C ALA A 18 -6.68 -3.65 -3.78
N GLU A 19 -6.45 -4.96 -3.87
CA GLU A 19 -5.40 -5.70 -3.18
C GLU A 19 -4.83 -6.65 -4.23
N LYS A 20 -3.49 -6.77 -4.29
CA LYS A 20 -2.81 -7.59 -5.31
C LYS A 20 -1.64 -8.31 -4.68
N THR A 21 -1.30 -9.48 -5.22
CA THR A 21 -0.16 -10.30 -4.81
C THR A 21 1.11 -9.77 -5.49
N PHE A 22 2.24 -9.79 -4.80
CA PHE A 22 3.55 -9.40 -5.32
C PHE A 22 4.64 -10.31 -4.72
N SER A 23 5.83 -10.21 -5.30
CA SER A 23 7.10 -10.77 -4.86
C SER A 23 8.17 -9.71 -5.20
N TYR A 24 9.42 -9.93 -4.80
CA TYR A 24 10.50 -8.96 -5.02
C TYR A 24 11.76 -9.68 -5.56
N PRO A 25 12.71 -8.99 -6.22
CA PRO A 25 12.64 -7.60 -6.69
C PRO A 25 11.46 -7.34 -7.63
N LEU A 26 11.00 -6.09 -7.70
CA LEU A 26 9.85 -5.66 -8.49
C LEU A 26 10.05 -4.18 -8.84
N ASP A 27 9.40 -3.73 -9.92
CA ASP A 27 9.44 -2.33 -10.36
C ASP A 27 8.74 -1.38 -9.37
N LEU A 28 7.72 -1.88 -8.66
CA LEU A 28 7.04 -1.16 -7.59
C LEU A 28 8.06 -0.81 -6.50
N LEU A 29 8.03 0.43 -6.02
CA LEU A 29 8.90 0.94 -4.96
C LEU A 29 8.07 1.83 -4.05
N LEU A 30 8.32 1.77 -2.74
CA LEU A 30 7.59 2.47 -1.68
C LEU A 30 8.61 3.25 -0.84
N LYS A 31 8.18 4.32 -0.16
CA LYS A 31 9.01 5.06 0.79
C LYS A 31 8.19 5.49 2.01
N LEU A 32 8.84 5.64 3.16
CA LEU A 32 8.21 6.11 4.40
C LEU A 32 8.06 7.62 4.27
N HIS A 33 6.87 8.14 4.51
CA HIS A 33 6.56 9.57 4.47
C HIS A 33 5.40 9.84 5.42
N ASP A 34 5.48 10.94 6.18
CA ASP A 34 4.49 11.39 7.15
C ASP A 34 3.97 10.26 8.05
N GLU A 35 4.92 9.50 8.62
CA GLU A 35 4.72 8.36 9.51
C GLU A 35 3.87 7.22 8.91
N ARG A 36 3.68 7.22 7.58
CA ARG A 36 3.02 6.20 6.80
C ARG A 36 3.98 5.77 5.68
N VAL A 37 3.52 5.00 4.70
CA VAL A 37 4.33 4.58 3.58
C VAL A 37 3.51 4.83 2.32
N LEU A 38 4.16 5.38 1.29
CA LEU A 38 3.54 5.79 0.03
C LEU A 38 4.31 5.15 -1.12
N VAL A 39 3.65 5.00 -2.26
CA VAL A 39 4.26 4.56 -3.51
C VAL A 39 5.26 5.63 -3.94
N ALA A 40 6.52 5.24 -4.11
CA ALA A 40 7.57 6.08 -4.67
C ALA A 40 7.56 6.01 -6.19
N PHE A 41 7.30 4.82 -6.74
CA PHE A 41 7.24 4.55 -8.17
C PHE A 41 6.40 3.28 -8.36
N GLY A 42 5.52 3.26 -9.36
CA GLY A 42 4.67 2.10 -9.63
C GLY A 42 3.55 2.40 -10.63
N GLN A 43 3.74 3.38 -11.53
CA GLN A 43 2.73 3.79 -12.51
C GLN A 43 2.34 2.58 -13.36
N ARG A 44 1.08 2.17 -13.31
CA ARG A 44 0.56 0.95 -13.95
C ARG A 44 -0.93 1.15 -14.14
N ASP A 45 -1.42 1.14 -15.38
CA ASP A 45 -2.77 1.52 -15.81
C ASP A 45 -3.11 3.01 -15.57
N GLY A 46 -2.46 3.66 -14.61
CA GLY A 46 -2.47 5.09 -14.34
C GLY A 46 -1.30 5.41 -13.41
N ILE A 47 -1.08 6.70 -13.13
CA ILE A 47 -0.04 7.11 -12.17
C ILE A 47 -0.45 6.65 -10.77
N ARG A 48 0.53 6.32 -9.92
CA ARG A 48 0.30 5.81 -8.57
C ARG A 48 1.21 6.44 -7.52
N VAL A 49 2.20 7.24 -7.91
CA VAL A 49 3.10 7.91 -6.96
C VAL A 49 2.26 8.69 -5.94
N GLY A 50 2.61 8.60 -4.66
CA GLY A 50 1.97 9.34 -3.58
C GLY A 50 0.71 8.68 -3.04
N HIS A 51 0.23 7.59 -3.66
CA HIS A 51 -0.84 6.77 -3.06
C HIS A 51 -0.24 6.00 -1.89
N ALA A 52 -1.07 5.55 -0.96
CA ALA A 52 -0.63 4.98 0.31
C ALA A 52 -0.95 3.50 0.37
N VAL A 53 -0.02 2.73 0.94
CA VAL A 53 -0.31 1.35 1.28
C VAL A 53 -1.11 1.44 2.59
N LEU A 54 -2.20 0.68 2.67
CA LEU A 54 -3.15 0.76 3.78
C LEU A 54 -3.29 -0.62 4.43
N ALA A 55 -3.04 -1.72 3.71
CA ALA A 55 -2.94 -3.03 4.35
C ALA A 55 -1.87 -3.86 3.64
N ILE A 56 -1.29 -4.80 4.37
CA ILE A 56 -0.29 -5.75 3.88
C ILE A 56 -0.68 -7.10 4.48
N ASN A 57 -0.62 -8.16 3.68
CA ASN A 57 -0.95 -9.54 4.03
C ASN A 57 -2.29 -9.64 4.78
N GLY A 58 -3.24 -8.75 4.45
CA GLY A 58 -4.59 -8.75 5.01
C GLY A 58 -4.70 -8.02 6.34
N MET A 59 -3.67 -7.27 6.76
CA MET A 59 -3.61 -6.56 8.04
C MET A 59 -3.44 -5.07 7.75
N ASP A 60 -4.37 -4.25 8.24
CA ASP A 60 -4.30 -2.79 8.18
C ASP A 60 -3.00 -2.33 8.85
N VAL A 61 -2.18 -1.56 8.13
CA VAL A 61 -0.88 -1.14 8.64
C VAL A 61 -1.08 -0.07 9.72
N ASN A 62 -0.28 -0.13 10.79
CA ASN A 62 -0.17 0.89 11.82
C ASN A 62 0.75 2.00 11.27
N GLY A 63 0.32 2.63 10.18
CA GLY A 63 1.08 3.59 9.41
C GLY A 63 2.40 2.98 8.93
N ARG A 64 3.52 3.46 9.46
CA ARG A 64 4.87 3.01 9.10
C ARG A 64 5.16 1.61 9.64
N TYR A 65 4.35 1.10 10.55
CA TYR A 65 4.55 -0.21 11.16
C TYR A 65 3.45 -1.16 10.71
N THR A 66 3.69 -2.46 10.72
CA THR A 66 2.67 -3.46 10.51
C THR A 66 1.76 -3.51 11.75
N ALA A 67 0.71 -4.33 11.65
CA ALA A 67 -0.13 -4.67 12.80
C ALA A 67 0.71 -5.34 13.89
N ASP A 68 1.66 -6.19 13.50
CA ASP A 68 2.56 -6.89 14.41
C ASP A 68 3.59 -5.94 15.02
N GLY A 69 4.08 -4.97 14.23
CA GLY A 69 4.91 -3.87 14.71
C GLY A 69 6.23 -3.67 13.95
N LYS A 70 6.56 -4.51 12.96
CA LYS A 70 7.76 -4.32 12.15
C LYS A 70 7.58 -3.05 11.32
N GLU A 71 8.66 -2.32 11.04
CA GLU A 71 8.59 -1.23 10.10
C GLU A 71 8.30 -1.83 8.72
N VAL A 72 7.32 -1.28 8.01
CA VAL A 72 6.77 -1.81 6.77
C VAL A 72 7.88 -2.05 5.73
N LEU A 73 8.84 -1.13 5.60
CA LEU A 73 9.89 -1.28 4.60
C LEU A 73 10.80 -2.46 4.96
N GLU A 74 11.11 -2.66 6.23
CA GLU A 74 11.94 -3.79 6.68
C GLU A 74 11.16 -5.09 6.57
N TYR A 75 9.85 -5.06 6.88
CA TYR A 75 8.98 -6.22 6.77
C TYR A 75 8.91 -6.70 5.32
N LEU A 76 8.59 -5.80 4.38
CA LEU A 76 8.51 -6.15 2.96
C LEU A 76 9.90 -6.51 2.43
N GLY A 77 10.95 -5.89 2.97
CA GLY A 77 12.33 -6.13 2.57
C GLY A 77 12.90 -7.46 3.06
N ASN A 78 12.21 -8.21 3.95
CA ASN A 78 12.70 -9.47 4.49
C ASN A 78 12.40 -10.62 3.52
N PRO A 79 13.40 -11.26 2.88
CA PRO A 79 13.13 -12.21 1.81
C PRO A 79 12.54 -13.54 2.26
N ALA A 80 12.61 -13.87 3.56
CA ALA A 80 11.89 -15.02 4.11
C ALA A 80 10.36 -14.84 4.00
N ASN A 81 9.87 -13.63 3.66
CA ASN A 81 8.46 -13.34 3.39
C ASN A 81 8.29 -12.47 2.15
N TYR A 82 9.17 -12.57 1.15
CA TYR A 82 9.00 -11.84 -0.11
C TYR A 82 7.66 -12.03 -0.82
N PRO A 83 7.03 -13.23 -0.90
CA PRO A 83 5.67 -13.32 -1.43
C PRO A 83 4.69 -12.64 -0.45
N VAL A 84 3.96 -11.64 -0.92
CA VAL A 84 3.10 -10.78 -0.11
C VAL A 84 1.85 -10.37 -0.89
N SER A 85 0.88 -9.77 -0.20
CA SER A 85 -0.27 -9.12 -0.79
C SER A 85 -0.31 -7.70 -0.24
N ILE A 86 -0.59 -6.70 -1.07
CA ILE A 86 -0.54 -5.28 -0.71
C ILE A 86 -1.89 -4.69 -1.13
N ARG A 87 -2.42 -3.79 -0.30
CA ARG A 87 -3.70 -3.11 -0.49
C ARG A 87 -3.42 -1.63 -0.29
N PHE A 88 -3.82 -0.81 -1.26
CA PHE A 88 -3.44 0.60 -1.34
C PHE A 88 -4.58 1.46 -1.89
N GLY A 89 -4.48 2.77 -1.70
CA GLY A 89 -5.48 3.73 -2.16
C GLY A 89 -5.03 5.16 -1.94
N ARG A 90 -5.92 6.12 -2.15
CA ARG A 90 -5.66 7.52 -1.77
C ARG A 90 -5.41 7.54 -0.25
N PRO A 91 -4.45 8.35 0.24
CA PRO A 91 -4.00 8.31 1.63
C PRO A 91 -5.15 8.49 2.62
N ARG A 92 -5.03 7.85 3.79
CA ARG A 92 -6.03 7.85 4.84
C ARG A 92 -5.35 7.68 6.19
N LEU A 93 -6.11 7.80 7.28
CA LEU A 93 -5.64 7.50 8.61
C LEU A 93 -5.34 6.00 8.71
N THR A 94 -4.39 5.64 9.57
CA THR A 94 -3.83 4.29 9.71
C THR A 94 -3.58 3.97 11.20
N SER A 95 -4.35 4.59 12.10
CA SER A 95 -4.17 4.54 13.54
C SER A 95 -5.49 4.94 14.23
N ASN A 96 -5.54 4.83 15.56
CA ASN A 96 -6.68 5.25 16.38
C ASN A 96 -6.14 5.72 17.72
N MET A 1 -21.64 -4.94 -8.10
CA MET A 1 -22.37 -5.92 -8.95
C MET A 1 -23.80 -6.08 -8.45
N GLY A 2 -24.79 -5.98 -9.33
CA GLY A 2 -26.21 -6.12 -9.02
C GLY A 2 -26.62 -7.59 -8.92
N HIS A 3 -25.98 -8.35 -8.02
CA HIS A 3 -26.25 -9.76 -7.76
C HIS A 3 -26.07 -10.00 -6.26
N HIS A 4 -26.78 -10.99 -5.72
CA HIS A 4 -26.65 -11.42 -4.33
C HIS A 4 -25.22 -11.88 -4.05
N HIS A 5 -24.72 -11.59 -2.85
CA HIS A 5 -23.39 -11.95 -2.37
C HIS A 5 -23.48 -12.21 -0.86
N HIS A 6 -22.49 -12.91 -0.31
CA HIS A 6 -22.41 -13.28 1.11
C HIS A 6 -21.08 -12.89 1.75
N HIS A 7 -20.12 -12.41 0.95
CA HIS A 7 -18.80 -11.93 1.37
C HIS A 7 -18.52 -10.66 0.57
N HIS A 8 -17.75 -9.74 1.14
CA HIS A 8 -17.47 -8.42 0.58
C HIS A 8 -16.05 -8.01 0.98
N LEU A 9 -15.50 -6.98 0.33
CA LEU A 9 -14.19 -6.40 0.59
C LEU A 9 -14.34 -4.88 0.52
N ASP A 10 -13.48 -4.15 1.22
CA ASP A 10 -13.55 -2.68 1.38
C ASP A 10 -13.21 -1.92 0.09
N SER A 11 -12.89 -2.63 -1.00
CA SER A 11 -12.39 -2.14 -2.27
C SER A 11 -13.24 -1.02 -2.91
N TYR A 12 -14.54 -0.96 -2.60
CA TYR A 12 -15.46 0.02 -3.16
C TYR A 12 -15.28 1.42 -2.54
N ALA A 13 -14.68 1.53 -1.36
CA ALA A 13 -14.51 2.82 -0.69
C ALA A 13 -13.56 3.71 -1.51
N PRO A 14 -13.87 4.99 -1.75
CA PRO A 14 -13.08 5.83 -2.63
C PRO A 14 -11.68 6.13 -2.07
N ARG A 15 -11.51 6.11 -0.74
CA ARG A 15 -10.20 6.28 -0.10
C ARG A 15 -9.30 5.05 -0.31
N ALA A 16 -9.80 3.94 -0.84
CA ALA A 16 -9.09 2.68 -0.94
C ALA A 16 -9.11 2.16 -2.37
N GLU A 17 -8.37 1.07 -2.59
CA GLU A 17 -8.38 0.26 -3.79
C GLU A 17 -8.44 -1.22 -3.38
N ALA A 18 -8.56 -2.12 -4.37
CA ALA A 18 -8.49 -3.55 -4.17
C ALA A 18 -7.11 -3.98 -3.65
N GLU A 19 -7.03 -5.19 -3.10
CA GLU A 19 -5.76 -5.84 -2.76
C GLU A 19 -5.25 -6.63 -3.97
N LYS A 20 -3.92 -6.84 -4.04
CA LYS A 20 -3.24 -7.57 -5.10
C LYS A 20 -2.08 -8.36 -4.48
N THR A 21 -1.51 -9.30 -5.22
CA THR A 21 -0.44 -10.18 -4.76
C THR A 21 0.88 -9.74 -5.41
N PHE A 22 1.99 -9.82 -4.65
CA PHE A 22 3.31 -9.32 -5.06
C PHE A 22 4.39 -10.30 -4.58
N SER A 23 5.57 -10.20 -5.17
CA SER A 23 6.81 -10.87 -4.75
C SER A 23 7.97 -10.03 -5.31
N TYR A 24 9.20 -10.34 -4.90
CA TYR A 24 10.38 -9.52 -5.15
C TYR A 24 11.56 -10.42 -5.57
N PRO A 25 12.62 -9.89 -6.21
CA PRO A 25 12.72 -8.54 -6.75
C PRO A 25 11.77 -8.37 -7.95
N LEU A 26 11.15 -7.20 -8.05
CA LEU A 26 10.24 -6.83 -9.14
C LEU A 26 10.11 -5.31 -9.16
N ASP A 27 9.65 -4.76 -8.02
CA ASP A 27 9.51 -3.33 -7.76
C ASP A 27 9.41 -3.18 -6.24
N LEU A 28 10.11 -2.21 -5.66
CA LEU A 28 9.98 -1.82 -4.26
C LEU A 28 10.20 -0.30 -4.13
N LEU A 29 9.82 0.47 -5.16
CA LEU A 29 9.93 1.93 -5.19
C LEU A 29 8.82 2.55 -4.34
N LEU A 30 8.92 2.34 -3.03
CA LEU A 30 8.10 2.93 -1.98
C LEU A 30 9.03 3.75 -1.08
N LYS A 31 8.50 4.76 -0.37
CA LYS A 31 9.26 5.49 0.65
C LYS A 31 8.40 5.74 1.87
N LEU A 32 9.02 5.90 3.04
CA LEU A 32 8.34 6.25 4.28
C LEU A 32 8.14 7.76 4.26
N HIS A 33 6.90 8.23 4.37
CA HIS A 33 6.55 9.64 4.34
C HIS A 33 5.19 9.81 5.04
N ASP A 34 4.98 10.92 5.74
CA ASP A 34 3.74 11.24 6.45
C ASP A 34 3.36 10.11 7.43
N GLU A 35 4.37 9.52 8.09
CA GLU A 35 4.26 8.37 9.00
C GLU A 35 3.52 7.18 8.37
N ARG A 36 3.53 7.07 7.04
CA ARG A 36 2.98 6.00 6.22
C ARG A 36 4.08 5.56 5.27
N VAL A 37 3.78 4.61 4.39
CA VAL A 37 4.65 4.25 3.28
C VAL A 37 3.84 4.49 2.02
N LEU A 38 4.42 5.25 1.10
CA LEU A 38 3.76 5.75 -0.10
C LEU A 38 4.53 5.29 -1.33
N VAL A 39 3.86 5.25 -2.47
CA VAL A 39 4.46 5.01 -3.78
C VAL A 39 5.48 6.11 -4.05
N ALA A 40 6.75 5.73 -4.25
CA ALA A 40 7.83 6.66 -4.61
C ALA A 40 7.93 6.81 -6.14
N PHE A 41 7.55 5.77 -6.89
CA PHE A 41 7.42 5.81 -8.34
C PHE A 41 6.30 4.87 -8.75
N GLY A 42 5.35 5.40 -9.54
CA GLY A 42 4.22 4.67 -10.08
C GLY A 42 3.28 5.69 -10.71
N GLN A 43 2.54 5.30 -11.75
CA GLN A 43 1.78 6.24 -12.57
C GLN A 43 0.63 5.51 -13.30
N ARG A 44 -0.01 4.56 -12.61
CA ARG A 44 -1.20 3.85 -13.08
C ARG A 44 -2.29 4.03 -12.04
N ASP A 45 -3.55 3.82 -12.44
CA ASP A 45 -4.71 4.04 -11.58
C ASP A 45 -4.59 3.24 -10.28
N GLY A 46 -4.74 3.93 -9.13
CA GLY A 46 -4.69 3.31 -7.81
C GLY A 46 -3.28 3.12 -7.27
N ILE A 47 -2.24 3.40 -8.06
CA ILE A 47 -0.84 3.17 -7.68
C ILE A 47 0.04 4.30 -8.26
N ARG A 48 -0.53 5.49 -8.47
CA ARG A 48 0.23 6.69 -8.81
C ARG A 48 1.07 7.08 -7.58
N VAL A 49 2.19 7.80 -7.79
CA VAL A 49 2.96 8.42 -6.71
C VAL A 49 2.05 9.10 -5.70
N GLY A 50 2.31 8.91 -4.41
CA GLY A 50 1.54 9.51 -3.32
C GLY A 50 0.41 8.61 -2.80
N HIS A 51 0.05 7.52 -3.50
CA HIS A 51 -0.87 6.52 -2.94
C HIS A 51 -0.13 5.83 -1.78
N ALA A 52 -0.88 5.32 -0.82
CA ALA A 52 -0.40 4.80 0.45
C ALA A 52 -0.73 3.33 0.59
N VAL A 53 0.15 2.58 1.25
CA VAL A 53 -0.14 1.22 1.66
C VAL A 53 -1.22 1.33 2.74
N LEU A 54 -2.22 0.45 2.70
CA LEU A 54 -3.31 0.40 3.67
C LEU A 54 -3.38 -0.97 4.35
N ALA A 55 -2.95 -2.06 3.71
CA ALA A 55 -2.79 -3.35 4.40
C ALA A 55 -1.71 -4.17 3.73
N ILE A 56 -1.13 -5.13 4.47
CA ILE A 56 -0.19 -6.13 3.98
C ILE A 56 -0.54 -7.43 4.67
N ASN A 57 -0.60 -8.54 3.94
CA ASN A 57 -0.91 -9.89 4.43
C ASN A 57 -2.20 -9.93 5.28
N GLY A 58 -3.13 -9.00 5.01
CA GLY A 58 -4.39 -8.85 5.74
C GLY A 58 -4.28 -7.98 7.00
N MET A 59 -3.07 -7.64 7.44
CA MET A 59 -2.84 -6.68 8.51
C MET A 59 -3.00 -5.27 7.95
N ASP A 60 -4.09 -4.60 8.32
CA ASP A 60 -4.28 -3.17 8.06
C ASP A 60 -3.14 -2.42 8.75
N VAL A 61 -2.34 -1.66 8.00
CA VAL A 61 -1.11 -1.09 8.54
C VAL A 61 -1.41 0.10 9.45
N ASN A 62 -0.70 0.15 10.58
CA ASN A 62 -0.65 1.28 11.50
C ASN A 62 0.34 2.28 10.88
N GLY A 63 -0.06 2.85 9.74
CA GLY A 63 0.77 3.73 8.92
C GLY A 63 2.06 3.03 8.49
N ARG A 64 3.18 3.44 9.08
CA ARG A 64 4.52 2.92 8.76
C ARG A 64 4.77 1.56 9.39
N TYR A 65 3.92 1.09 10.28
CA TYR A 65 4.08 -0.19 10.97
C TYR A 65 2.94 -1.14 10.58
N THR A 66 3.13 -2.44 10.66
CA THR A 66 2.04 -3.41 10.52
C THR A 66 1.14 -3.34 11.75
N ALA A 67 0.08 -4.14 11.74
CA ALA A 67 -0.75 -4.36 12.92
C ALA A 67 0.08 -4.97 14.06
N ASP A 68 1.00 -5.88 13.71
CA ASP A 68 1.92 -6.51 14.66
C ASP A 68 2.97 -5.52 15.17
N GLY A 69 3.47 -4.64 14.29
CA GLY A 69 4.38 -3.55 14.65
C GLY A 69 5.66 -3.49 13.81
N LYS A 70 5.87 -4.44 12.90
CA LYS A 70 7.02 -4.45 11.99
C LYS A 70 6.98 -3.18 11.14
N GLU A 71 8.10 -2.48 10.96
CA GLU A 71 8.12 -1.35 10.04
C GLU A 71 7.96 -1.90 8.62
N VAL A 72 7.04 -1.33 7.86
CA VAL A 72 6.59 -1.84 6.57
C VAL A 72 7.75 -2.07 5.60
N LEU A 73 8.71 -1.15 5.51
CA LEU A 73 9.80 -1.29 4.55
C LEU A 73 10.69 -2.49 4.92
N GLU A 74 10.95 -2.69 6.21
CA GLU A 74 11.72 -3.84 6.69
C GLU A 74 10.91 -5.12 6.50
N TYR A 75 9.62 -5.07 6.79
CA TYR A 75 8.71 -6.20 6.69
C TYR A 75 8.65 -6.74 5.27
N LEU A 76 8.55 -5.85 4.27
CA LEU A 76 8.54 -6.24 2.86
C LEU A 76 9.94 -6.60 2.39
N GLY A 77 10.98 -5.93 2.90
CA GLY A 77 12.37 -6.18 2.53
C GLY A 77 12.86 -7.56 2.98
N ASN A 78 12.35 -8.06 4.12
CA ASN A 78 12.69 -9.38 4.65
C ASN A 78 12.29 -10.48 3.65
N PRO A 79 13.24 -11.26 3.09
CA PRO A 79 12.92 -12.25 2.08
C PRO A 79 12.15 -13.46 2.62
N ALA A 80 12.10 -13.67 3.95
CA ALA A 80 11.21 -14.66 4.55
C ALA A 80 9.72 -14.28 4.31
N ASN A 81 9.48 -13.03 3.90
CA ASN A 81 8.19 -12.41 3.67
C ASN A 81 8.25 -11.63 2.35
N TYR A 82 9.00 -12.15 1.36
CA TYR A 82 8.97 -11.62 -0.01
C TYR A 82 7.59 -11.82 -0.66
N PRO A 83 7.01 -13.04 -0.72
CA PRO A 83 5.67 -13.22 -1.28
C PRO A 83 4.65 -12.65 -0.30
N VAL A 84 3.81 -11.73 -0.77
CA VAL A 84 2.87 -10.98 0.05
C VAL A 84 1.62 -10.62 -0.75
N SER A 85 0.62 -10.10 -0.04
CA SER A 85 -0.56 -9.48 -0.61
C SER A 85 -0.63 -8.09 0.02
N ILE A 86 -0.99 -7.05 -0.74
CA ILE A 86 -0.95 -5.67 -0.28
C ILE A 86 -2.23 -5.00 -0.78
N ARG A 87 -2.78 -4.09 0.02
CA ARG A 87 -3.89 -3.22 -0.34
C ARG A 87 -3.38 -1.80 -0.21
N PHE A 88 -3.77 -0.94 -1.14
CA PHE A 88 -3.36 0.45 -1.24
C PHE A 88 -4.60 1.34 -1.26
N GLY A 89 -4.37 2.64 -1.20
CA GLY A 89 -5.40 3.65 -1.31
C GLY A 89 -4.77 5.03 -1.21
N ARG A 90 -5.55 6.01 -0.77
CA ARG A 90 -5.09 7.37 -0.55
C ARG A 90 -4.68 7.49 0.92
N PRO A 91 -3.71 8.36 1.26
CA PRO A 91 -3.31 8.59 2.64
C PRO A 91 -4.52 8.93 3.52
N ARG A 92 -4.58 8.33 4.73
CA ARG A 92 -5.66 8.57 5.69
C ARG A 92 -5.53 9.93 6.37
N LEU A 93 -4.37 10.59 6.27
CA LEU A 93 -3.97 11.88 6.87
C LEU A 93 -3.93 11.91 8.41
N THR A 94 -4.85 11.21 9.08
CA THR A 94 -4.92 11.01 10.53
C THR A 94 -4.69 12.32 11.31
N SER A 95 -5.37 13.39 10.88
CA SER A 95 -5.28 14.73 11.45
C SER A 95 -5.43 14.68 12.98
N ASN A 96 -4.44 15.20 13.69
CA ASN A 96 -4.35 15.23 15.16
C ASN A 96 -3.38 16.33 15.55
N MET A 1 -34.88 3.73 -11.23
CA MET A 1 -33.67 3.00 -11.70
C MET A 1 -33.73 1.55 -11.21
N GLY A 2 -33.15 0.62 -11.99
CA GLY A 2 -33.15 -0.82 -11.66
C GLY A 2 -32.31 -1.16 -10.43
N HIS A 3 -31.38 -0.29 -10.04
CA HIS A 3 -30.55 -0.38 -8.85
C HIS A 3 -30.30 1.04 -8.35
N HIS A 4 -29.90 1.19 -7.08
CA HIS A 4 -29.82 2.47 -6.37
C HIS A 4 -28.53 3.25 -6.72
N HIS A 5 -28.05 3.12 -7.95
CA HIS A 5 -26.79 3.70 -8.44
C HIS A 5 -26.99 4.14 -9.89
N HIS A 6 -26.13 5.03 -10.38
CA HIS A 6 -26.20 5.54 -11.75
C HIS A 6 -25.98 4.42 -12.79
N HIS A 7 -25.22 3.39 -12.43
CA HIS A 7 -24.95 2.20 -13.25
C HIS A 7 -24.56 1.05 -12.33
N HIS A 8 -24.45 -0.15 -12.89
CA HIS A 8 -23.98 -1.34 -12.18
C HIS A 8 -22.53 -1.16 -11.70
N LEU A 9 -22.09 -2.03 -10.77
CA LEU A 9 -20.75 -2.07 -10.20
C LEU A 9 -20.23 -0.69 -9.82
N ASP A 10 -21.03 0.02 -9.00
CA ASP A 10 -20.75 1.36 -8.47
C ASP A 10 -20.83 1.36 -6.94
N SER A 11 -20.98 0.18 -6.33
CA SER A 11 -21.13 -0.03 -4.89
C SER A 11 -19.89 0.36 -4.07
N TYR A 12 -18.74 0.59 -4.72
CA TYR A 12 -17.50 1.00 -4.08
C TYR A 12 -17.65 2.31 -3.31
N ALA A 13 -16.78 2.50 -2.31
CA ALA A 13 -16.72 3.71 -1.50
C ALA A 13 -15.30 4.04 -1.00
N PRO A 14 -14.43 3.08 -0.60
CA PRO A 14 -13.05 3.39 -0.24
C PRO A 14 -12.30 4.14 -1.35
N ARG A 15 -11.43 5.08 -0.97
CA ARG A 15 -10.55 5.81 -1.89
C ARG A 15 -9.30 4.97 -2.17
N ALA A 16 -9.48 3.67 -2.45
CA ALA A 16 -8.42 2.68 -2.52
C ALA A 16 -8.60 1.70 -3.68
N GLU A 17 -7.56 0.89 -3.93
CA GLU A 17 -7.48 -0.07 -5.01
C GLU A 17 -7.76 -1.48 -4.47
N ALA A 18 -7.97 -2.45 -5.37
CA ALA A 18 -8.18 -3.85 -5.02
C ALA A 18 -6.91 -4.45 -4.40
N GLU A 19 -7.09 -5.50 -3.58
CA GLU A 19 -6.00 -6.31 -3.07
C GLU A 19 -5.36 -7.09 -4.24
N LYS A 20 -4.02 -7.16 -4.26
CA LYS A 20 -3.28 -7.98 -5.24
C LYS A 20 -2.06 -8.57 -4.54
N THR A 21 -1.56 -9.69 -5.06
CA THR A 21 -0.31 -10.31 -4.65
C THR A 21 0.88 -9.56 -5.29
N PHE A 22 1.97 -9.43 -4.54
CA PHE A 22 3.21 -8.80 -4.96
C PHE A 22 4.40 -9.61 -4.43
N SER A 23 5.56 -9.36 -5.03
CA SER A 23 6.87 -9.94 -4.74
C SER A 23 7.91 -8.97 -5.32
N TYR A 24 9.21 -9.22 -5.09
CA TYR A 24 10.30 -8.39 -5.58
C TYR A 24 11.37 -9.28 -6.23
N PRO A 25 12.22 -8.75 -7.14
CA PRO A 25 12.17 -7.39 -7.70
C PRO A 25 10.92 -7.17 -8.55
N LEU A 26 10.52 -5.90 -8.70
CA LEU A 26 9.39 -5.47 -9.52
C LEU A 26 9.63 -4.01 -9.91
N ASP A 27 8.86 -3.50 -10.86
CA ASP A 27 8.87 -2.09 -11.27
C ASP A 27 8.10 -1.23 -10.26
N LEU A 28 8.58 -1.21 -9.02
CA LEU A 28 7.98 -0.53 -7.87
C LEU A 28 9.09 0.13 -7.05
N LEU A 29 8.75 1.19 -6.32
CA LEU A 29 9.61 1.83 -5.32
C LEU A 29 8.68 2.38 -4.25
N LEU A 30 8.92 2.05 -2.99
CA LEU A 30 8.14 2.49 -1.84
C LEU A 30 9.09 3.19 -0.86
N LYS A 31 8.60 4.18 -0.10
CA LYS A 31 9.38 5.00 0.82
C LYS A 31 8.52 5.41 2.01
N LEU A 32 9.15 5.88 3.09
CA LEU A 32 8.46 6.47 4.23
C LEU A 32 8.24 7.97 3.94
N HIS A 33 7.03 8.48 4.19
CA HIS A 33 6.71 9.90 4.13
C HIS A 33 5.58 10.16 5.12
N ASP A 34 5.75 11.17 6.00
CA ASP A 34 4.78 11.59 7.00
C ASP A 34 4.16 10.41 7.76
N GLU A 35 5.02 9.52 8.26
CA GLU A 35 4.67 8.32 9.03
C GLU A 35 3.83 7.29 8.24
N ARG A 36 3.79 7.35 6.90
CA ARG A 36 3.10 6.38 6.05
C ARG A 36 4.06 5.86 4.99
N VAL A 37 3.97 4.57 4.64
CA VAL A 37 4.70 4.07 3.49
C VAL A 37 3.89 4.43 2.24
N LEU A 38 4.55 5.07 1.27
CA LEU A 38 3.96 5.57 0.04
C LEU A 38 4.71 4.95 -1.15
N VAL A 39 3.97 4.68 -2.23
CA VAL A 39 4.50 4.25 -3.51
C VAL A 39 5.11 5.49 -4.18
N ALA A 40 6.44 5.55 -4.25
CA ALA A 40 7.16 6.59 -4.99
C ALA A 40 7.18 6.31 -6.48
N PHE A 41 7.15 5.04 -6.89
CA PHE A 41 7.07 4.63 -8.28
C PHE A 41 6.29 3.33 -8.37
N GLY A 42 5.48 3.19 -9.43
CA GLY A 42 4.58 2.05 -9.60
C GLY A 42 3.38 2.35 -10.49
N GLN A 43 3.30 3.54 -11.08
CA GLN A 43 2.20 3.99 -11.94
C GLN A 43 2.77 4.69 -13.19
N ARG A 44 3.78 4.07 -13.83
CA ARG A 44 4.48 4.63 -14.99
C ARG A 44 3.56 5.00 -16.17
N ASP A 45 2.35 4.45 -16.20
CA ASP A 45 1.28 4.79 -17.15
C ASP A 45 0.84 6.26 -17.04
N GLY A 46 1.13 6.93 -15.93
CA GLY A 46 0.76 8.31 -15.65
C GLY A 46 1.65 8.89 -14.55
N ILE A 47 1.04 9.64 -13.63
CA ILE A 47 1.71 10.30 -12.51
C ILE A 47 1.00 9.96 -11.17
N ARG A 48 0.23 8.88 -11.12
CA ARG A 48 -0.66 8.53 -10.01
C ARG A 48 0.10 7.97 -8.79
N VAL A 49 1.40 8.22 -8.66
CA VAL A 49 2.18 7.83 -7.48
C VAL A 49 1.64 8.54 -6.23
N GLY A 50 2.17 8.15 -5.06
CA GLY A 50 1.71 8.69 -3.79
C GLY A 50 0.64 7.83 -3.13
N HIS A 51 0.28 6.67 -3.72
CA HIS A 51 -0.58 5.70 -3.06
C HIS A 51 0.07 5.33 -1.73
N ALA A 52 -0.69 5.41 -0.62
CA ALA A 52 -0.27 4.92 0.66
C ALA A 52 -0.59 3.43 0.75
N VAL A 53 0.30 2.65 1.35
CA VAL A 53 0.00 1.26 1.67
C VAL A 53 -1.06 1.29 2.79
N LEU A 54 -2.04 0.39 2.73
CA LEU A 54 -3.17 0.36 3.65
C LEU A 54 -3.26 -0.98 4.38
N ALA A 55 -2.85 -2.10 3.75
CA ALA A 55 -2.71 -3.39 4.43
C ALA A 55 -1.68 -4.25 3.73
N ILE A 56 -1.14 -5.25 4.45
CA ILE A 56 -0.23 -6.27 3.92
C ILE A 56 -0.65 -7.58 4.58
N ASN A 57 -0.65 -8.69 3.81
CA ASN A 57 -1.09 -10.04 4.20
C ASN A 57 -2.45 -10.08 4.92
N GLY A 58 -3.27 -9.05 4.75
CA GLY A 58 -4.58 -8.88 5.39
C GLY A 58 -4.55 -7.89 6.55
N MET A 59 -3.41 -7.72 7.23
CA MET A 59 -3.27 -6.81 8.35
C MET A 59 -3.21 -5.36 7.84
N ASP A 60 -4.19 -4.55 8.24
CA ASP A 60 -4.16 -3.10 8.03
C ASP A 60 -2.89 -2.53 8.66
N VAL A 61 -2.18 -1.63 7.96
CA VAL A 61 -0.93 -1.07 8.45
C VAL A 61 -1.20 0.30 9.08
N ASN A 62 -0.74 0.46 10.32
CA ASN A 62 -0.68 1.71 11.06
C ASN A 62 0.44 2.56 10.45
N GLY A 63 0.18 3.12 9.27
CA GLY A 63 1.04 4.03 8.53
C GLY A 63 2.30 3.36 7.98
N ARG A 64 3.23 3.02 8.87
CA ARG A 64 4.47 2.32 8.55
C ARG A 64 4.76 1.18 9.51
N TYR A 65 3.80 0.75 10.33
CA TYR A 65 3.92 -0.45 11.15
C TYR A 65 2.73 -1.36 10.87
N THR A 66 2.90 -2.67 10.90
CA THR A 66 1.76 -3.58 10.79
C THR A 66 0.91 -3.49 12.06
N ALA A 67 -0.25 -4.14 12.01
CA ALA A 67 -1.08 -4.36 13.18
C ALA A 67 -0.30 -5.13 14.27
N ASP A 68 0.53 -6.09 13.85
CA ASP A 68 1.40 -6.85 14.73
C ASP A 68 2.52 -5.97 15.30
N GLY A 69 3.10 -5.09 14.47
CA GLY A 69 4.07 -4.07 14.89
C GLY A 69 5.37 -4.06 14.09
N LYS A 70 5.53 -4.95 13.09
CA LYS A 70 6.69 -4.95 12.19
C LYS A 70 6.74 -3.61 11.47
N GLU A 71 7.91 -2.99 11.34
CA GLU A 71 8.03 -1.82 10.46
C GLU A 71 7.85 -2.32 9.03
N VAL A 72 6.96 -1.67 8.28
CA VAL A 72 6.53 -2.11 6.96
C VAL A 72 7.73 -2.17 6.00
N LEU A 73 8.64 -1.19 6.02
CA LEU A 73 9.77 -1.20 5.08
C LEU A 73 10.71 -2.37 5.40
N GLU A 74 10.97 -2.62 6.69
CA GLU A 74 11.82 -3.74 7.10
C GLU A 74 11.16 -5.07 6.75
N TYR A 75 9.85 -5.17 6.98
CA TYR A 75 9.06 -6.35 6.67
C TYR A 75 9.10 -6.63 5.17
N LEU A 76 8.77 -5.65 4.33
CA LEU A 76 8.75 -5.82 2.88
C LEU A 76 10.16 -6.07 2.34
N GLY A 77 11.19 -5.57 3.04
CA GLY A 77 12.58 -5.80 2.70
C GLY A 77 13.06 -7.22 3.00
N ASN A 78 12.33 -8.03 3.78
CA ASN A 78 12.76 -9.38 4.16
C ASN A 78 12.36 -10.39 3.07
N PRO A 79 13.30 -11.01 2.35
CA PRO A 79 12.97 -11.83 1.19
C PRO A 79 12.23 -13.12 1.55
N ALA A 80 12.35 -13.62 2.78
CA ALA A 80 11.58 -14.78 3.24
C ALA A 80 10.06 -14.52 3.25
N ASN A 81 9.61 -13.26 3.08
CA ASN A 81 8.20 -12.90 2.95
C ASN A 81 7.97 -11.91 1.80
N TYR A 82 8.81 -11.92 0.76
CA TYR A 82 8.52 -11.15 -0.46
C TYR A 82 7.13 -11.48 -1.03
N PRO A 83 6.69 -12.75 -1.20
CA PRO A 83 5.35 -13.03 -1.70
C PRO A 83 4.30 -12.69 -0.63
N VAL A 84 3.58 -11.58 -0.80
CA VAL A 84 2.49 -11.17 0.09
C VAL A 84 1.40 -10.45 -0.71
N SER A 85 0.19 -10.41 -0.17
CA SER A 85 -0.90 -9.59 -0.68
C SER A 85 -0.73 -8.20 -0.07
N ILE A 86 -1.07 -7.16 -0.81
CA ILE A 86 -1.01 -5.78 -0.34
C ILE A 86 -2.31 -5.11 -0.79
N ARG A 87 -2.81 -4.20 0.04
CA ARG A 87 -3.90 -3.29 -0.29
C ARG A 87 -3.27 -1.91 -0.17
N PHE A 88 -3.48 -1.06 -1.16
CA PHE A 88 -3.00 0.32 -1.13
C PHE A 88 -4.08 1.20 -1.75
N GLY A 89 -3.97 2.50 -1.55
CA GLY A 89 -4.98 3.44 -1.96
C GLY A 89 -4.45 4.85 -1.81
N ARG A 90 -5.29 5.86 -2.02
CA ARG A 90 -4.86 7.21 -1.72
C ARG A 90 -4.71 7.35 -0.19
N PRO A 91 -3.93 8.34 0.29
CA PRO A 91 -3.67 8.53 1.72
C PRO A 91 -4.92 8.55 2.61
N ARG A 92 -4.71 8.25 3.90
CA ARG A 92 -5.74 8.17 4.95
C ARG A 92 -6.47 9.49 5.19
N LEU A 93 -6.01 10.60 4.62
CA LEU A 93 -6.47 11.96 4.82
C LEU A 93 -6.50 12.69 3.47
N THR A 94 -6.91 13.95 3.47
CA THR A 94 -7.22 14.77 2.31
C THR A 94 -6.07 14.90 1.27
N SER A 95 -4.83 14.56 1.62
CA SER A 95 -3.70 14.51 0.69
C SER A 95 -4.06 13.67 -0.55
N ASN A 96 -3.71 14.17 -1.75
CA ASN A 96 -4.15 13.61 -3.02
C ASN A 96 -3.82 12.12 -3.13
N MET A 1 -2.12 19.48 -7.76
CA MET A 1 -1.80 18.14 -8.27
C MET A 1 -2.55 17.87 -9.59
N GLY A 2 -1.91 17.18 -10.53
CA GLY A 2 -2.49 16.80 -11.82
C GLY A 2 -1.56 15.84 -12.54
N HIS A 3 -2.02 15.27 -13.66
CA HIS A 3 -1.30 14.21 -14.37
C HIS A 3 0.10 14.65 -14.83
N HIS A 4 0.29 15.94 -15.12
CA HIS A 4 1.60 16.49 -15.47
C HIS A 4 2.57 16.34 -14.29
N HIS A 5 2.15 16.69 -13.07
CA HIS A 5 2.97 16.53 -11.87
C HIS A 5 3.13 15.04 -11.53
N HIS A 6 2.12 14.22 -11.81
CA HIS A 6 2.18 12.76 -11.70
C HIS A 6 3.22 12.16 -12.67
N HIS A 7 3.64 12.93 -13.69
CA HIS A 7 4.46 12.47 -14.82
C HIS A 7 3.90 11.17 -15.40
N HIS A 8 2.59 11.14 -15.62
CA HIS A 8 1.85 9.96 -16.03
C HIS A 8 0.59 10.37 -16.79
N LEU A 9 -0.11 9.39 -17.39
CA LEU A 9 -1.43 9.62 -17.97
C LEU A 9 -2.48 9.72 -16.85
N ASP A 10 -3.69 10.13 -17.20
CA ASP A 10 -4.87 10.08 -16.31
C ASP A 10 -5.76 8.93 -16.77
N SER A 11 -6.42 8.24 -15.83
CA SER A 11 -7.37 7.17 -16.13
C SER A 11 -8.46 7.11 -15.05
N TYR A 12 -9.60 6.51 -15.39
CA TYR A 12 -10.75 6.34 -14.51
C TYR A 12 -10.59 5.12 -13.59
N ALA A 13 -9.79 4.14 -14.00
CA ALA A 13 -9.68 2.83 -13.35
C ALA A 13 -9.21 2.85 -11.88
N PRO A 14 -8.30 3.73 -11.44
CA PRO A 14 -7.85 3.78 -10.04
C PRO A 14 -9.02 3.87 -9.04
N ARG A 15 -8.85 3.24 -7.87
CA ARG A 15 -9.85 3.18 -6.81
C ARG A 15 -9.11 3.03 -5.48
N ALA A 16 -9.71 3.52 -4.39
CA ALA A 16 -9.23 3.24 -3.05
C ALA A 16 -9.44 1.75 -2.76
N GLU A 17 -8.72 1.24 -1.75
CA GLU A 17 -8.71 -0.17 -1.35
C GLU A 17 -8.56 -1.12 -2.54
N ALA A 18 -7.65 -0.79 -3.46
CA ALA A 18 -7.23 -1.71 -4.52
C ALA A 18 -6.31 -2.73 -3.87
N GLU A 19 -6.32 -3.99 -4.30
CA GLU A 19 -5.56 -5.06 -3.64
C GLU A 19 -5.03 -6.02 -4.70
N LYS A 20 -3.76 -6.46 -4.55
CA LYS A 20 -3.05 -7.27 -5.54
C LYS A 20 -1.88 -7.99 -4.85
N THR A 21 -1.42 -9.11 -5.43
CA THR A 21 -0.25 -9.87 -5.03
C THR A 21 1.03 -9.20 -5.55
N PHE A 22 2.11 -9.20 -4.76
CA PHE A 22 3.39 -8.60 -5.12
C PHE A 22 4.55 -9.45 -4.58
N SER A 23 5.74 -9.24 -5.16
CA SER A 23 7.00 -9.88 -4.81
C SER A 23 8.11 -8.89 -5.17
N TYR A 24 9.38 -9.21 -4.86
CA TYR A 24 10.55 -8.47 -5.32
C TYR A 24 11.53 -9.47 -5.96
N PRO A 25 12.47 -9.04 -6.83
CA PRO A 25 12.58 -7.71 -7.42
C PRO A 25 11.34 -7.38 -8.27
N LEU A 26 10.94 -6.10 -8.27
CA LEU A 26 9.81 -5.57 -9.05
C LEU A 26 10.01 -4.05 -9.14
N ASP A 27 9.39 -3.40 -10.13
CA ASP A 27 9.49 -1.94 -10.30
C ASP A 27 8.74 -1.17 -9.22
N LEU A 28 7.75 -1.80 -8.59
CA LEU A 28 7.09 -1.26 -7.40
C LEU A 28 8.13 -1.09 -6.31
N LEU A 29 8.22 0.11 -5.73
CA LEU A 29 9.06 0.42 -4.58
C LEU A 29 8.25 1.31 -3.64
N LEU A 30 8.63 1.32 -2.37
CA LEU A 30 7.92 2.02 -1.30
C LEU A 30 8.92 2.97 -0.61
N LYS A 31 8.42 4.05 -0.02
CA LYS A 31 9.21 4.98 0.81
C LYS A 31 8.34 5.46 1.96
N LEU A 32 8.95 6.07 2.98
CA LEU A 32 8.26 6.60 4.16
C LEU A 32 8.29 8.13 4.06
N HIS A 33 7.12 8.77 4.18
CA HIS A 33 6.98 10.22 4.20
C HIS A 33 5.74 10.57 5.03
N ASP A 34 5.82 11.64 5.84
CA ASP A 34 4.73 12.13 6.69
C ASP A 34 4.05 11.00 7.49
N GLU A 35 4.88 10.11 8.06
CA GLU A 35 4.47 8.95 8.86
C GLU A 35 3.56 7.96 8.10
N ARG A 36 3.62 7.92 6.77
CA ARG A 36 2.90 6.95 5.94
C ARG A 36 3.89 6.33 4.97
N VAL A 37 3.79 5.03 4.74
CA VAL A 37 4.54 4.39 3.68
C VAL A 37 3.72 4.53 2.40
N LEU A 38 4.36 5.06 1.34
CA LEU A 38 3.74 5.43 0.08
C LEU A 38 4.50 4.75 -1.06
N VAL A 39 3.82 4.56 -2.18
CA VAL A 39 4.41 4.11 -3.44
C VAL A 39 5.44 5.16 -3.88
N ALA A 40 6.71 4.75 -3.97
CA ALA A 40 7.81 5.58 -4.44
C ALA A 40 7.92 5.52 -5.97
N PHE A 41 7.77 4.31 -6.52
CA PHE A 41 7.86 3.99 -7.95
C PHE A 41 6.94 2.80 -8.22
N GLY A 42 6.56 2.60 -9.49
CA GLY A 42 5.73 1.48 -9.90
C GLY A 42 4.67 1.88 -10.93
N GLN A 43 4.46 3.17 -11.20
CA GLN A 43 3.32 3.64 -11.99
C GLN A 43 3.33 3.10 -13.43
N ARG A 44 4.51 2.95 -14.03
CA ARG A 44 4.65 2.39 -15.38
C ARG A 44 4.26 0.90 -15.41
N ASP A 45 4.43 0.16 -14.31
CA ASP A 45 3.90 -1.20 -14.21
C ASP A 45 2.39 -1.16 -13.94
N GLY A 46 1.95 -0.20 -13.11
CA GLY A 46 0.54 0.13 -12.92
C GLY A 46 0.25 0.81 -11.57
N ILE A 47 1.16 0.73 -10.59
CA ILE A 47 0.90 1.15 -9.22
C ILE A 47 1.26 2.64 -9.10
N ARG A 48 0.26 3.52 -9.20
CA ARG A 48 0.44 4.96 -9.23
C ARG A 48 1.18 5.46 -7.98
N VAL A 49 2.24 6.25 -8.18
CA VAL A 49 3.04 6.86 -7.12
C VAL A 49 2.15 7.67 -6.17
N GLY A 50 2.55 7.76 -4.90
CA GLY A 50 1.92 8.64 -3.90
C GLY A 50 0.70 8.01 -3.20
N HIS A 51 0.23 6.84 -3.65
CA HIS A 51 -0.77 6.07 -2.91
C HIS A 51 -0.11 5.51 -1.66
N ALA A 52 -0.90 5.31 -0.60
CA ALA A 52 -0.43 4.78 0.67
C ALA A 52 -0.75 3.31 0.77
N VAL A 53 0.11 2.56 1.46
CA VAL A 53 -0.19 1.19 1.83
C VAL A 53 -1.35 1.28 2.84
N LEU A 54 -2.34 0.40 2.70
CA LEU A 54 -3.51 0.32 3.56
C LEU A 54 -3.51 -1.00 4.33
N ALA A 55 -3.07 -2.11 3.70
CA ALA A 55 -2.83 -3.36 4.43
C ALA A 55 -1.77 -4.19 3.72
N ILE A 56 -1.16 -5.13 4.43
CA ILE A 56 -0.27 -6.16 3.87
C ILE A 56 -0.68 -7.48 4.53
N ASN A 57 -0.84 -8.54 3.74
CA ASN A 57 -1.19 -9.89 4.17
C ASN A 57 -2.39 -9.90 5.13
N GLY A 58 -3.32 -8.94 4.97
CA GLY A 58 -4.53 -8.80 5.78
C GLY A 58 -4.33 -7.92 7.02
N MET A 59 -3.09 -7.59 7.41
CA MET A 59 -2.80 -6.67 8.49
C MET A 59 -2.95 -5.25 7.98
N ASP A 60 -4.00 -4.55 8.40
CA ASP A 60 -4.18 -3.11 8.19
C ASP A 60 -2.96 -2.41 8.79
N VAL A 61 -2.25 -1.59 7.99
CA VAL A 61 -1.01 -0.99 8.46
C VAL A 61 -1.32 0.24 9.30
N ASN A 62 -0.66 0.35 10.46
CA ASN A 62 -0.64 1.53 11.30
C ASN A 62 0.35 2.51 10.67
N GLY A 63 -0.03 3.09 9.53
CA GLY A 63 0.66 4.13 8.77
C GLY A 63 1.99 3.70 8.13
N ARG A 64 2.92 3.25 8.96
CA ARG A 64 4.27 2.83 8.60
C ARG A 64 4.64 1.51 9.29
N TYR A 65 3.79 0.98 10.17
CA TYR A 65 4.02 -0.28 10.86
C TYR A 65 2.89 -1.24 10.51
N THR A 66 3.09 -2.55 10.59
CA THR A 66 1.99 -3.50 10.47
C THR A 66 1.10 -3.45 11.71
N ALA A 67 0.03 -4.24 11.71
CA ALA A 67 -0.80 -4.47 12.88
C ALA A 67 0.04 -5.07 14.02
N ASP A 68 0.97 -5.97 13.67
CA ASP A 68 1.88 -6.59 14.63
C ASP A 68 2.94 -5.59 15.13
N GLY A 69 3.41 -4.69 14.26
CA GLY A 69 4.32 -3.60 14.59
C GLY A 69 5.63 -3.61 13.79
N LYS A 70 5.78 -4.52 12.82
CA LYS A 70 6.92 -4.56 11.92
C LYS A 70 6.92 -3.27 11.11
N GLU A 71 8.05 -2.58 10.95
CA GLU A 71 8.11 -1.45 10.03
C GLU A 71 7.93 -2.00 8.62
N VAL A 72 7.00 -1.41 7.87
CA VAL A 72 6.56 -1.93 6.57
C VAL A 72 7.74 -2.03 5.60
N LEU A 73 8.65 -1.06 5.58
CA LEU A 73 9.79 -1.09 4.66
C LEU A 73 10.71 -2.27 4.99
N GLU A 74 10.98 -2.50 6.27
CA GLU A 74 11.81 -3.62 6.71
C GLU A 74 11.11 -4.94 6.43
N TYR A 75 9.79 -5.01 6.69
CA TYR A 75 8.97 -6.18 6.46
C TYR A 75 9.01 -6.59 4.99
N LEU A 76 8.73 -5.66 4.07
CA LEU A 76 8.73 -5.94 2.64
C LEU A 76 10.15 -6.24 2.18
N GLY A 77 11.15 -5.59 2.78
CA GLY A 77 12.55 -5.76 2.43
C GLY A 77 13.13 -7.11 2.83
N ASN A 78 12.49 -7.86 3.74
CA ASN A 78 12.99 -9.15 4.22
C ASN A 78 12.79 -10.24 3.16
N PRO A 79 13.85 -10.83 2.57
CA PRO A 79 13.71 -11.73 1.44
C PRO A 79 13.02 -13.05 1.77
N ALA A 80 13.00 -13.46 3.04
CA ALA A 80 12.30 -14.66 3.48
C ALA A 80 10.77 -14.55 3.34
N ASN A 81 10.22 -13.35 3.08
CA ASN A 81 8.77 -13.13 2.94
C ASN A 81 8.43 -12.20 1.78
N TYR A 82 9.25 -12.14 0.72
CA TYR A 82 8.95 -11.35 -0.47
C TYR A 82 7.53 -11.55 -1.05
N PRO A 83 7.01 -12.79 -1.27
CA PRO A 83 5.66 -12.94 -1.80
C PRO A 83 4.63 -12.50 -0.76
N VAL A 84 3.81 -11.51 -1.09
CA VAL A 84 2.82 -10.89 -0.21
C VAL A 84 1.59 -10.46 -1.02
N SER A 85 0.54 -10.04 -0.33
CA SER A 85 -0.63 -9.38 -0.89
C SER A 85 -0.69 -8.02 -0.21
N ILE A 86 -0.96 -6.95 -0.96
CA ILE A 86 -0.96 -5.58 -0.43
C ILE A 86 -2.24 -4.93 -0.90
N ARG A 87 -2.87 -4.17 0.00
CA ARG A 87 -3.99 -3.29 -0.29
C ARG A 87 -3.45 -1.87 -0.20
N PHE A 88 -3.81 -1.03 -1.16
CA PHE A 88 -3.39 0.36 -1.30
C PHE A 88 -4.62 1.25 -1.31
N GLY A 89 -4.44 2.53 -1.03
CA GLY A 89 -5.49 3.55 -1.11
C GLY A 89 -4.87 4.94 -1.11
N ARG A 90 -5.70 5.98 -1.22
CA ARG A 90 -5.21 7.34 -1.06
C ARG A 90 -4.87 7.54 0.43
N PRO A 91 -3.85 8.35 0.78
CA PRO A 91 -3.52 8.65 2.16
C PRO A 91 -4.66 9.43 2.85
N ARG A 92 -4.65 9.41 4.19
CA ARG A 92 -5.68 9.99 5.07
C ARG A 92 -7.08 9.41 4.77
N LEU A 93 -8.09 9.95 5.45
CA LEU A 93 -9.49 9.54 5.35
C LEU A 93 -10.38 10.73 5.73
N THR A 94 -11.70 10.59 5.57
CA THR A 94 -12.68 11.65 5.76
C THR A 94 -12.67 12.26 7.18
N SER A 95 -12.16 11.52 8.19
CA SER A 95 -12.00 11.99 9.56
C SER A 95 -10.98 13.13 9.70
N ASN A 96 -10.15 13.38 8.68
CA ASN A 96 -9.19 14.49 8.63
C ASN A 96 -9.91 15.81 8.90
N MET A 1 10.50 18.97 -38.26
CA MET A 1 11.59 19.61 -37.47
C MET A 1 11.03 20.19 -36.17
N GLY A 2 11.72 19.98 -35.05
CA GLY A 2 11.34 20.50 -33.74
C GLY A 2 12.40 20.13 -32.70
N HIS A 3 12.22 20.61 -31.47
CA HIS A 3 13.19 20.48 -30.38
C HIS A 3 12.51 20.08 -29.06
N HIS A 4 11.25 19.64 -29.12
CA HIS A 4 10.44 19.22 -27.97
C HIS A 4 9.44 18.15 -28.45
N HIS A 5 8.92 17.38 -27.51
CA HIS A 5 7.96 16.30 -27.73
C HIS A 5 6.99 16.27 -26.55
N HIS A 6 5.82 15.64 -26.74
CA HIS A 6 4.70 15.69 -25.79
C HIS A 6 4.11 14.30 -25.53
N HIS A 7 4.78 13.23 -25.99
CA HIS A 7 4.44 11.86 -25.63
C HIS A 7 4.55 11.69 -24.11
N HIS A 8 3.64 10.90 -23.52
CA HIS A 8 3.50 10.72 -22.09
C HIS A 8 2.76 9.41 -21.79
N LEU A 9 2.67 9.05 -20.51
CA LEU A 9 1.95 7.90 -20.00
C LEU A 9 1.19 8.39 -18.78
N ASP A 10 -0.14 8.22 -18.78
CA ASP A 10 -1.04 8.81 -17.81
C ASP A 10 -2.20 7.83 -17.53
N SER A 11 -1.86 6.71 -16.91
CA SER A 11 -2.83 5.70 -16.47
C SER A 11 -3.88 6.31 -15.52
N TYR A 12 -5.03 5.64 -15.39
CA TYR A 12 -6.04 5.99 -14.37
C TYR A 12 -5.51 5.63 -12.97
N ALA A 13 -6.30 5.90 -11.92
CA ALA A 13 -5.94 5.65 -10.53
C ALA A 13 -7.06 4.88 -9.83
N PRO A 14 -6.78 4.18 -8.71
CA PRO A 14 -7.81 3.57 -7.86
C PRO A 14 -8.95 4.55 -7.53
N ARG A 15 -10.19 4.06 -7.54
CA ARG A 15 -11.37 4.88 -7.21
C ARG A 15 -11.30 5.42 -5.78
N ALA A 16 -10.74 4.63 -4.86
CA ALA A 16 -10.41 5.06 -3.51
C ALA A 16 -9.25 4.22 -2.97
N GLU A 17 -9.29 2.91 -3.23
CA GLU A 17 -8.27 1.95 -2.82
C GLU A 17 -8.40 0.70 -3.68
N ALA A 18 -7.33 -0.11 -3.72
CA ALA A 18 -7.21 -1.33 -4.52
C ALA A 18 -6.23 -2.28 -3.81
N GLU A 19 -6.09 -3.50 -4.34
CA GLU A 19 -5.35 -4.57 -3.70
C GLU A 19 -4.68 -5.43 -4.78
N LYS A 20 -3.47 -5.92 -4.52
CA LYS A 20 -2.62 -6.65 -5.46
C LYS A 20 -1.76 -7.67 -4.69
N THR A 21 -1.04 -8.51 -5.41
CA THR A 21 -0.08 -9.47 -4.87
C THR A 21 1.21 -9.34 -5.68
N PHE A 22 2.36 -9.44 -5.00
CA PHE A 22 3.68 -9.13 -5.52
C PHE A 22 4.71 -10.07 -4.91
N SER A 23 5.91 -10.08 -5.50
CA SER A 23 7.14 -10.71 -5.02
C SER A 23 8.29 -9.76 -5.43
N TYR A 24 9.53 -10.06 -5.02
CA TYR A 24 10.69 -9.22 -5.32
C TYR A 24 11.86 -10.11 -5.78
N PRO A 25 12.91 -9.58 -6.44
CA PRO A 25 13.02 -8.22 -6.98
C PRO A 25 11.90 -7.90 -7.98
N LEU A 26 11.51 -6.62 -8.05
CA LEU A 26 10.46 -6.09 -8.93
C LEU A 26 10.73 -4.60 -9.10
N ASP A 27 10.33 -4.03 -10.24
CA ASP A 27 10.43 -2.60 -10.52
C ASP A 27 9.26 -1.84 -9.85
N LEU A 28 9.19 -1.96 -8.52
CA LEU A 28 8.19 -1.38 -7.62
C LEU A 28 8.97 -0.92 -6.39
N LEU A 29 8.69 0.27 -5.89
CA LEU A 29 9.45 0.88 -4.80
C LEU A 29 8.48 1.70 -3.95
N LEU A 30 8.71 1.74 -2.65
CA LEU A 30 7.87 2.39 -1.65
C LEU A 30 8.78 3.27 -0.78
N LYS A 31 8.24 4.34 -0.17
CA LYS A 31 9.02 5.26 0.67
C LYS A 31 8.22 5.71 1.88
N LEU A 32 8.90 6.13 2.94
CA LEU A 32 8.30 6.67 4.16
C LEU A 32 8.20 8.18 4.00
N HIS A 33 7.02 8.76 4.23
CA HIS A 33 6.80 10.20 4.33
C HIS A 33 5.52 10.44 5.14
N ASP A 34 5.48 11.51 5.93
CA ASP A 34 4.36 11.84 6.83
C ASP A 34 3.99 10.65 7.72
N GLU A 35 5.04 9.93 8.17
CA GLU A 35 4.98 8.70 8.98
C GLU A 35 4.12 7.57 8.39
N ARG A 36 3.81 7.62 7.09
CA ARG A 36 3.10 6.56 6.36
C ARG A 36 3.99 6.10 5.22
N VAL A 37 3.71 4.91 4.67
CA VAL A 37 4.43 4.42 3.49
C VAL A 37 3.58 4.74 2.28
N LEU A 38 4.22 5.28 1.24
CA LEU A 38 3.59 5.64 -0.03
C LEU A 38 4.29 4.85 -1.14
N VAL A 39 3.57 4.55 -2.21
CA VAL A 39 4.14 3.99 -3.43
C VAL A 39 5.01 5.08 -4.05
N ALA A 40 6.33 4.83 -4.17
CA ALA A 40 7.28 5.81 -4.69
C ALA A 40 7.29 5.81 -6.23
N PHE A 41 6.99 4.65 -6.84
CA PHE A 41 6.86 4.50 -8.29
C PHE A 41 5.94 3.30 -8.53
N GLY A 42 5.02 3.41 -9.49
CA GLY A 42 4.05 2.39 -9.81
C GLY A 42 3.07 2.98 -10.81
N GLN A 43 3.22 2.61 -12.09
CA GLN A 43 2.47 3.23 -13.20
C GLN A 43 1.64 2.21 -13.99
N ARG A 44 1.94 0.91 -13.85
CA ARG A 44 1.22 -0.16 -14.56
C ARG A 44 -0.06 -0.46 -13.81
N ASP A 45 -1.12 -0.83 -14.51
CA ASP A 45 -2.51 -0.99 -14.03
C ASP A 45 -3.15 0.30 -13.50
N GLY A 46 -2.35 1.25 -13.01
CA GLY A 46 -2.76 2.60 -12.66
C GLY A 46 -1.56 3.38 -12.15
N ILE A 47 -1.69 4.71 -12.02
CA ILE A 47 -0.71 5.57 -11.36
C ILE A 47 -0.79 5.36 -9.85
N ARG A 48 -0.46 4.15 -9.41
CA ARG A 48 -0.43 3.75 -8.01
C ARG A 48 0.58 4.58 -7.22
N VAL A 49 1.60 5.17 -7.88
CA VAL A 49 2.49 6.15 -7.28
C VAL A 49 1.69 7.19 -6.46
N GLY A 50 2.22 7.57 -5.29
CA GLY A 50 1.64 8.57 -4.42
C GLY A 50 0.56 8.02 -3.50
N HIS A 51 0.02 6.82 -3.78
CA HIS A 51 -1.01 6.21 -2.94
C HIS A 51 -0.34 5.64 -1.69
N ALA A 52 -1.07 5.65 -0.57
CA ALA A 52 -0.61 5.18 0.72
C ALA A 52 -0.84 3.68 0.80
N VAL A 53 0.09 2.95 1.42
CA VAL A 53 -0.11 1.55 1.76
C VAL A 53 -1.09 1.53 2.95
N LEU A 54 -2.01 0.55 2.96
CA LEU A 54 -3.11 0.46 3.91
C LEU A 54 -3.17 -0.91 4.56
N ALA A 55 -2.75 -1.99 3.89
CA ALA A 55 -2.59 -3.29 4.55
C ALA A 55 -1.55 -4.12 3.81
N ILE A 56 -0.97 -5.11 4.49
CA ILE A 56 -0.06 -6.09 3.90
C ILE A 56 -0.40 -7.42 4.55
N ASN A 57 -0.48 -8.50 3.76
CA ASN A 57 -0.83 -9.85 4.20
C ASN A 57 -2.11 -9.88 5.06
N GLY A 58 -3.02 -8.92 4.84
CA GLY A 58 -4.27 -8.77 5.59
C GLY A 58 -4.11 -7.97 6.88
N MET A 59 -2.88 -7.67 7.31
CA MET A 59 -2.60 -6.81 8.46
C MET A 59 -2.79 -5.36 8.03
N ASP A 60 -3.85 -4.73 8.51
CA ASP A 60 -4.11 -3.30 8.41
C ASP A 60 -2.90 -2.51 8.95
N VAL A 61 -2.22 -1.78 8.08
CA VAL A 61 -1.09 -0.95 8.44
C VAL A 61 -1.62 0.31 9.14
N ASN A 62 -0.86 0.73 10.15
CA ASN A 62 -1.05 1.93 10.94
C ASN A 62 0.27 2.69 10.83
N GLY A 63 0.24 3.86 10.20
CA GLY A 63 1.44 4.63 9.95
C GLY A 63 2.33 3.87 8.97
N ARG A 64 3.51 3.42 9.44
CA ARG A 64 4.44 2.59 8.67
C ARG A 64 4.61 1.22 9.33
N TYR A 65 3.64 0.79 10.13
CA TYR A 65 3.76 -0.38 10.99
C TYR A 65 2.58 -1.29 10.67
N THR A 66 2.76 -2.60 10.61
CA THR A 66 1.63 -3.50 10.41
C THR A 66 0.72 -3.48 11.65
N ALA A 67 -0.39 -4.21 11.58
CA ALA A 67 -1.25 -4.48 12.72
C ALA A 67 -0.46 -5.14 13.85
N ASP A 68 0.45 -6.05 13.49
CA ASP A 68 1.35 -6.72 14.45
C ASP A 68 2.39 -5.74 14.99
N GLY A 69 2.92 -4.87 14.12
CA GLY A 69 3.80 -3.76 14.50
C GLY A 69 5.09 -3.68 13.69
N LYS A 70 5.33 -4.64 12.77
CA LYS A 70 6.54 -4.69 11.96
C LYS A 70 6.63 -3.42 11.11
N GLU A 71 7.79 -2.77 11.07
CA GLU A 71 8.08 -1.67 10.18
C GLU A 71 7.92 -2.18 8.74
N VAL A 72 7.01 -1.59 7.98
CA VAL A 72 6.57 -2.06 6.67
C VAL A 72 7.75 -2.28 5.72
N LEU A 73 8.71 -1.34 5.67
CA LEU A 73 9.79 -1.43 4.70
C LEU A 73 10.71 -2.61 5.03
N GLU A 74 10.97 -2.86 6.32
CA GLU A 74 11.78 -4.00 6.74
C GLU A 74 11.00 -5.30 6.59
N TYR A 75 9.69 -5.28 6.89
CA TYR A 75 8.79 -6.42 6.75
C TYR A 75 8.78 -6.92 5.31
N LEU A 76 8.69 -6.01 4.34
CA LEU A 76 8.72 -6.33 2.92
C LEU A 76 10.15 -6.67 2.47
N GLY A 77 11.16 -6.01 3.05
CA GLY A 77 12.56 -6.23 2.71
C GLY A 77 13.03 -7.64 3.08
N ASN A 78 12.50 -8.22 4.17
CA ASN A 78 12.79 -9.58 4.61
C ASN A 78 12.39 -10.59 3.52
N PRO A 79 13.32 -11.33 2.90
CA PRO A 79 12.98 -12.24 1.82
C PRO A 79 12.19 -13.47 2.26
N ALA A 80 12.14 -13.79 3.56
CA ALA A 80 11.22 -14.81 4.08
C ALA A 80 9.76 -14.39 3.86
N ASN A 81 9.53 -13.10 3.55
CA ASN A 81 8.25 -12.45 3.35
C ASN A 81 8.33 -11.59 2.08
N TYR A 82 9.09 -12.03 1.07
CA TYR A 82 9.08 -11.42 -0.26
C TYR A 82 7.70 -11.59 -0.93
N PRO A 83 7.12 -12.78 -1.06
CA PRO A 83 5.79 -12.92 -1.65
C PRO A 83 4.74 -12.38 -0.66
N VAL A 84 3.93 -11.43 -1.09
CA VAL A 84 2.98 -10.70 -0.24
C VAL A 84 1.77 -10.23 -1.04
N SER A 85 0.71 -9.87 -0.32
CA SER A 85 -0.45 -9.18 -0.87
C SER A 85 -0.51 -7.83 -0.16
N ILE A 86 -0.86 -6.76 -0.86
CA ILE A 86 -0.79 -5.39 -0.37
C ILE A 86 -2.08 -4.70 -0.81
N ARG A 87 -2.64 -3.89 0.08
CA ARG A 87 -3.78 -3.02 -0.17
C ARG A 87 -3.27 -1.60 -0.01
N PHE A 88 -3.63 -0.71 -0.91
CA PHE A 88 -3.17 0.68 -0.95
C PHE A 88 -4.30 1.55 -1.50
N GLY A 89 -4.22 2.86 -1.32
CA GLY A 89 -5.27 3.77 -1.75
C GLY A 89 -4.96 5.21 -1.40
N ARG A 90 -5.96 6.09 -1.54
CA ARG A 90 -5.84 7.46 -1.07
C ARG A 90 -5.55 7.44 0.44
N PRO A 91 -4.73 8.36 0.96
CA PRO A 91 -4.45 8.47 2.39
C PRO A 91 -5.70 8.47 3.27
N ARG A 92 -5.52 8.17 4.56
CA ARG A 92 -6.59 8.07 5.55
C ARG A 92 -6.02 8.49 6.91
N LEU A 93 -6.88 8.66 7.91
CA LEU A 93 -6.43 8.85 9.28
C LEU A 93 -5.82 7.52 9.77
N THR A 94 -4.88 7.60 10.69
CA THR A 94 -4.20 6.45 11.30
C THR A 94 -4.03 6.75 12.81
N SER A 95 -3.87 5.70 13.62
CA SER A 95 -3.67 5.83 15.06
C SER A 95 -2.29 6.44 15.37
N ASN A 96 -1.31 6.24 14.49
CA ASN A 96 0.01 6.88 14.52
C ASN A 96 -0.15 8.39 14.66
N MET A 1 -23.10 -15.29 -14.57
CA MET A 1 -24.55 -15.34 -14.25
C MET A 1 -25.17 -13.95 -14.33
N GLY A 2 -25.00 -13.10 -13.30
CA GLY A 2 -25.55 -11.75 -13.24
C GLY A 2 -25.18 -11.09 -11.92
N HIS A 3 -25.61 -9.83 -11.74
CA HIS A 3 -25.29 -8.98 -10.59
C HIS A 3 -23.78 -9.02 -10.24
N HIS A 4 -22.94 -8.88 -11.26
CA HIS A 4 -21.49 -8.80 -11.10
C HIS A 4 -21.12 -7.58 -10.25
N HIS A 5 -19.93 -7.61 -9.63
CA HIS A 5 -19.36 -6.46 -8.94
C HIS A 5 -19.25 -5.28 -9.91
N HIS A 6 -19.44 -4.07 -9.39
CA HIS A 6 -19.50 -2.82 -10.14
C HIS A 6 -19.10 -1.67 -9.21
N HIS A 7 -18.84 -0.49 -9.79
CA HIS A 7 -18.45 0.70 -9.05
C HIS A 7 -19.49 1.09 -7.99
N HIS A 8 -19.04 1.77 -6.93
CA HIS A 8 -19.86 2.30 -5.85
C HIS A 8 -19.39 3.73 -5.57
N LEU A 9 -20.11 4.47 -4.73
CA LEU A 9 -19.86 5.87 -4.38
C LEU A 9 -19.76 6.00 -2.86
N ASP A 10 -18.90 5.16 -2.28
CA ASP A 10 -18.67 5.06 -0.84
C ASP A 10 -18.11 6.36 -0.25
N SER A 11 -17.33 7.10 -1.04
CA SER A 11 -16.82 8.43 -0.76
C SER A 11 -16.61 9.15 -2.09
N TYR A 12 -16.50 10.48 -2.09
CA TYR A 12 -16.42 11.27 -3.32
C TYR A 12 -15.23 10.86 -4.19
N ALA A 13 -14.05 10.73 -3.58
CA ALA A 13 -12.79 10.42 -4.25
C ALA A 13 -11.80 9.55 -3.44
N PRO A 14 -11.86 9.45 -2.09
CA PRO A 14 -11.03 8.49 -1.34
C PRO A 14 -11.17 7.02 -1.76
N ARG A 15 -12.19 6.65 -2.55
CA ARG A 15 -12.32 5.34 -3.18
C ARG A 15 -11.03 4.97 -3.93
N ALA A 16 -10.47 3.81 -3.62
CA ALA A 16 -9.37 3.18 -4.36
C ALA A 16 -9.29 1.73 -3.88
N GLU A 17 -8.61 1.51 -2.75
CA GLU A 17 -8.30 0.21 -2.14
C GLU A 17 -8.02 -0.87 -3.20
N ALA A 18 -7.10 -0.55 -4.12
CA ALA A 18 -6.56 -1.52 -5.06
C ALA A 18 -5.75 -2.54 -4.25
N GLU A 19 -5.75 -3.80 -4.67
CA GLU A 19 -5.08 -4.88 -3.93
C GLU A 19 -4.54 -5.88 -4.96
N LYS A 20 -3.32 -6.38 -4.74
CA LYS A 20 -2.68 -7.37 -5.63
C LYS A 20 -1.63 -8.16 -4.86
N THR A 21 -1.31 -9.35 -5.39
CA THR A 21 -0.20 -10.19 -4.98
C THR A 21 1.09 -9.62 -5.58
N PHE A 22 2.21 -9.68 -4.85
CA PHE A 22 3.51 -9.20 -5.29
C PHE A 22 4.62 -10.11 -4.75
N SER A 23 5.83 -9.94 -5.29
CA SER A 23 7.07 -10.55 -4.83
C SER A 23 8.16 -9.46 -4.88
N TYR A 24 9.32 -9.68 -4.26
CA TYR A 24 10.36 -8.68 -4.17
C TYR A 24 11.38 -8.86 -5.31
N PRO A 25 12.11 -7.82 -5.77
CA PRO A 25 11.94 -6.41 -5.40
C PRO A 25 10.57 -5.90 -5.84
N LEU A 26 9.90 -5.19 -4.94
CA LEU A 26 8.49 -4.82 -5.08
C LEU A 26 8.31 -3.82 -6.24
N ASP A 27 7.44 -4.17 -7.20
CA ASP A 27 7.07 -3.31 -8.32
C ASP A 27 6.37 -2.02 -7.84
N LEU A 28 5.47 -2.17 -6.87
CA LEU A 28 4.82 -1.09 -6.13
C LEU A 28 5.82 -0.50 -5.11
N LEU A 29 6.98 -0.03 -5.57
CA LEU A 29 8.06 0.44 -4.70
C LEU A 29 7.50 1.49 -3.74
N LEU A 30 7.94 1.49 -2.48
CA LEU A 30 7.41 2.34 -1.42
C LEU A 30 8.54 3.13 -0.78
N LYS A 31 8.22 4.28 -0.17
CA LYS A 31 9.14 5.03 0.68
C LYS A 31 8.40 5.49 1.93
N LEU A 32 9.13 5.70 3.02
CA LEU A 32 8.59 6.17 4.29
C LEU A 32 8.73 7.69 4.27
N HIS A 33 7.62 8.42 4.45
CA HIS A 33 7.55 9.88 4.34
C HIS A 33 6.44 10.38 5.27
N ASP A 34 6.72 11.47 5.99
CA ASP A 34 5.82 12.05 7.00
C ASP A 34 5.28 10.99 7.98
N GLU A 35 6.17 10.07 8.37
CA GLU A 35 5.92 8.88 9.18
C GLU A 35 4.90 7.88 8.57
N ARG A 36 4.33 8.13 7.39
CA ARG A 36 3.49 7.17 6.67
C ARG A 36 4.38 6.45 5.65
N VAL A 37 3.81 5.56 4.85
CA VAL A 37 4.49 4.96 3.69
C VAL A 37 3.64 5.25 2.46
N LEU A 38 4.30 5.58 1.35
CA LEU A 38 3.65 5.99 0.11
C LEU A 38 4.29 5.23 -1.05
N VAL A 39 3.50 5.01 -2.10
CA VAL A 39 3.93 4.41 -3.36
C VAL A 39 4.92 5.38 -4.02
N ALA A 40 6.20 5.03 -3.97
CA ALA A 40 7.30 5.78 -4.56
C ALA A 40 7.36 5.61 -6.07
N PHE A 41 6.97 4.44 -6.59
CA PHE A 41 6.96 4.14 -8.02
C PHE A 41 5.87 3.12 -8.31
N GLY A 42 5.45 3.06 -9.57
CA GLY A 42 4.39 2.17 -10.05
C GLY A 42 4.02 2.49 -11.50
N GLN A 43 4.29 3.72 -11.94
CA GLN A 43 4.22 4.20 -13.31
C GLN A 43 5.41 5.17 -13.46
N ARG A 44 5.92 5.38 -14.67
CA ARG A 44 6.98 6.38 -14.89
C ARG A 44 6.50 7.77 -14.45
N ASP A 45 5.23 8.06 -14.67
CA ASP A 45 4.48 9.20 -14.17
C ASP A 45 3.02 8.81 -14.34
N GLY A 46 2.22 8.87 -13.27
CA GLY A 46 0.81 8.53 -13.32
C GLY A 46 0.20 8.38 -11.94
N ILE A 47 -1.12 8.28 -11.90
CA ILE A 47 -1.93 8.33 -10.67
C ILE A 47 -1.65 7.19 -9.70
N ARG A 48 -1.02 6.07 -10.12
CA ARG A 48 -0.68 4.97 -9.21
C ARG A 48 0.27 5.45 -8.12
N VAL A 49 1.22 6.34 -8.46
CA VAL A 49 2.23 6.87 -7.56
C VAL A 49 1.56 7.79 -6.54
N GLY A 50 2.09 7.87 -5.31
CA GLY A 50 1.65 8.83 -4.30
C GLY A 50 0.47 8.34 -3.45
N HIS A 51 -0.04 7.14 -3.69
CA HIS A 51 -1.01 6.50 -2.81
C HIS A 51 -0.31 6.06 -1.53
N ALA A 52 -1.08 5.78 -0.47
CA ALA A 52 -0.59 5.16 0.75
C ALA A 52 -0.93 3.68 0.75
N VAL A 53 -0.18 2.88 1.50
CA VAL A 53 -0.55 1.49 1.75
C VAL A 53 -1.65 1.51 2.81
N LEU A 54 -2.62 0.58 2.70
CA LEU A 54 -3.66 0.36 3.70
C LEU A 54 -3.50 -1.02 4.34
N ALA A 55 -2.97 -2.04 3.64
CA ALA A 55 -2.68 -3.32 4.29
C ALA A 55 -1.55 -4.08 3.57
N ILE A 56 -0.93 -5.02 4.27
CA ILE A 56 0.03 -5.99 3.72
C ILE A 56 -0.31 -7.32 4.40
N ASN A 57 -0.33 -8.42 3.65
CA ASN A 57 -0.65 -9.78 4.12
C ASN A 57 -1.97 -9.82 4.92
N GLY A 58 -2.90 -8.90 4.62
CA GLY A 58 -4.18 -8.77 5.31
C GLY A 58 -4.09 -7.99 6.62
N MET A 59 -2.89 -7.66 7.11
CA MET A 59 -2.69 -6.80 8.26
C MET A 59 -2.81 -5.35 7.78
N ASP A 60 -3.87 -4.67 8.22
CA ASP A 60 -4.03 -3.23 8.06
C ASP A 60 -2.78 -2.53 8.61
N VAL A 61 -2.18 -1.60 7.86
CA VAL A 61 -0.95 -0.94 8.31
C VAL A 61 -1.31 0.31 9.11
N ASN A 62 -0.80 0.37 10.34
CA ASN A 62 -0.83 1.55 11.20
C ASN A 62 0.25 2.50 10.69
N GLY A 63 -0.07 3.26 9.63
CA GLY A 63 0.71 4.34 9.06
C GLY A 63 1.98 3.89 8.33
N ARG A 64 2.87 3.21 9.05
CA ARG A 64 4.12 2.64 8.55
C ARG A 64 4.44 1.30 9.21
N TYR A 65 3.58 0.79 10.09
CA TYR A 65 3.80 -0.48 10.78
C TYR A 65 2.67 -1.43 10.43
N THR A 66 2.89 -2.74 10.44
CA THR A 66 1.78 -3.68 10.33
C THR A 66 0.93 -3.61 11.59
N ALA A 67 -0.20 -4.34 11.59
CA ALA A 67 -1.01 -4.55 12.77
C ALA A 67 -0.18 -5.21 13.89
N ASP A 68 0.72 -6.13 13.51
CA ASP A 68 1.65 -6.78 14.44
C ASP A 68 2.72 -5.81 14.94
N GLY A 69 3.20 -4.90 14.07
CA GLY A 69 4.07 -3.79 14.43
C GLY A 69 5.36 -3.71 13.61
N LYS A 70 5.55 -4.58 12.61
CA LYS A 70 6.75 -4.59 11.77
C LYS A 70 6.73 -3.33 10.91
N GLU A 71 7.83 -2.56 10.87
CA GLU A 71 7.90 -1.40 9.97
C GLU A 71 7.89 -1.93 8.53
N VAL A 72 7.02 -1.37 7.71
CA VAL A 72 6.68 -1.87 6.37
C VAL A 72 7.91 -2.09 5.49
N LEU A 73 8.88 -1.16 5.48
CA LEU A 73 10.01 -1.28 4.57
C LEU A 73 10.88 -2.49 4.96
N GLU A 74 11.13 -2.67 6.25
CA GLU A 74 11.90 -3.81 6.75
C GLU A 74 11.09 -5.11 6.56
N TYR A 75 9.79 -5.05 6.82
CA TYR A 75 8.89 -6.20 6.70
C TYR A 75 8.88 -6.74 5.28
N LEU A 76 8.81 -5.87 4.28
CA LEU A 76 8.83 -6.26 2.87
C LEU A 76 10.25 -6.67 2.45
N GLY A 77 11.28 -5.98 2.97
CA GLY A 77 12.67 -6.26 2.66
C GLY A 77 13.13 -7.63 3.16
N ASN A 78 12.56 -8.11 4.27
CA ASN A 78 12.86 -9.42 4.87
C ASN A 78 12.66 -10.53 3.83
N PRO A 79 13.70 -11.31 3.47
CA PRO A 79 13.57 -12.34 2.44
C PRO A 79 12.65 -13.50 2.84
N ALA A 80 12.34 -13.69 4.12
CA ALA A 80 11.32 -14.63 4.57
C ALA A 80 9.90 -14.21 4.15
N ASN A 81 9.72 -12.95 3.71
CA ASN A 81 8.43 -12.33 3.43
C ASN A 81 8.51 -11.57 2.08
N TYR A 82 9.23 -12.14 1.10
CA TYR A 82 9.21 -11.65 -0.28
C TYR A 82 7.82 -11.79 -0.90
N PRO A 83 7.19 -12.99 -0.97
CA PRO A 83 5.85 -13.12 -1.54
C PRO A 83 4.83 -12.54 -0.55
N VAL A 84 3.98 -11.62 -1.03
CA VAL A 84 3.07 -10.85 -0.20
C VAL A 84 1.81 -10.48 -1.00
N SER A 85 0.82 -9.93 -0.31
CA SER A 85 -0.35 -9.29 -0.88
C SER A 85 -0.39 -7.90 -0.26
N ILE A 86 -0.72 -6.86 -1.03
CA ILE A 86 -0.66 -5.48 -0.56
C ILE A 86 -1.94 -4.80 -1.06
N ARG A 87 -2.53 -3.95 -0.21
CA ARG A 87 -3.65 -3.08 -0.54
C ARG A 87 -3.18 -1.66 -0.35
N PHE A 88 -3.43 -0.78 -1.31
CA PHE A 88 -3.02 0.61 -1.32
C PHE A 88 -4.14 1.46 -1.92
N GLY A 89 -4.09 2.77 -1.71
CA GLY A 89 -5.17 3.68 -2.05
C GLY A 89 -4.95 5.04 -1.40
N ARG A 90 -5.98 5.89 -1.36
CA ARG A 90 -5.91 7.13 -0.60
C ARG A 90 -5.86 6.76 0.88
N PRO A 91 -5.10 7.46 1.73
CA PRO A 91 -4.92 7.07 3.13
C PRO A 91 -6.24 7.10 3.91
N ARG A 92 -6.26 6.39 5.04
CA ARG A 92 -7.32 6.44 6.05
C ARG A 92 -6.61 6.66 7.40
N LEU A 93 -7.31 7.29 8.34
CA LEU A 93 -6.72 7.65 9.63
C LEU A 93 -6.30 6.39 10.39
N THR A 94 -5.18 6.52 11.12
CA THR A 94 -4.59 5.49 11.97
C THR A 94 -3.74 6.21 13.02
N SER A 95 -3.33 5.51 14.09
CA SER A 95 -2.68 6.10 15.25
C SER A 95 -1.34 6.76 14.91
N ASN A 96 -0.56 6.14 14.00
CA ASN A 96 0.67 6.71 13.45
C ASN A 96 0.27 7.62 12.29
#